data_2DW6
#
_entry.id   2DW6
#
_cell.length_a   150.997
_cell.length_b   150.997
_cell.length_c   444.101
_cell.angle_alpha   90.00
_cell.angle_beta   90.00
_cell.angle_gamma   120.00
#
_symmetry.space_group_name_H-M   'P 61 2 2'
#
loop_
_entity.id
_entity.type
_entity.pdbx_description
1 polymer 'Bll6730 protein'
2 non-polymer 'MAGNESIUM ION'
3 non-polymer 'D(-)-TARTARIC ACID'
4 non-polymer 'L(+)-TARTARIC ACID'
5 water water
#
_entity_poly.entity_id   1
_entity_poly.type   'polypeptide(L)'
_entity_poly.pdbx_seq_one_letter_code
;MSVRIVDVREITKPISSPIRNAYIDFTKMTTSLVAVVTDVVREGKRVVGYGFNSNGRYGQGGLIRERFASRILEADPKKL
LNEAGDNLDPDKVWAAMMINEKPGGHGERSVAVGTIDMAVWDAVAKIAGKPLFRLLAERHGVKANPRVFVYAAGGYYYPG
KGLSMLRGEMRGYLDRGYNVVKMAIGGAPIEEDRMRIEAVLEEIGKDAQLAVDANGRFNLETGIAYAKMLRDYPLFWYEE
VGDPLDYALQAALAEFYPGPMATGENLFSHQDARNLLRYGGMRPDRDWLQFDCALSYGLCEYQRTLEVLKTHGWSPSRCI
PHGGHQMSLNIAAGLGLGGNESYPDLFQPYGGFPDGVRVENGHITMPDLPGIGFEGKSDLYKEMKALAE
;
_entity_poly.pdbx_strand_id   A,B,C,D
#
loop_
_chem_comp.id
_chem_comp.type
_chem_comp.name
_chem_comp.formula
MG non-polymer 'MAGNESIUM ION' 'Mg 2'
TAR non-polymer 'D(-)-TARTARIC ACID' 'C4 H6 O6'
TLA non-polymer 'L(+)-TARTARIC ACID' 'C4 H6 O6'
#
# COMPACT_ATOMS: atom_id res chain seq x y z
N SER A 2 32.86 -38.01 13.57
CA SER A 2 33.36 -36.88 12.73
C SER A 2 32.54 -36.63 11.47
N VAL A 3 32.02 -35.41 11.35
CA VAL A 3 31.22 -35.04 10.18
C VAL A 3 31.67 -33.70 9.65
N ARG A 4 32.24 -33.68 8.45
CA ARG A 4 32.69 -32.41 7.89
C ARG A 4 32.67 -32.34 6.37
N ILE A 5 32.48 -31.12 5.88
CA ILE A 5 32.47 -30.86 4.45
C ILE A 5 33.92 -30.69 4.05
N VAL A 6 34.41 -31.63 3.26
CA VAL A 6 35.80 -31.64 2.84
C VAL A 6 36.04 -30.88 1.54
N ASP A 7 35.01 -30.70 0.74
CA ASP A 7 35.18 -29.99 -0.52
C ASP A 7 33.85 -29.58 -1.12
N VAL A 8 33.90 -28.52 -1.93
CA VAL A 8 32.73 -28.02 -2.63
C VAL A 8 33.19 -27.80 -4.06
N ARG A 9 32.72 -28.64 -4.98
CA ARG A 9 33.12 -28.51 -6.38
C ARG A 9 31.95 -28.01 -7.21
N GLU A 10 32.28 -27.33 -8.30
CA GLU A 10 31.27 -26.78 -9.18
C GLU A 10 31.73 -26.89 -10.62
N ILE A 11 30.77 -27.03 -11.51
CA ILE A 11 31.05 -27.08 -12.93
C ILE A 11 29.86 -26.50 -13.67
N THR A 12 30.12 -25.55 -14.55
CA THR A 12 29.06 -24.92 -15.30
C THR A 12 28.68 -25.78 -16.48
N LYS A 13 27.39 -26.09 -16.58
CA LYS A 13 26.88 -26.93 -17.67
C LYS A 13 25.98 -26.10 -18.57
N PRO A 14 26.00 -26.40 -19.87
CA PRO A 14 25.17 -25.66 -20.83
C PRO A 14 23.77 -26.28 -20.95
N ILE A 15 22.75 -25.43 -20.99
CA ILE A 15 21.37 -25.86 -21.13
C ILE A 15 20.74 -24.86 -22.10
N SER A 16 21.53 -24.51 -23.11
CA SER A 16 21.11 -23.52 -24.11
C SER A 16 20.46 -24.10 -25.36
N SER A 17 19.67 -23.25 -26.02
CA SER A 17 18.96 -23.59 -27.24
C SER A 17 18.26 -22.31 -27.70
N PRO A 18 17.78 -22.28 -28.95
CA PRO A 18 17.10 -21.06 -29.43
C PRO A 18 15.65 -20.84 -28.99
N ILE A 19 15.19 -21.58 -27.98
CA ILE A 19 13.82 -21.36 -27.51
C ILE A 19 13.75 -19.92 -27.04
N ARG A 20 12.57 -19.32 -27.16
CA ARG A 20 12.40 -17.94 -26.76
C ARG A 20 11.05 -17.69 -26.09
N ASN A 21 11.02 -16.79 -25.12
CA ASN A 21 9.77 -16.42 -24.50
C ASN A 21 9.63 -14.91 -24.70
N ALA A 22 8.58 -14.31 -24.13
CA ALA A 22 8.35 -12.87 -24.32
C ALA A 22 9.48 -11.96 -23.86
N TYR A 23 10.29 -12.43 -22.91
CA TYR A 23 11.36 -11.61 -22.36
C TYR A 23 12.79 -11.98 -22.77
N ILE A 24 13.05 -13.28 -22.89
CA ILE A 24 14.40 -13.78 -23.16
C ILE A 24 14.47 -14.96 -24.13
N ASP A 25 15.68 -15.24 -24.64
CA ASP A 25 15.89 -16.42 -25.47
C ASP A 25 16.98 -17.18 -24.70
N PHE A 26 17.02 -18.50 -24.83
CA PHE A 26 17.97 -19.33 -24.08
C PHE A 26 19.26 -19.71 -24.80
N THR A 27 19.65 -18.84 -25.72
CA THR A 27 20.84 -19.00 -26.53
C THR A 27 22.17 -19.23 -25.77
N LYS A 28 22.31 -18.63 -24.60
CA LYS A 28 23.53 -18.78 -23.81
C LYS A 28 23.23 -19.31 -22.41
N MET A 29 22.05 -19.87 -22.21
CA MET A 29 21.69 -20.36 -20.88
C MET A 29 22.61 -21.45 -20.34
N THR A 30 22.97 -21.30 -19.08
CA THR A 30 23.85 -22.25 -18.40
C THR A 30 23.29 -22.53 -17.00
N THR A 31 23.91 -23.48 -16.32
CA THR A 31 23.53 -23.82 -14.94
C THR A 31 24.74 -24.39 -14.23
N SER A 32 24.81 -24.19 -12.92
CA SER A 32 25.91 -24.68 -12.11
C SER A 32 25.57 -26.02 -11.46
N LEU A 33 26.43 -27.01 -11.66
CA LEU A 33 26.24 -28.32 -11.03
C LEU A 33 27.20 -28.30 -9.85
N VAL A 34 26.66 -28.49 -8.65
CA VAL A 34 27.48 -28.44 -7.44
C VAL A 34 27.52 -29.74 -6.66
N ALA A 35 28.66 -30.00 -6.03
CA ALA A 35 28.84 -31.18 -5.22
C ALA A 35 29.42 -30.79 -3.87
N VAL A 36 28.77 -31.25 -2.81
CA VAL A 36 29.23 -30.97 -1.46
C VAL A 36 29.77 -32.31 -0.95
N VAL A 37 31.08 -32.42 -0.90
CA VAL A 37 31.74 -33.65 -0.49
C VAL A 37 32.00 -33.71 1.01
N THR A 38 31.54 -34.78 1.66
CA THR A 38 31.74 -34.94 3.10
C THR A 38 32.78 -36.02 3.34
N ASP A 39 33.27 -36.09 4.59
CA ASP A 39 34.26 -37.09 4.99
C ASP A 39 33.54 -38.30 5.57
N VAL A 40 32.23 -38.36 5.38
CA VAL A 40 31.43 -39.46 5.88
C VAL A 40 31.40 -40.55 4.82
N VAL A 41 31.86 -41.75 5.17
CA VAL A 41 31.85 -42.85 4.23
C VAL A 41 31.22 -44.08 4.86
N ARG A 42 30.15 -44.57 4.23
CA ARG A 42 29.43 -45.75 4.70
C ARG A 42 29.49 -46.85 3.63
N GLU A 43 30.21 -47.93 3.94
CA GLU A 43 30.39 -49.06 3.03
C GLU A 43 31.32 -48.69 1.90
N GLY A 44 32.41 -48.02 2.22
CA GLY A 44 33.37 -47.62 1.20
C GLY A 44 32.74 -46.73 0.13
N LYS A 45 31.69 -46.02 0.51
CA LYS A 45 30.97 -45.11 -0.37
C LYS A 45 30.74 -43.82 0.42
N ARG A 46 31.40 -42.73 0.04
CA ARG A 46 31.21 -41.49 0.77
C ARG A 46 29.96 -40.74 0.33
N VAL A 47 29.34 -40.05 1.28
CA VAL A 47 28.15 -39.29 0.99
C VAL A 47 28.53 -37.95 0.35
N VAL A 48 27.91 -37.69 -0.79
CA VAL A 48 28.13 -36.47 -1.55
C VAL A 48 26.77 -35.88 -1.89
N GLY A 49 26.55 -34.63 -1.51
CA GLY A 49 25.29 -33.99 -1.82
C GLY A 49 25.43 -33.29 -3.16
N TYR A 50 24.35 -33.23 -3.92
CA TYR A 50 24.38 -32.58 -5.23
C TYR A 50 23.29 -31.54 -5.39
N GLY A 51 23.52 -30.59 -6.29
CA GLY A 51 22.53 -29.57 -6.57
C GLY A 51 22.85 -28.84 -7.85
N PHE A 52 21.86 -28.16 -8.40
CA PHE A 52 22.04 -27.37 -9.61
C PHE A 52 20.97 -26.29 -9.57
N ASN A 53 21.18 -25.19 -10.28
CA ASN A 53 20.16 -24.14 -10.27
C ASN A 53 19.21 -24.27 -11.46
N SER A 54 18.03 -23.69 -11.32
CA SER A 54 17.01 -23.74 -12.37
C SER A 54 17.39 -22.92 -13.59
N ASN A 55 16.70 -23.18 -14.69
CA ASN A 55 16.91 -22.47 -15.94
C ASN A 55 16.56 -20.99 -15.78
N GLY A 56 17.15 -20.15 -16.62
CA GLY A 56 16.82 -18.74 -16.60
C GLY A 56 17.73 -17.73 -15.95
N ARG A 57 18.39 -18.07 -14.84
CA ARG A 57 19.26 -17.11 -14.19
C ARG A 57 20.76 -17.32 -14.42
N TYR A 58 21.11 -18.34 -15.20
CA TYR A 58 22.51 -18.66 -15.51
C TYR A 58 23.29 -19.31 -14.37
N GLY A 59 24.41 -19.94 -14.73
CA GLY A 59 25.26 -20.56 -13.74
C GLY A 59 25.96 -19.51 -12.88
N GLN A 60 26.42 -19.92 -11.72
CA GLN A 60 27.07 -19.01 -10.79
C GLN A 60 28.42 -19.56 -10.29
N GLY A 61 29.18 -20.18 -11.19
CA GLY A 61 30.47 -20.73 -10.80
C GLY A 61 31.36 -19.76 -10.05
N GLY A 62 31.47 -18.53 -10.56
CA GLY A 62 32.31 -17.53 -9.92
C GLY A 62 31.94 -17.24 -8.47
N LEU A 63 30.67 -16.93 -8.24
CA LEU A 63 30.22 -16.62 -6.89
C LEU A 63 30.40 -17.80 -5.94
N ILE A 64 30.05 -18.98 -6.42
CA ILE A 64 30.18 -20.20 -5.61
C ILE A 64 31.63 -20.40 -5.16
N ARG A 65 32.58 -20.23 -6.08
CA ARG A 65 33.99 -20.41 -5.77
C ARG A 65 34.57 -19.27 -4.95
N GLU A 66 34.43 -18.05 -5.48
CA GLU A 66 34.99 -16.86 -4.86
C GLU A 66 34.40 -16.41 -3.53
N ARG A 67 33.14 -16.72 -3.26
CA ARG A 67 32.57 -16.23 -2.02
C ARG A 67 31.92 -17.21 -1.06
N PHE A 68 31.08 -18.10 -1.57
CA PHE A 68 30.38 -19.02 -0.69
C PHE A 68 31.02 -20.33 -0.30
N ALA A 69 31.56 -21.07 -1.25
CA ALA A 69 32.22 -22.34 -0.94
C ALA A 69 33.35 -22.11 0.05
N SER A 70 34.16 -21.09 -0.19
CA SER A 70 35.30 -20.80 0.69
C SER A 70 34.89 -20.59 2.14
N ARG A 71 33.78 -19.89 2.37
CA ARG A 71 33.33 -19.66 3.74
C ARG A 71 32.98 -20.97 4.44
N ILE A 72 32.33 -21.87 3.71
CA ILE A 72 31.95 -23.16 4.26
C ILE A 72 33.18 -23.99 4.63
N LEU A 73 34.12 -24.08 3.70
CA LEU A 73 35.34 -24.86 3.90
C LEU A 73 36.27 -24.28 4.96
N GLU A 74 36.19 -22.97 5.17
CA GLU A 74 37.02 -22.30 6.16
C GLU A 74 36.38 -22.29 7.55
N ALA A 75 35.11 -22.63 7.63
CA ALA A 75 34.42 -22.65 8.90
C ALA A 75 34.84 -23.83 9.78
N ASP A 76 34.75 -23.63 11.09
CA ASP A 76 35.08 -24.67 12.05
C ASP A 76 34.05 -25.79 11.85
N PRO A 77 34.48 -26.98 11.43
CA PRO A 77 33.56 -28.10 11.20
C PRO A 77 32.62 -28.36 12.37
N LYS A 78 33.12 -28.20 13.59
CA LYS A 78 32.31 -28.45 14.78
C LYS A 78 31.16 -27.46 14.94
N LYS A 79 31.25 -26.31 14.30
CA LYS A 79 30.19 -25.33 14.42
C LYS A 79 29.11 -25.44 13.34
N LEU A 80 29.16 -26.50 12.55
CA LEU A 80 28.18 -26.70 11.48
C LEU A 80 27.32 -27.94 11.74
N LEU A 81 27.49 -28.53 12.92
CA LEU A 81 26.76 -29.75 13.27
C LEU A 81 25.48 -29.48 14.06
N ASN A 82 24.58 -30.46 14.05
CA ASN A 82 23.33 -30.32 14.79
C ASN A 82 23.58 -30.54 16.29
N GLU A 83 22.49 -30.53 17.06
CA GLU A 83 22.54 -30.71 18.51
C GLU A 83 23.37 -31.92 18.92
N ALA A 84 23.05 -33.06 18.34
CA ALA A 84 23.73 -34.30 18.65
C ALA A 84 25.14 -34.42 18.05
N GLY A 85 25.47 -33.53 17.13
CA GLY A 85 26.78 -33.58 16.50
C GLY A 85 26.98 -34.80 15.60
N ASP A 86 25.87 -35.38 15.13
CA ASP A 86 25.95 -36.56 14.28
C ASP A 86 25.56 -36.26 12.83
N ASN A 87 25.35 -34.98 12.52
CA ASN A 87 24.98 -34.59 11.17
C ASN A 87 25.18 -33.09 11.00
N LEU A 88 25.12 -32.63 9.76
CA LEU A 88 25.26 -31.22 9.48
C LEU A 88 23.93 -30.53 9.75
N ASP A 89 24.01 -29.28 10.24
CA ASP A 89 22.82 -28.48 10.49
C ASP A 89 22.73 -27.55 9.29
N PRO A 90 21.76 -27.77 8.39
CA PRO A 90 21.59 -26.94 7.20
C PRO A 90 21.61 -25.44 7.47
N ASP A 91 20.90 -25.01 8.50
CA ASP A 91 20.84 -23.59 8.82
C ASP A 91 22.17 -23.03 9.30
N LYS A 92 23.00 -23.86 9.94
CA LYS A 92 24.30 -23.36 10.39
C LYS A 92 25.20 -23.23 9.17
N VAL A 93 25.08 -24.15 8.21
CA VAL A 93 25.88 -24.09 7.01
C VAL A 93 25.42 -22.85 6.23
N TRP A 94 24.11 -22.63 6.21
CA TRP A 94 23.54 -21.48 5.51
C TRP A 94 24.10 -20.19 6.10
N ALA A 95 24.02 -20.07 7.42
CA ALA A 95 24.51 -18.89 8.11
C ALA A 95 26.00 -18.69 7.85
N ALA A 96 26.76 -19.78 7.86
CA ALA A 96 28.19 -19.70 7.62
C ALA A 96 28.52 -19.13 6.25
N MET A 97 27.79 -19.52 5.21
CA MET A 97 28.11 -19.00 3.89
C MET A 97 27.49 -17.63 3.65
N MET A 98 26.62 -17.20 4.55
CA MET A 98 25.99 -15.89 4.40
C MET A 98 26.65 -14.78 5.22
N ILE A 99 27.76 -15.07 5.89
CA ILE A 99 28.44 -14.02 6.65
C ILE A 99 29.00 -12.95 5.71
N ASN A 100 29.03 -11.72 6.21
CA ASN A 100 29.55 -10.59 5.44
C ASN A 100 28.82 -10.31 4.14
N GLU A 101 27.53 -10.61 4.12
CA GLU A 101 26.69 -10.34 2.96
C GLU A 101 25.72 -9.23 3.37
N LYS A 102 25.76 -8.10 2.70
CA LYS A 102 24.87 -6.97 3.05
C LYS A 102 23.44 -7.26 2.59
N PRO A 103 22.45 -6.69 3.29
CA PRO A 103 21.03 -6.86 2.98
C PRO A 103 20.61 -6.32 1.60
N GLY A 104 19.49 -6.80 1.11
CA GLY A 104 19.00 -6.39 -0.19
C GLY A 104 19.82 -7.02 -1.31
N GLY A 105 19.54 -6.64 -2.56
CA GLY A 105 20.27 -7.18 -3.69
C GLY A 105 20.12 -8.69 -3.81
N HIS A 106 18.88 -9.15 -3.79
CA HIS A 106 18.62 -10.58 -3.89
C HIS A 106 18.50 -11.08 -5.32
N GLY A 107 19.65 -11.42 -5.89
CA GLY A 107 19.73 -11.91 -7.25
C GLY A 107 21.15 -12.39 -7.47
N GLU A 108 21.32 -13.43 -8.29
CA GLU A 108 22.65 -13.98 -8.58
C GLU A 108 23.23 -14.73 -7.38
N ARG A 109 23.51 -14.03 -6.29
CA ARG A 109 24.07 -14.70 -5.12
C ARG A 109 22.99 -15.61 -4.52
N SER A 110 21.73 -15.27 -4.76
CA SER A 110 20.62 -16.07 -4.26
C SER A 110 20.60 -17.42 -4.98
N VAL A 111 21.06 -17.41 -6.23
CA VAL A 111 21.12 -18.62 -7.02
C VAL A 111 22.31 -19.48 -6.57
N ALA A 112 23.45 -18.82 -6.32
CA ALA A 112 24.65 -19.51 -5.87
C ALA A 112 24.39 -20.21 -4.54
N VAL A 113 23.81 -19.47 -3.59
CA VAL A 113 23.52 -20.02 -2.27
C VAL A 113 22.44 -21.10 -2.34
N GLY A 114 21.41 -20.86 -3.13
CA GLY A 114 20.34 -21.84 -3.26
C GLY A 114 20.80 -23.15 -3.86
N THR A 115 21.79 -23.08 -4.75
CA THR A 115 22.30 -24.29 -5.37
C THR A 115 23.18 -25.08 -4.39
N ILE A 116 23.97 -24.37 -3.57
CA ILE A 116 24.80 -25.04 -2.58
C ILE A 116 23.88 -25.63 -1.50
N ASP A 117 22.87 -24.85 -1.13
CA ASP A 117 21.91 -25.28 -0.12
C ASP A 117 21.27 -26.60 -0.53
N MET A 118 20.92 -26.71 -1.80
CA MET A 118 20.30 -27.94 -2.30
C MET A 118 21.20 -29.13 -2.01
N ALA A 119 22.48 -28.99 -2.33
CA ALA A 119 23.44 -30.07 -2.11
C ALA A 119 23.63 -30.36 -0.60
N VAL A 120 23.52 -29.33 0.23
CA VAL A 120 23.67 -29.52 1.66
C VAL A 120 22.53 -30.36 2.23
N TRP A 121 21.30 -30.04 1.85
CA TRP A 121 20.14 -30.80 2.33
C TRP A 121 20.18 -32.22 1.76
N ASP A 122 20.74 -32.37 0.57
CA ASP A 122 20.84 -33.67 -0.07
C ASP A 122 21.76 -34.54 0.79
N ALA A 123 22.89 -33.95 1.17
CA ALA A 123 23.87 -34.66 2.01
C ALA A 123 23.30 -34.96 3.40
N VAL A 124 22.65 -33.97 4.00
CA VAL A 124 22.08 -34.15 5.33
C VAL A 124 21.09 -35.32 5.37
N ALA A 125 20.21 -35.37 4.36
CA ALA A 125 19.22 -36.44 4.31
C ALA A 125 19.90 -37.78 4.12
N LYS A 126 20.93 -37.81 3.25
CA LYS A 126 21.66 -39.03 3.00
C LYS A 126 22.35 -39.52 4.27
N ILE A 127 22.94 -38.59 5.01
CA ILE A 127 23.60 -38.96 6.25
C ILE A 127 22.58 -39.52 7.24
N ALA A 128 21.37 -38.98 7.20
CA ALA A 128 20.29 -39.44 8.08
C ALA A 128 19.64 -40.70 7.54
N GLY A 129 20.00 -41.07 6.32
CA GLY A 129 19.46 -42.26 5.70
C GLY A 129 17.98 -42.17 5.38
N LYS A 130 17.51 -40.99 5.01
CA LYS A 130 16.09 -40.82 4.69
C LYS A 130 15.89 -40.04 3.40
N PRO A 131 14.70 -40.19 2.78
CA PRO A 131 14.42 -39.44 1.55
C PRO A 131 14.24 -38.03 2.09
N LEU A 132 14.71 -37.02 1.37
CA LEU A 132 14.58 -35.65 1.86
C LEU A 132 13.16 -35.28 2.27
N PHE A 133 12.17 -35.62 1.44
CA PHE A 133 10.80 -35.27 1.76
C PHE A 133 10.31 -35.85 3.08
N ARG A 134 10.82 -37.02 3.46
CA ARG A 134 10.39 -37.61 4.72
C ARG A 134 11.12 -36.95 5.88
N LEU A 135 12.36 -36.53 5.65
CA LEU A 135 13.12 -35.87 6.70
C LEU A 135 12.45 -34.53 6.98
N LEU A 136 11.99 -33.88 5.93
CA LEU A 136 11.32 -32.58 6.06
C LEU A 136 10.02 -32.72 6.84
N ALA A 137 9.21 -33.71 6.48
CA ALA A 137 7.95 -33.93 7.16
C ALA A 137 8.23 -34.13 8.64
N GLU A 138 9.26 -34.92 8.95
CA GLU A 138 9.63 -35.17 10.34
C GLU A 138 9.98 -33.89 11.08
N ARG A 139 10.87 -33.10 10.49
CA ARG A 139 11.29 -31.85 11.12
C ARG A 139 10.14 -30.88 11.34
N HIS A 140 9.12 -30.93 10.48
CA HIS A 140 7.96 -30.05 10.61
C HIS A 140 6.81 -30.66 11.38
N GLY A 141 6.96 -31.91 11.82
CA GLY A 141 5.90 -32.57 12.55
C GLY A 141 4.63 -32.78 11.74
N VAL A 142 4.78 -33.06 10.45
CA VAL A 142 3.63 -33.30 9.59
C VAL A 142 3.78 -34.64 8.89
N LYS A 143 2.71 -35.09 8.23
CA LYS A 143 2.76 -36.36 7.50
C LYS A 143 3.03 -36.08 6.04
N ALA A 144 4.06 -36.72 5.50
CA ALA A 144 4.43 -36.54 4.11
C ALA A 144 3.43 -37.20 3.17
N ASN A 145 3.37 -36.70 1.95
CA ASN A 145 2.48 -37.25 0.94
C ASN A 145 3.30 -37.36 -0.34
N PRO A 146 3.73 -38.58 -0.68
CA PRO A 146 4.55 -38.86 -1.87
C PRO A 146 3.89 -38.60 -3.22
N ARG A 147 2.58 -38.41 -3.24
CA ARG A 147 1.89 -38.14 -4.51
C ARG A 147 1.93 -36.63 -4.75
N VAL A 148 2.67 -36.22 -5.78
CA VAL A 148 2.82 -34.81 -6.10
C VAL A 148 2.28 -34.43 -7.48
N PHE A 149 1.56 -33.31 -7.54
CA PHE A 149 1.02 -32.84 -8.81
C PHE A 149 2.12 -32.15 -9.61
N VAL A 150 2.17 -32.43 -10.91
CA VAL A 150 3.15 -31.83 -11.78
C VAL A 150 2.49 -31.45 -13.10
N TYR A 151 2.95 -30.37 -13.71
CA TYR A 151 2.39 -29.93 -14.98
C TYR A 151 3.56 -29.76 -15.95
N ALA A 152 3.30 -29.89 -17.24
CA ALA A 152 4.34 -29.76 -18.25
C ALA A 152 4.40 -28.33 -18.80
N ALA A 153 5.60 -27.75 -18.75
CA ALA A 153 5.83 -26.40 -19.23
C ALA A 153 6.65 -26.42 -20.52
N GLY A 154 6.19 -25.64 -21.50
CA GLY A 154 6.88 -25.55 -22.77
C GLY A 154 6.20 -24.49 -23.63
N GLY A 155 5.84 -24.86 -24.85
CA GLY A 155 5.17 -23.93 -25.74
C GLY A 155 5.93 -22.63 -25.97
N TYR A 156 7.24 -22.74 -26.14
CA TYR A 156 8.08 -21.57 -26.40
C TYR A 156 8.05 -21.21 -27.88
N TYR A 157 8.49 -20.01 -28.19
CA TYR A 157 8.57 -19.56 -29.58
C TYR A 157 9.89 -20.17 -30.03
N TYR A 158 9.92 -20.72 -31.24
CA TYR A 158 11.12 -21.34 -31.77
C TYR A 158 11.19 -21.09 -33.28
N PRO A 159 12.39 -20.79 -33.79
CA PRO A 159 12.56 -20.52 -35.23
C PRO A 159 11.97 -21.65 -36.09
N GLY A 160 10.98 -21.31 -36.92
CA GLY A 160 10.38 -22.30 -37.79
C GLY A 160 9.33 -23.20 -37.16
N LYS A 161 9.03 -22.96 -35.89
CA LYS A 161 8.03 -23.77 -35.17
C LYS A 161 6.64 -23.18 -35.39
N GLY A 162 5.78 -23.91 -36.09
CA GLY A 162 4.43 -23.43 -36.36
C GLY A 162 3.38 -24.02 -35.45
N LEU A 163 2.12 -23.75 -35.76
CA LEU A 163 1.01 -24.26 -34.95
C LEU A 163 0.97 -25.78 -34.86
N SER A 164 1.17 -26.44 -36.00
CA SER A 164 1.16 -27.88 -36.05
C SER A 164 2.22 -28.44 -35.10
N MET A 165 3.40 -27.84 -35.13
CA MET A 165 4.48 -28.29 -34.25
C MET A 165 4.14 -27.99 -32.79
N LEU A 166 3.46 -26.88 -32.54
CA LEU A 166 3.08 -26.50 -31.18
C LEU A 166 2.12 -27.57 -30.67
N ARG A 167 1.12 -27.89 -31.50
CA ARG A 167 0.14 -28.91 -31.16
C ARG A 167 0.81 -30.24 -30.85
N GLY A 168 1.79 -30.60 -31.66
CA GLY A 168 2.51 -31.85 -31.45
C GLY A 168 3.23 -31.88 -30.12
N GLU A 169 3.84 -30.75 -29.75
CA GLU A 169 4.58 -30.66 -28.50
C GLU A 169 3.64 -30.95 -27.34
N MET A 170 2.48 -30.31 -27.36
CA MET A 170 1.50 -30.47 -26.30
C MET A 170 0.95 -31.89 -26.24
N ARG A 171 0.65 -32.47 -27.40
CA ARG A 171 0.14 -33.83 -27.42
C ARG A 171 1.22 -34.75 -26.82
N GLY A 172 2.48 -34.41 -27.08
CA GLY A 172 3.58 -35.18 -26.55
C GLY A 172 3.55 -35.22 -25.02
N TYR A 173 3.14 -34.12 -24.40
CA TYR A 173 3.07 -34.06 -22.94
C TYR A 173 1.88 -34.85 -22.45
N LEU A 174 0.77 -34.75 -23.17
CA LEU A 174 -0.42 -35.50 -22.78
C LEU A 174 -0.11 -36.99 -22.90
N ASP A 175 0.64 -37.37 -23.92
CA ASP A 175 0.99 -38.78 -24.11
C ASP A 175 1.76 -39.30 -22.92
N ARG A 176 2.44 -38.41 -22.21
CA ARG A 176 3.23 -38.81 -21.06
C ARG A 176 2.50 -38.71 -19.74
N GLY A 177 1.20 -38.48 -19.80
CA GLY A 177 0.40 -38.42 -18.58
C GLY A 177 0.04 -37.08 -17.97
N TYR A 178 0.52 -35.99 -18.55
CA TYR A 178 0.20 -34.67 -18.02
C TYR A 178 -1.22 -34.23 -18.37
N ASN A 179 -1.87 -33.52 -17.44
CA ASN A 179 -3.22 -33.03 -17.67
C ASN A 179 -3.31 -31.51 -17.53
N VAL A 180 -2.15 -30.87 -17.47
CA VAL A 180 -2.02 -29.42 -17.39
C VAL A 180 -0.73 -29.05 -18.12
N VAL A 181 -0.85 -28.17 -19.11
CA VAL A 181 0.32 -27.74 -19.87
C VAL A 181 0.41 -26.21 -19.85
N LYS A 182 1.63 -25.69 -20.01
CA LYS A 182 1.84 -24.25 -20.02
C LYS A 182 2.60 -23.84 -21.28
N MET A 183 2.26 -22.69 -21.82
CA MET A 183 2.89 -22.19 -23.02
C MET A 183 3.24 -20.72 -22.81
N ALA A 184 4.20 -20.22 -23.57
CA ALA A 184 4.61 -18.82 -23.46
C ALA A 184 3.73 -17.95 -24.35
N ILE A 185 3.50 -16.72 -23.91
CA ILE A 185 2.72 -15.76 -24.68
C ILE A 185 3.39 -14.39 -24.53
N GLY A 186 2.96 -13.44 -25.33
CA GLY A 186 3.54 -12.11 -25.27
C GLY A 186 4.78 -11.97 -26.12
N GLY A 187 5.12 -13.03 -26.85
CA GLY A 187 6.28 -13.00 -27.71
C GLY A 187 5.89 -12.77 -29.16
N ALA A 188 4.62 -12.44 -29.36
CA ALA A 188 4.06 -12.19 -30.69
C ALA A 188 2.87 -11.25 -30.55
N PRO A 189 2.32 -10.77 -31.68
CA PRO A 189 1.15 -9.87 -31.61
C PRO A 189 0.03 -10.59 -30.88
N ILE A 190 -0.78 -9.84 -30.13
CA ILE A 190 -1.87 -10.45 -29.38
C ILE A 190 -2.77 -11.37 -30.19
N GLU A 191 -3.05 -11.01 -31.43
CA GLU A 191 -3.92 -11.86 -32.26
C GLU A 191 -3.22 -13.13 -32.74
N GLU A 192 -1.90 -13.09 -32.79
CA GLU A 192 -1.15 -14.26 -33.21
C GLU A 192 -1.14 -15.22 -32.02
N ASP A 193 -0.97 -14.66 -30.81
CA ASP A 193 -0.97 -15.48 -29.62
C ASP A 193 -2.34 -16.14 -29.45
N ARG A 194 -3.40 -15.43 -29.83
CA ARG A 194 -4.75 -15.99 -29.71
C ARG A 194 -4.81 -17.28 -30.55
N MET A 195 -4.24 -17.22 -31.75
CA MET A 195 -4.22 -18.37 -32.64
C MET A 195 -3.43 -19.52 -32.02
N ARG A 196 -2.27 -19.22 -31.44
CA ARG A 196 -1.46 -20.25 -30.82
C ARG A 196 -2.23 -20.87 -29.66
N ILE A 197 -2.96 -20.06 -28.91
CA ILE A 197 -3.72 -20.55 -27.78
C ILE A 197 -4.88 -21.45 -28.20
N GLU A 198 -5.64 -21.02 -29.20
CA GLU A 198 -6.77 -21.82 -29.66
C GLU A 198 -6.27 -23.14 -30.25
N ALA A 199 -5.14 -23.09 -30.94
CA ALA A 199 -4.58 -24.31 -31.52
C ALA A 199 -4.32 -25.32 -30.40
N VAL A 200 -3.62 -24.87 -29.36
CA VAL A 200 -3.30 -25.76 -28.24
C VAL A 200 -4.56 -26.22 -27.54
N LEU A 201 -5.48 -25.28 -27.32
CA LEU A 201 -6.74 -25.58 -26.67
C LEU A 201 -7.50 -26.68 -27.43
N GLU A 202 -7.49 -26.58 -28.76
CA GLU A 202 -8.18 -27.58 -29.57
C GLU A 202 -7.49 -28.93 -29.48
N GLU A 203 -6.17 -28.93 -29.53
CA GLU A 203 -5.40 -30.15 -29.45
C GLU A 203 -5.64 -30.92 -28.16
N ILE A 204 -5.54 -30.26 -27.02
CA ILE A 204 -5.73 -30.93 -25.73
C ILE A 204 -7.19 -31.23 -25.41
N GLY A 205 -8.11 -30.56 -26.10
CA GLY A 205 -9.52 -30.79 -25.86
C GLY A 205 -9.91 -30.85 -24.39
N LYS A 206 -10.58 -31.94 -24.00
CA LYS A 206 -11.01 -32.09 -22.62
C LYS A 206 -10.06 -32.92 -21.76
N ASP A 207 -8.91 -33.28 -22.32
CA ASP A 207 -7.95 -34.10 -21.60
C ASP A 207 -6.94 -33.30 -20.76
N ALA A 208 -6.89 -31.99 -20.97
CA ALA A 208 -5.96 -31.17 -20.22
C ALA A 208 -6.34 -29.69 -20.21
N GLN A 209 -5.77 -28.96 -19.25
CA GLN A 209 -6.02 -27.54 -19.13
C GLN A 209 -4.78 -26.78 -19.55
N LEU A 210 -4.97 -25.58 -20.07
CA LEU A 210 -3.87 -24.75 -20.53
C LEU A 210 -3.55 -23.55 -19.66
N ALA A 211 -2.25 -23.35 -19.39
CA ALA A 211 -1.79 -22.20 -18.61
C ALA A 211 -0.91 -21.38 -19.56
N VAL A 212 -0.94 -20.05 -19.40
CA VAL A 212 -0.15 -19.17 -20.25
C VAL A 212 0.82 -18.34 -19.39
N ASP A 213 1.98 -18.03 -19.96
CA ASP A 213 3.03 -17.30 -19.25
C ASP A 213 3.51 -16.11 -20.08
N ALA A 214 3.38 -14.91 -19.54
CA ALA A 214 3.81 -13.69 -20.22
C ALA A 214 5.24 -13.29 -19.83
N ASN A 215 5.81 -14.01 -18.88
CA ASN A 215 7.17 -13.77 -18.43
C ASN A 215 7.50 -12.33 -18.01
N GLY A 216 6.52 -11.67 -17.39
CA GLY A 216 6.69 -10.31 -16.90
C GLY A 216 6.99 -9.23 -17.93
N ARG A 217 6.62 -9.46 -19.18
CA ARG A 217 6.90 -8.52 -20.24
C ARG A 217 5.91 -7.36 -20.38
N PHE A 218 4.65 -7.58 -20.00
CA PHE A 218 3.60 -6.57 -20.16
C PHE A 218 3.57 -5.37 -19.21
N ASN A 219 3.20 -4.22 -19.76
CA ASN A 219 3.02 -3.01 -18.94
C ASN A 219 1.53 -3.11 -18.54
N LEU A 220 1.03 -2.17 -17.75
CA LEU A 220 -0.36 -2.25 -17.32
C LEU A 220 -1.38 -2.38 -18.44
N GLU A 221 -1.33 -1.49 -19.41
CA GLU A 221 -2.30 -1.53 -20.51
C GLU A 221 -2.25 -2.81 -21.34
N THR A 222 -1.05 -3.30 -21.63
CA THR A 222 -0.92 -4.53 -22.41
C THR A 222 -1.41 -5.71 -21.56
N GLY A 223 -1.11 -5.68 -20.27
CA GLY A 223 -1.54 -6.74 -19.38
C GLY A 223 -3.06 -6.83 -19.40
N ILE A 224 -3.72 -5.68 -19.38
CA ILE A 224 -5.17 -5.63 -19.39
C ILE A 224 -5.73 -6.07 -20.74
N ALA A 225 -5.07 -5.67 -21.82
CA ALA A 225 -5.52 -6.05 -23.15
C ALA A 225 -5.50 -7.58 -23.29
N TYR A 226 -4.41 -8.20 -22.86
CA TYR A 226 -4.30 -9.65 -22.93
C TYR A 226 -5.31 -10.30 -21.98
N ALA A 227 -5.55 -9.66 -20.84
CA ALA A 227 -6.51 -10.18 -19.87
C ALA A 227 -7.90 -10.29 -20.49
N LYS A 228 -8.31 -9.25 -21.21
CA LYS A 228 -9.61 -9.24 -21.85
C LYS A 228 -9.75 -10.34 -22.91
N MET A 229 -8.65 -10.60 -23.62
CA MET A 229 -8.65 -11.64 -24.64
C MET A 229 -8.64 -13.01 -23.97
N LEU A 230 -7.74 -13.18 -23.01
CA LEU A 230 -7.57 -14.43 -22.27
C LEU A 230 -8.74 -14.91 -21.43
N ARG A 231 -9.43 -13.99 -20.74
CA ARG A 231 -10.54 -14.38 -19.88
C ARG A 231 -11.70 -15.08 -20.59
N ASP A 232 -11.72 -15.03 -21.92
CA ASP A 232 -12.78 -15.70 -22.67
C ASP A 232 -12.51 -17.20 -22.81
N TYR A 233 -11.31 -17.62 -22.43
CA TYR A 233 -10.91 -19.03 -22.51
C TYR A 233 -10.79 -19.64 -21.12
N PRO A 234 -11.02 -20.95 -20.99
CA PRO A 234 -10.95 -21.69 -19.73
C PRO A 234 -9.52 -22.04 -19.30
N LEU A 235 -8.67 -21.02 -19.19
CA LEU A 235 -7.26 -21.21 -18.82
C LEU A 235 -7.04 -21.65 -17.38
N PHE A 236 -5.98 -22.40 -17.15
CA PHE A 236 -5.64 -22.87 -15.81
C PHE A 236 -5.11 -21.70 -15.01
N TRP A 237 -4.24 -20.90 -15.62
CA TRP A 237 -3.73 -19.69 -14.98
C TRP A 237 -3.01 -18.76 -15.96
N TYR A 238 -2.90 -17.50 -15.56
CA TYR A 238 -2.26 -16.43 -16.32
C TYR A 238 -1.03 -16.07 -15.46
N GLU A 239 0.16 -16.40 -15.95
CA GLU A 239 1.41 -16.20 -15.20
C GLU A 239 2.26 -14.97 -15.49
N GLU A 240 2.84 -14.41 -14.42
CA GLU A 240 3.72 -13.26 -14.45
C GLU A 240 3.38 -12.26 -15.56
N VAL A 241 2.27 -11.56 -15.38
CA VAL A 241 1.79 -10.59 -16.37
C VAL A 241 2.76 -9.44 -16.60
N GLY A 242 3.15 -8.78 -15.51
CA GLY A 242 4.07 -7.67 -15.61
C GLY A 242 5.33 -7.88 -14.81
N ASP A 243 6.18 -6.86 -14.76
CA ASP A 243 7.44 -6.93 -14.04
C ASP A 243 7.20 -7.56 -12.66
N PRO A 244 8.02 -8.54 -12.29
CA PRO A 244 7.88 -9.21 -10.99
C PRO A 244 7.86 -8.30 -9.76
N LEU A 245 8.38 -7.10 -9.90
CA LEU A 245 8.43 -6.17 -8.78
C LEU A 245 7.37 -5.07 -8.82
N ASP A 246 6.60 -5.01 -9.90
CA ASP A 246 5.55 -4.00 -10.01
C ASP A 246 4.27 -4.59 -9.40
N TYR A 247 4.22 -4.58 -8.07
CA TYR A 247 3.09 -5.11 -7.35
C TYR A 247 1.79 -4.38 -7.65
N ALA A 248 1.86 -3.08 -7.87
CA ALA A 248 0.68 -2.30 -8.15
C ALA A 248 0.03 -2.75 -9.44
N LEU A 249 0.85 -3.14 -10.43
CA LEU A 249 0.31 -3.61 -11.70
C LEU A 249 -0.48 -4.89 -11.47
N GLN A 250 0.10 -5.83 -10.71
CA GLN A 250 -0.56 -7.09 -10.41
C GLN A 250 -1.90 -6.86 -9.70
N ALA A 251 -1.89 -5.97 -8.70
CA ALA A 251 -3.08 -5.67 -7.94
C ALA A 251 -4.21 -5.16 -8.85
N ALA A 252 -3.87 -4.28 -9.78
CA ALA A 252 -4.83 -3.70 -10.70
C ALA A 252 -5.45 -4.71 -11.66
N LEU A 253 -4.77 -5.82 -11.90
CA LEU A 253 -5.28 -6.84 -12.81
C LEU A 253 -6.50 -7.59 -12.29
N ALA A 254 -6.61 -7.70 -10.97
CA ALA A 254 -7.74 -8.41 -10.36
C ALA A 254 -9.09 -7.88 -10.88
N GLU A 255 -9.13 -6.60 -11.22
CA GLU A 255 -10.33 -5.96 -11.73
C GLU A 255 -10.75 -6.46 -13.13
N PHE A 256 -9.78 -6.94 -13.91
CA PHE A 256 -10.05 -7.39 -15.26
C PHE A 256 -9.92 -8.88 -15.48
N TYR A 257 -9.30 -9.58 -14.55
CA TYR A 257 -9.09 -11.01 -14.71
C TYR A 257 -9.47 -11.77 -13.44
N PRO A 258 -10.72 -12.26 -13.38
CA PRO A 258 -11.17 -13.00 -12.20
C PRO A 258 -10.53 -14.39 -12.08
N GLY A 259 -10.12 -14.94 -13.23
CA GLY A 259 -9.49 -16.24 -13.26
C GLY A 259 -8.19 -16.30 -12.50
N PRO A 260 -7.71 -17.50 -12.13
CA PRO A 260 -6.46 -17.60 -11.38
C PRO A 260 -5.22 -17.04 -12.10
N MET A 261 -4.34 -16.42 -11.31
CA MET A 261 -3.10 -15.86 -11.82
C MET A 261 -1.95 -16.41 -10.99
N ALA A 262 -0.74 -16.31 -11.54
CA ALA A 262 0.43 -16.81 -10.85
C ALA A 262 1.65 -15.94 -11.08
N THR A 263 2.56 -15.95 -10.11
CA THR A 263 3.80 -15.18 -10.23
C THR A 263 4.74 -15.58 -9.12
N GLY A 264 5.94 -15.00 -9.11
CA GLY A 264 6.89 -15.29 -8.06
C GLY A 264 8.22 -15.94 -8.41
N GLU A 265 8.31 -16.58 -9.57
CA GLU A 265 9.56 -17.25 -9.95
C GLU A 265 10.76 -16.30 -9.91
N ASN A 266 10.54 -15.02 -10.18
CA ASN A 266 11.62 -14.04 -10.18
C ASN A 266 11.77 -13.20 -8.91
N LEU A 267 11.25 -13.71 -7.79
CA LEU A 267 11.40 -13.04 -6.50
C LEU A 267 12.27 -14.04 -5.76
N PHE A 268 13.42 -13.59 -5.27
CA PHE A 268 14.38 -14.49 -4.66
C PHE A 268 14.70 -14.41 -3.18
N SER A 269 13.78 -13.88 -2.38
CA SER A 269 13.99 -13.77 -0.94
C SER A 269 12.64 -13.76 -0.24
N HIS A 270 12.64 -14.04 1.05
CA HIS A 270 11.37 -14.02 1.78
C HIS A 270 10.90 -12.56 1.87
N GLN A 271 11.86 -11.62 1.90
CA GLN A 271 11.51 -10.20 1.96
C GLN A 271 10.72 -9.81 0.71
N ASP A 272 11.20 -10.26 -0.45
CA ASP A 272 10.52 -9.95 -1.70
C ASP A 272 9.15 -10.65 -1.76
N ALA A 273 9.09 -11.87 -1.24
CA ALA A 273 7.83 -12.61 -1.23
C ALA A 273 6.85 -11.89 -0.31
N ARG A 274 7.35 -11.39 0.82
CA ARG A 274 6.51 -10.67 1.76
C ARG A 274 5.89 -9.45 1.05
N ASN A 275 6.69 -8.73 0.27
CA ASN A 275 6.18 -7.57 -0.44
C ASN A 275 5.13 -7.96 -1.47
N LEU A 276 5.28 -9.11 -2.10
CA LEU A 276 4.29 -9.57 -3.07
C LEU A 276 2.96 -9.79 -2.34
N LEU A 277 3.00 -10.45 -1.18
CA LEU A 277 1.78 -10.70 -0.42
C LEU A 277 1.16 -9.42 0.14
N ARG A 278 2.01 -8.47 0.51
CA ARG A 278 1.54 -7.20 1.05
C ARG A 278 0.93 -6.27 0.01
N TYR A 279 1.56 -6.15 -1.16
CA TYR A 279 1.08 -5.19 -2.16
C TYR A 279 0.60 -5.72 -3.51
N GLY A 280 0.78 -7.01 -3.75
CA GLY A 280 0.38 -7.58 -5.03
C GLY A 280 -1.10 -7.74 -5.30
N GLY A 281 -1.91 -7.78 -4.24
CA GLY A 281 -3.34 -7.92 -4.41
C GLY A 281 -3.75 -9.24 -5.03
N MET A 282 -3.02 -10.31 -4.70
CA MET A 282 -3.37 -11.61 -5.24
C MET A 282 -4.46 -12.27 -4.40
N ARG A 283 -5.23 -13.16 -5.02
CA ARG A 283 -6.32 -13.86 -4.36
C ARG A 283 -5.82 -15.16 -3.76
N PRO A 284 -5.67 -15.22 -2.44
CA PRO A 284 -5.19 -16.42 -1.73
C PRO A 284 -6.03 -17.68 -1.90
N ASP A 285 -7.20 -17.55 -2.49
CA ASP A 285 -8.06 -18.71 -2.69
C ASP A 285 -7.90 -19.36 -4.05
N ARG A 286 -7.27 -18.67 -5.01
CA ARG A 286 -7.13 -19.25 -6.35
C ARG A 286 -5.83 -18.99 -7.08
N ASP A 287 -5.03 -18.04 -6.60
CA ASP A 287 -3.77 -17.72 -7.27
C ASP A 287 -2.62 -18.63 -6.84
N TRP A 288 -1.54 -18.60 -7.61
CA TRP A 288 -0.39 -19.44 -7.33
C TRP A 288 0.92 -18.68 -7.12
N LEU A 289 1.69 -19.10 -6.12
CA LEU A 289 2.98 -18.49 -5.80
C LEU A 289 4.06 -19.46 -6.30
N GLN A 290 4.94 -18.98 -7.17
CA GLN A 290 5.95 -19.82 -7.78
C GLN A 290 7.40 -19.65 -7.38
N PHE A 291 7.64 -19.27 -6.13
CA PHE A 291 9.00 -19.10 -5.63
C PHE A 291 9.80 -20.38 -5.90
N ASP A 292 11.07 -20.21 -6.27
CA ASP A 292 11.97 -21.31 -6.58
C ASP A 292 13.11 -21.30 -5.56
N CYS A 293 13.15 -22.30 -4.69
CA CYS A 293 14.18 -22.34 -3.66
C CYS A 293 15.60 -22.37 -4.24
N ALA A 294 15.77 -23.05 -5.37
CA ALA A 294 17.10 -23.15 -5.99
C ALA A 294 17.65 -21.80 -6.44
N LEU A 295 16.76 -20.82 -6.66
CA LEU A 295 17.20 -19.50 -7.10
C LEU A 295 17.05 -18.50 -5.98
N SER A 296 16.53 -18.96 -4.84
CA SER A 296 16.24 -18.08 -3.72
C SER A 296 16.89 -18.40 -2.37
N TYR A 297 18.19 -18.66 -2.38
CA TYR A 297 18.92 -18.98 -1.14
C TYR A 297 18.56 -20.34 -0.54
N GLY A 298 17.92 -21.19 -1.35
CA GLY A 298 17.58 -22.53 -0.91
C GLY A 298 16.41 -22.79 0.01
N LEU A 299 16.33 -24.03 0.46
CA LEU A 299 15.28 -24.49 1.36
C LEU A 299 15.31 -23.76 2.71
N CYS A 300 16.51 -23.45 3.20
CA CYS A 300 16.62 -22.73 4.46
C CYS A 300 15.87 -21.41 4.37
N GLU A 301 15.93 -20.77 3.20
CA GLU A 301 15.25 -19.50 2.99
C GLU A 301 13.77 -19.76 2.68
N TYR A 302 13.50 -20.81 1.92
CA TYR A 302 12.14 -21.15 1.54
C TYR A 302 11.29 -21.39 2.79
N GLN A 303 11.89 -21.93 3.83
CA GLN A 303 11.14 -22.18 5.06
C GLN A 303 10.71 -20.85 5.66
N ARG A 304 11.57 -19.83 5.57
CA ARG A 304 11.22 -18.51 6.09
C ARG A 304 10.10 -17.93 5.22
N THR A 305 10.12 -18.27 3.93
CA THR A 305 9.09 -17.78 3.02
C THR A 305 7.74 -18.41 3.37
N LEU A 306 7.75 -19.69 3.71
CA LEU A 306 6.49 -20.36 4.08
C LEU A 306 5.97 -19.68 5.34
N GLU A 307 6.88 -19.25 6.20
CA GLU A 307 6.51 -18.57 7.44
C GLU A 307 5.82 -17.26 7.07
N VAL A 308 6.32 -16.63 6.02
CA VAL A 308 5.73 -15.37 5.55
C VAL A 308 4.30 -15.63 5.05
N LEU A 309 4.10 -16.73 4.34
CA LEU A 309 2.77 -17.06 3.82
C LEU A 309 1.77 -17.19 4.98
N LYS A 310 2.19 -17.86 6.05
CA LYS A 310 1.32 -18.04 7.20
C LYS A 310 0.98 -16.71 7.85
N THR A 311 1.97 -15.85 8.01
CA THR A 311 1.75 -14.53 8.60
C THR A 311 0.72 -13.73 7.82
N HIS A 312 0.57 -14.04 6.54
CA HIS A 312 -0.38 -13.33 5.69
C HIS A 312 -1.62 -14.14 5.35
N GLY A 313 -1.83 -15.24 6.07
CA GLY A 313 -3.00 -16.07 5.85
C GLY A 313 -3.07 -16.90 4.58
N TRP A 314 -1.92 -17.23 4.00
CA TRP A 314 -1.89 -18.03 2.79
C TRP A 314 -1.55 -19.47 3.13
N SER A 315 -2.01 -20.40 2.29
CA SER A 315 -1.74 -21.80 2.49
C SER A 315 -0.59 -22.26 1.60
N PRO A 316 0.32 -23.09 2.14
CA PRO A 316 1.46 -23.59 1.36
C PRO A 316 0.97 -24.33 0.12
N SER A 317 -0.30 -24.75 0.13
CA SER A 317 -0.87 -25.48 -1.00
C SER A 317 -1.07 -24.56 -2.21
N ARG A 318 -0.75 -23.29 -2.01
CA ARG A 318 -0.87 -22.32 -3.10
C ARG A 318 0.46 -22.23 -3.86
N CYS A 319 1.48 -22.88 -3.32
CA CYS A 319 2.81 -22.88 -3.92
C CYS A 319 3.07 -23.99 -4.92
N ILE A 320 3.56 -23.61 -6.08
CA ILE A 320 3.92 -24.56 -7.13
C ILE A 320 5.22 -23.99 -7.69
N PRO A 321 6.34 -24.34 -7.06
CA PRO A 321 7.67 -23.88 -7.45
C PRO A 321 8.01 -23.95 -8.92
N HIS A 322 8.72 -22.92 -9.38
CA HIS A 322 9.20 -22.84 -10.74
C HIS A 322 10.49 -23.66 -10.75
N GLY A 323 10.98 -24.03 -11.93
CA GLY A 323 12.24 -24.75 -11.99
C GLY A 323 12.23 -26.20 -12.44
N GLY A 324 11.12 -26.90 -12.21
CA GLY A 324 11.05 -28.30 -12.62
C GLY A 324 12.11 -29.23 -12.06
N HIS A 325 12.57 -29.01 -10.83
CA HIS A 325 13.60 -29.86 -10.24
C HIS A 325 13.18 -30.68 -9.01
N GLN A 326 13.91 -31.76 -8.77
CA GLN A 326 13.64 -32.68 -7.69
C GLN A 326 13.68 -32.11 -6.28
N MET A 327 14.41 -31.02 -6.09
CA MET A 327 14.48 -30.41 -4.77
C MET A 327 13.06 -29.95 -4.42
N SER A 328 12.40 -29.28 -5.36
CA SER A 328 11.04 -28.82 -5.14
C SER A 328 10.07 -29.99 -4.92
N LEU A 329 10.28 -31.09 -5.65
CA LEU A 329 9.41 -32.27 -5.49
C LEU A 329 9.45 -32.75 -4.05
N ASN A 330 10.65 -32.76 -3.47
CA ASN A 330 10.81 -33.18 -2.08
C ASN A 330 10.12 -32.22 -1.11
N ILE A 331 10.22 -30.92 -1.38
CA ILE A 331 9.58 -29.95 -0.50
C ILE A 331 8.07 -30.08 -0.64
N ALA A 332 7.60 -30.25 -1.86
CA ALA A 332 6.16 -30.38 -2.12
C ALA A 332 5.60 -31.60 -1.37
N ALA A 333 6.27 -32.73 -1.52
CA ALA A 333 5.84 -33.96 -0.86
C ALA A 333 5.96 -33.89 0.66
N GLY A 334 7.00 -33.23 1.15
CA GLY A 334 7.19 -33.15 2.58
C GLY A 334 6.38 -32.10 3.32
N LEU A 335 6.22 -30.92 2.71
CA LEU A 335 5.51 -29.83 3.37
C LEU A 335 4.14 -29.45 2.82
N GLY A 336 3.63 -30.21 1.87
CA GLY A 336 2.32 -29.93 1.33
C GLY A 336 2.17 -28.74 0.40
N LEU A 337 3.07 -28.62 -0.57
CA LEU A 337 2.95 -27.52 -1.53
C LEU A 337 1.89 -27.98 -2.53
N GLY A 338 1.46 -27.09 -3.41
CA GLY A 338 0.44 -27.46 -4.38
C GLY A 338 0.89 -28.36 -5.51
N GLY A 339 2.21 -28.45 -5.72
CA GLY A 339 2.73 -29.28 -6.78
C GLY A 339 4.05 -28.73 -7.29
N ASN A 340 4.48 -29.16 -8.46
CA ASN A 340 5.75 -28.69 -9.01
C ASN A 340 5.68 -28.57 -10.52
N GLU A 341 6.54 -27.71 -11.06
CA GLU A 341 6.62 -27.51 -12.50
C GLU A 341 7.51 -28.61 -13.07
N SER A 342 7.36 -28.88 -14.36
CA SER A 342 8.16 -29.91 -15.02
C SER A 342 8.43 -29.54 -16.48
N TYR A 343 9.65 -29.78 -16.95
CA TYR A 343 10.00 -29.50 -18.34
C TYR A 343 10.37 -30.84 -18.98
N PRO A 344 9.38 -31.56 -19.52
CA PRO A 344 9.64 -32.87 -20.15
C PRO A 344 10.69 -32.85 -21.27
N ASP A 345 10.73 -31.78 -22.05
CA ASP A 345 11.66 -31.70 -23.17
C ASP A 345 12.77 -30.66 -23.06
N LEU A 346 12.91 -30.02 -21.91
CA LEU A 346 13.93 -28.98 -21.79
C LEU A 346 14.91 -29.18 -20.66
N PHE A 347 16.09 -28.61 -20.84
CA PHE A 347 17.16 -28.63 -19.85
C PHE A 347 17.59 -29.99 -19.35
N GLN A 348 17.25 -31.05 -20.06
CA GLN A 348 17.65 -32.38 -19.63
C GLN A 348 19.16 -32.51 -19.71
N PRO A 349 19.77 -33.35 -18.85
CA PRO A 349 19.18 -34.23 -17.84
C PRO A 349 18.85 -33.59 -16.49
N TYR A 350 19.01 -32.28 -16.40
CA TYR A 350 18.73 -31.60 -15.13
C TYR A 350 17.22 -31.50 -14.94
N GLY A 351 16.76 -31.90 -13.77
CA GLY A 351 15.34 -31.87 -13.50
C GLY A 351 14.78 -33.26 -13.79
N GLY A 352 13.46 -33.36 -13.94
CA GLY A 352 12.86 -34.64 -14.22
C GLY A 352 12.60 -35.50 -12.99
N PHE A 353 12.44 -36.80 -13.23
CA PHE A 353 12.14 -37.75 -12.16
C PHE A 353 13.06 -38.95 -12.18
N PRO A 354 13.03 -39.76 -11.11
CA PRO A 354 13.89 -40.94 -11.08
C PRO A 354 13.46 -41.88 -12.22
N ASP A 355 14.40 -42.67 -12.72
CA ASP A 355 14.08 -43.60 -13.80
C ASP A 355 12.97 -44.52 -13.33
N GLY A 356 11.91 -44.63 -14.12
CA GLY A 356 10.82 -45.51 -13.73
C GLY A 356 9.55 -44.84 -13.23
N VAL A 357 9.65 -43.69 -12.55
CA VAL A 357 8.43 -43.05 -12.07
C VAL A 357 7.73 -42.41 -13.27
N ARG A 358 6.44 -42.75 -13.43
CA ARG A 358 5.65 -42.25 -14.54
C ARG A 358 4.69 -41.16 -14.06
N VAL A 359 4.30 -40.28 -14.97
CA VAL A 359 3.35 -39.23 -14.65
C VAL A 359 2.00 -39.82 -15.01
N GLU A 360 1.12 -39.96 -14.03
CA GLU A 360 -0.20 -40.52 -14.28
C GLU A 360 -1.27 -39.55 -13.77
N ASN A 361 -2.07 -39.06 -14.70
CA ASN A 361 -3.12 -38.09 -14.39
C ASN A 361 -2.54 -36.87 -13.66
N GLY A 362 -1.50 -36.31 -14.24
CA GLY A 362 -0.86 -35.13 -13.68
C GLY A 362 -0.13 -35.35 -12.37
N HIS A 363 0.10 -36.60 -11.99
CA HIS A 363 0.79 -36.87 -10.73
C HIS A 363 1.87 -37.94 -10.83
N ILE A 364 2.87 -37.80 -9.97
CA ILE A 364 3.95 -38.77 -9.88
C ILE A 364 3.97 -39.17 -8.41
N THR A 365 4.63 -40.27 -8.10
CA THR A 365 4.72 -40.72 -6.71
C THR A 365 6.18 -40.86 -6.34
N MET A 366 6.59 -40.10 -5.34
CA MET A 366 7.98 -40.11 -4.87
C MET A 366 8.43 -41.45 -4.32
N PRO A 367 9.44 -42.08 -4.94
CA PRO A 367 9.92 -43.35 -4.44
C PRO A 367 10.75 -43.04 -3.20
N ASP A 368 10.98 -44.02 -2.34
CA ASP A 368 11.76 -43.76 -1.13
C ASP A 368 13.28 -43.86 -1.31
N LEU A 369 13.84 -42.93 -2.07
CA LEU A 369 15.28 -42.89 -2.32
C LEU A 369 15.89 -41.94 -1.28
N PRO A 370 17.08 -42.27 -0.76
CA PRO A 370 17.71 -41.39 0.23
C PRO A 370 18.09 -40.04 -0.39
N GLY A 371 18.05 -38.99 0.42
CA GLY A 371 18.37 -37.67 -0.09
C GLY A 371 17.31 -37.16 -1.07
N ILE A 372 17.74 -36.37 -2.04
CA ILE A 372 16.81 -35.82 -3.03
C ILE A 372 16.33 -36.89 -4.01
N GLY A 373 17.16 -37.90 -4.26
CA GLY A 373 16.78 -38.96 -5.18
C GLY A 373 17.42 -38.88 -6.55
N PHE A 374 18.46 -38.05 -6.67
CA PHE A 374 19.17 -37.89 -7.94
C PHE A 374 19.74 -39.22 -8.44
N GLU A 375 20.22 -40.03 -7.51
CA GLU A 375 20.80 -41.33 -7.86
C GLU A 375 19.86 -42.19 -8.69
N GLY A 376 18.55 -41.94 -8.55
CA GLY A 376 17.57 -42.72 -9.30
C GLY A 376 17.41 -42.33 -10.76
N LYS A 377 18.01 -41.20 -11.15
CA LYS A 377 17.92 -40.73 -12.55
C LYS A 377 19.33 -40.90 -13.14
N SER A 378 19.55 -42.05 -13.77
CA SER A 378 20.85 -42.38 -14.33
C SER A 378 21.56 -41.30 -15.16
N ASP A 379 20.89 -40.75 -16.16
CA ASP A 379 21.56 -39.74 -16.98
C ASP A 379 21.99 -38.50 -16.20
N LEU A 380 21.30 -38.20 -15.12
CA LEU A 380 21.64 -37.04 -14.29
C LEU A 380 22.78 -37.41 -13.35
N TYR A 381 22.61 -38.52 -12.63
CA TYR A 381 23.61 -38.98 -11.68
C TYR A 381 24.96 -39.20 -12.35
N LYS A 382 24.94 -39.62 -13.61
CA LYS A 382 26.17 -39.85 -14.34
C LYS A 382 26.99 -38.54 -14.33
N GLU A 383 26.30 -37.43 -14.58
CA GLU A 383 26.90 -36.12 -14.60
C GLU A 383 27.43 -35.74 -13.22
N MET A 384 26.66 -36.09 -12.20
CA MET A 384 27.02 -35.78 -10.82
C MET A 384 28.23 -36.56 -10.30
N LYS A 385 28.25 -37.88 -10.47
CA LYS A 385 29.41 -38.59 -9.96
C LYS A 385 30.66 -38.23 -10.75
N ALA A 386 30.47 -37.71 -11.97
CA ALA A 386 31.60 -37.29 -12.77
C ALA A 386 32.20 -36.04 -12.12
N LEU A 387 31.37 -35.26 -11.44
CA LEU A 387 31.84 -34.05 -10.76
C LEU A 387 32.58 -34.41 -9.47
N ALA A 388 32.00 -35.31 -8.69
CA ALA A 388 32.56 -35.75 -7.43
C ALA A 388 31.85 -37.03 -7.02
N GLU A 389 32.61 -37.97 -6.48
CA GLU A 389 32.06 -39.25 -6.07
C GLU A 389 32.72 -39.74 -4.78
N SER B 2 35.12 6.18 -37.40
CA SER B 2 35.05 4.86 -36.71
C SER B 2 35.14 4.94 -35.19
N VAL B 3 34.11 4.44 -34.52
CA VAL B 3 34.08 4.45 -33.06
C VAL B 3 33.66 3.09 -32.54
N ARG B 4 34.56 2.39 -31.88
CA ARG B 4 34.21 1.08 -31.34
C ARG B 4 34.96 0.68 -30.09
N ILE B 5 34.28 -0.15 -29.30
CA ILE B 5 34.85 -0.67 -28.06
C ILE B 5 35.67 -1.87 -28.46
N VAL B 6 36.98 -1.75 -28.31
CA VAL B 6 37.91 -2.80 -28.70
C VAL B 6 38.22 -3.81 -27.60
N ASP B 7 37.98 -3.43 -26.35
CA ASP B 7 38.24 -4.34 -25.25
C ASP B 7 37.61 -3.86 -23.96
N VAL B 8 37.33 -4.82 -23.07
CA VAL B 8 36.77 -4.53 -21.76
C VAL B 8 37.60 -5.36 -20.80
N ARG B 9 38.43 -4.69 -19.99
CA ARG B 9 39.29 -5.40 -19.04
C ARG B 9 38.81 -5.14 -17.64
N GLU B 10 39.05 -6.10 -16.76
CA GLU B 10 38.64 -5.99 -15.38
C GLU B 10 39.71 -6.59 -14.48
N ILE B 11 39.79 -6.06 -13.26
CA ILE B 11 40.73 -6.55 -12.28
C ILE B 11 40.12 -6.32 -10.91
N THR B 12 40.08 -7.35 -10.10
CA THR B 12 39.51 -7.25 -8.77
C THR B 12 40.56 -6.67 -7.83
N LYS B 13 40.19 -5.60 -7.13
CA LYS B 13 41.08 -4.94 -6.18
C LYS B 13 40.55 -5.11 -4.77
N PRO B 14 41.46 -5.23 -3.80
CA PRO B 14 41.04 -5.39 -2.40
C PRO B 14 40.82 -4.04 -1.72
N ILE B 15 39.75 -3.95 -0.94
CA ILE B 15 39.45 -2.75 -0.19
C ILE B 15 38.97 -3.24 1.18
N SER B 16 39.65 -4.27 1.68
CA SER B 16 39.31 -4.90 2.94
C SER B 16 40.04 -4.37 4.17
N SER B 17 39.41 -4.57 5.32
CA SER B 17 39.94 -4.15 6.62
C SER B 17 38.95 -4.64 7.67
N PRO B 18 39.35 -4.66 8.95
CA PRO B 18 38.44 -5.14 9.99
C PRO B 18 37.34 -4.19 10.45
N ILE B 19 37.08 -3.11 9.70
CA ILE B 19 36.01 -2.21 10.10
C ILE B 19 34.72 -3.03 10.11
N ARG B 20 33.79 -2.64 10.97
CA ARG B 20 32.54 -3.37 11.08
C ARG B 20 31.35 -2.45 11.33
N ASN B 21 30.20 -2.81 10.78
CA ASN B 21 28.99 -2.05 11.01
C ASN B 21 27.97 -3.04 11.60
N ALA B 22 26.75 -2.60 11.85
CA ALA B 22 25.74 -3.46 12.46
C ALA B 22 25.44 -4.76 11.72
N TYR B 23 25.66 -4.76 10.41
CA TYR B 23 25.34 -5.92 9.60
C TYR B 23 26.52 -6.75 9.07
N ILE B 24 27.60 -6.06 8.72
CA ILE B 24 28.75 -6.70 8.10
C ILE B 24 30.12 -6.21 8.56
N ASP B 25 31.18 -6.97 8.27
CA ASP B 25 32.54 -6.51 8.55
C ASP B 25 33.19 -6.56 7.16
N PHE B 26 34.18 -5.70 6.91
CA PHE B 26 34.83 -5.61 5.58
C PHE B 26 36.11 -6.41 5.40
N THR B 27 36.19 -7.50 6.14
CA THR B 27 37.31 -8.41 6.14
C THR B 27 37.74 -8.97 4.78
N LYS B 28 36.77 -9.19 3.88
CA LYS B 28 37.07 -9.74 2.56
C LYS B 28 36.54 -8.83 1.46
N MET B 29 36.23 -7.58 1.77
CA MET B 29 35.68 -6.67 0.78
C MET B 29 36.60 -6.42 -0.41
N THR B 30 36.01 -6.47 -1.60
CA THR B 30 36.74 -6.25 -2.84
C THR B 30 35.93 -5.34 -3.76
N THR B 31 36.52 -4.95 -4.87
CA THR B 31 35.85 -4.12 -5.86
C THR B 31 36.44 -4.39 -7.23
N SER B 32 35.64 -4.23 -8.27
CA SER B 32 36.09 -4.46 -9.63
C SER B 32 36.52 -3.15 -10.29
N LEU B 33 37.73 -3.12 -10.84
CA LEU B 33 38.22 -1.93 -11.55
C LEU B 33 38.04 -2.32 -13.01
N VAL B 34 37.28 -1.51 -13.76
CA VAL B 34 37.02 -1.81 -15.16
C VAL B 34 37.51 -0.74 -16.14
N ALA B 35 37.93 -1.21 -17.30
CA ALA B 35 38.41 -0.33 -18.36
C ALA B 35 37.70 -0.67 -19.66
N VAL B 36 37.11 0.34 -20.29
CA VAL B 36 36.45 0.17 -21.57
C VAL B 36 37.37 0.86 -22.58
N VAL B 37 38.09 0.05 -23.35
CA VAL B 37 39.03 0.54 -24.34
C VAL B 37 38.40 0.77 -25.71
N THR B 38 38.57 1.98 -26.24
CA THR B 38 38.01 2.29 -27.55
C THR B 38 39.15 2.47 -28.56
N ASP B 39 38.80 2.75 -29.81
CA ASP B 39 39.78 2.97 -30.86
C ASP B 39 39.74 4.45 -31.25
N VAL B 40 39.22 5.27 -30.35
CA VAL B 40 39.16 6.70 -30.61
C VAL B 40 40.32 7.36 -29.86
N VAL B 41 40.77 8.51 -30.35
CA VAL B 41 41.85 9.21 -29.70
C VAL B 41 41.49 10.69 -29.53
N ARG B 42 41.79 11.20 -28.35
CA ARG B 42 41.52 12.58 -27.98
C ARG B 42 42.66 13.07 -27.12
N GLU B 43 42.98 14.36 -27.22
CA GLU B 43 44.08 14.93 -26.45
C GLU B 43 45.32 14.09 -26.70
N GLY B 44 45.43 13.59 -27.92
CA GLY B 44 46.58 12.79 -28.30
C GLY B 44 46.80 11.47 -27.58
N LYS B 45 45.74 10.85 -27.07
CA LYS B 45 45.88 9.56 -26.40
C LYS B 45 44.63 8.73 -26.65
N ARG B 46 44.78 7.42 -26.66
CA ARG B 46 43.64 6.54 -26.87
C ARG B 46 42.63 6.80 -25.76
N VAL B 47 41.35 6.85 -26.11
CA VAL B 47 40.37 7.08 -25.05
C VAL B 47 39.98 5.76 -24.41
N VAL B 48 40.11 5.73 -23.09
CA VAL B 48 39.78 4.56 -22.30
C VAL B 48 38.87 5.02 -21.16
N GLY B 49 37.70 4.41 -21.05
CA GLY B 49 36.80 4.78 -19.97
C GLY B 49 37.10 3.87 -18.78
N TYR B 50 36.92 4.38 -17.57
CA TYR B 50 37.20 3.58 -16.37
C TYR B 50 36.03 3.61 -15.41
N GLY B 51 35.97 2.60 -14.56
CA GLY B 51 34.92 2.51 -13.56
C GLY B 51 35.26 1.48 -12.51
N PHE B 52 34.61 1.59 -11.36
CA PHE B 52 34.79 0.62 -10.28
C PHE B 52 33.50 0.63 -9.48
N ASN B 53 33.20 -0.44 -8.75
CA ASN B 53 31.97 -0.45 -7.97
C ASN B 53 32.24 0.00 -6.53
N SER B 54 31.19 0.47 -5.86
CA SER B 54 31.27 0.95 -4.49
C SER B 54 31.51 -0.18 -3.51
N ASN B 55 31.96 0.20 -2.32
CA ASN B 55 32.22 -0.73 -1.24
C ASN B 55 30.94 -1.45 -0.81
N GLY B 56 31.09 -2.65 -0.24
CA GLY B 56 29.94 -3.36 0.28
C GLY B 56 29.34 -4.52 -0.49
N ARG B 57 29.32 -4.46 -1.81
CA ARG B 57 28.73 -5.55 -2.57
C ARG B 57 29.72 -6.49 -3.24
N TYR B 58 31.02 -6.24 -3.03
CA TYR B 58 32.09 -7.08 -3.59
C TYR B 58 32.32 -6.91 -5.10
N GLY B 59 33.49 -7.35 -5.55
CA GLY B 59 33.83 -7.27 -6.96
C GLY B 59 33.00 -8.26 -7.76
N GLN B 60 32.87 -8.00 -9.05
CA GLN B 60 32.07 -8.85 -9.93
C GLN B 60 32.84 -9.29 -11.17
N GLY B 61 34.11 -9.64 -11.00
CA GLY B 61 34.93 -10.07 -12.12
C GLY B 61 34.30 -11.15 -12.97
N GLY B 62 33.76 -12.18 -12.33
CA GLY B 62 33.14 -13.27 -13.05
C GLY B 62 31.99 -12.86 -13.96
N LEU B 63 31.03 -12.13 -13.41
CA LEU B 63 29.88 -11.68 -14.19
C LEU B 63 30.29 -10.78 -15.35
N ILE B 64 31.21 -9.86 -15.07
CA ILE B 64 31.68 -8.93 -16.08
C ILE B 64 32.28 -9.69 -17.26
N ARG B 65 33.12 -10.69 -16.97
CA ARG B 65 33.76 -11.47 -18.02
C ARG B 65 32.83 -12.45 -18.71
N GLU B 66 32.17 -13.27 -17.90
CA GLU B 66 31.28 -14.32 -18.40
C GLU B 66 29.97 -13.90 -19.05
N ARG B 67 29.44 -12.74 -18.70
CA ARG B 67 28.17 -12.37 -19.27
C ARG B 67 28.03 -11.01 -19.95
N PHE B 68 28.52 -9.96 -19.32
CA PHE B 68 28.33 -8.63 -19.89
C PHE B 68 29.36 -8.11 -20.88
N ALA B 69 30.64 -8.22 -20.57
CA ALA B 69 31.68 -7.73 -21.47
C ALA B 69 31.54 -8.40 -22.83
N SER B 70 31.39 -9.73 -22.84
CA SER B 70 31.25 -10.48 -24.08
C SER B 70 30.12 -9.98 -24.97
N ARG B 71 28.97 -9.64 -24.40
CA ARG B 71 27.88 -9.14 -25.21
C ARG B 71 28.25 -7.83 -25.90
N ILE B 72 28.94 -6.96 -25.18
CA ILE B 72 29.36 -5.68 -25.75
C ILE B 72 30.34 -5.86 -26.90
N LEU B 73 31.35 -6.70 -26.69
CA LEU B 73 32.38 -6.96 -27.69
C LEU B 73 31.85 -7.72 -28.89
N GLU B 74 30.80 -8.50 -28.69
CA GLU B 74 30.21 -9.30 -29.78
C GLU B 74 29.17 -8.51 -30.57
N ALA B 75 28.75 -7.38 -30.04
CA ALA B 75 27.74 -6.57 -30.70
C ALA B 75 28.30 -5.85 -31.93
N ASP B 76 27.42 -5.60 -32.89
CA ASP B 76 27.79 -4.87 -34.10
C ASP B 76 28.16 -3.45 -33.67
N PRO B 77 29.42 -3.06 -33.84
CA PRO B 77 29.87 -1.72 -33.46
C PRO B 77 28.98 -0.60 -33.97
N LYS B 78 28.47 -0.75 -35.18
CA LYS B 78 27.60 0.26 -35.77
C LYS B 78 26.28 0.43 -35.06
N LYS B 79 25.86 -0.57 -34.29
CA LYS B 79 24.59 -0.47 -33.58
C LYS B 79 24.71 0.09 -32.17
N LEU B 80 25.90 0.56 -31.81
CA LEU B 80 26.13 1.12 -30.49
C LEU B 80 26.43 2.62 -30.55
N LEU B 81 26.30 3.20 -31.73
CA LEU B 81 26.59 4.62 -31.91
C LEU B 81 25.37 5.50 -31.81
N ASN B 82 25.60 6.79 -31.58
CA ASN B 82 24.51 7.76 -31.48
C ASN B 82 23.99 8.11 -32.89
N GLU B 83 23.05 9.05 -32.94
CA GLU B 83 22.42 9.50 -34.17
C GLU B 83 23.45 9.83 -35.25
N ALA B 84 24.40 10.68 -34.88
CA ALA B 84 25.44 11.13 -35.81
C ALA B 84 26.50 10.09 -36.10
N GLY B 85 26.55 9.03 -35.29
CA GLY B 85 27.55 8.01 -35.51
C GLY B 85 28.96 8.48 -35.18
N ASP B 86 29.08 9.52 -34.36
CA ASP B 86 30.38 10.05 -33.99
C ASP B 86 30.74 9.75 -32.52
N ASN B 87 29.93 8.95 -31.85
CA ASN B 87 30.20 8.60 -30.47
C ASN B 87 29.34 7.42 -30.07
N LEU B 88 29.65 6.83 -28.92
CA LEU B 88 28.89 5.70 -28.43
C LEU B 88 27.62 6.23 -27.78
N ASP B 89 26.54 5.46 -27.90
CA ASP B 89 25.27 5.82 -27.27
C ASP B 89 25.22 4.92 -26.02
N PRO B 90 25.37 5.52 -24.83
CA PRO B 90 25.35 4.79 -23.56
C PRO B 90 24.18 3.82 -23.41
N ASP B 91 22.99 4.28 -23.77
CA ASP B 91 21.79 3.45 -23.67
C ASP B 91 21.81 2.26 -24.62
N LYS B 92 22.44 2.40 -25.78
CA LYS B 92 22.51 1.28 -26.71
C LYS B 92 23.51 0.26 -26.17
N VAL B 93 24.59 0.75 -25.56
CA VAL B 93 25.58 -0.15 -25.00
C VAL B 93 24.91 -0.86 -23.80
N TRP B 94 24.12 -0.11 -23.05
CA TRP B 94 23.42 -0.66 -21.89
C TRP B 94 22.49 -1.79 -22.35
N ALA B 95 21.67 -1.49 -23.35
CA ALA B 95 20.73 -2.47 -23.88
C ALA B 95 21.46 -3.70 -24.39
N ALA B 96 22.58 -3.47 -25.06
CA ALA B 96 23.34 -4.58 -25.61
C ALA B 96 23.83 -5.54 -24.53
N MET B 97 24.30 -5.01 -23.41
CA MET B 97 24.80 -5.91 -22.39
C MET B 97 23.67 -6.48 -21.53
N MET B 98 22.46 -5.94 -21.67
CA MET B 98 21.34 -6.44 -20.90
C MET B 98 20.47 -7.46 -21.63
N ILE B 99 20.85 -7.87 -22.84
CA ILE B 99 20.05 -8.84 -23.57
C ILE B 99 20.08 -10.19 -22.85
N ASN B 100 18.98 -10.92 -22.95
CA ASN B 100 18.85 -12.23 -22.34
C ASN B 100 18.99 -12.24 -20.82
N GLU B 101 18.57 -11.17 -20.18
CA GLU B 101 18.59 -11.05 -18.74
C GLU B 101 17.13 -11.02 -18.29
N LYS B 102 16.71 -11.98 -17.48
CA LYS B 102 15.33 -12.03 -17.02
C LYS B 102 15.07 -10.96 -15.96
N PRO B 103 13.82 -10.50 -15.85
CA PRO B 103 13.41 -9.47 -14.88
C PRO B 103 13.55 -9.89 -13.42
N GLY B 104 13.60 -8.91 -12.54
CA GLY B 104 13.77 -9.19 -11.13
C GLY B 104 15.20 -9.61 -10.82
N GLY B 105 15.45 -9.96 -9.55
CA GLY B 105 16.79 -10.38 -9.17
C GLY B 105 17.82 -9.29 -9.35
N HIS B 106 17.54 -8.10 -8.83
CA HIS B 106 18.45 -6.98 -8.96
C HIS B 106 19.48 -6.92 -7.85
N GLY B 107 20.58 -7.63 -8.08
CA GLY B 107 21.68 -7.70 -7.14
C GLY B 107 22.83 -8.40 -7.84
N GLU B 108 24.07 -8.02 -7.53
CA GLU B 108 25.25 -8.64 -8.14
C GLU B 108 25.42 -8.24 -9.61
N ARG B 109 24.50 -8.65 -10.48
CA ARG B 109 24.61 -8.27 -11.89
C ARG B 109 24.40 -6.76 -12.03
N SER B 110 23.65 -6.18 -11.08
CA SER B 110 23.41 -4.74 -11.09
C SER B 110 24.73 -4.00 -10.82
N VAL B 111 25.62 -4.64 -10.06
CA VAL B 111 26.92 -4.06 -9.74
C VAL B 111 27.85 -4.19 -10.95
N ALA B 112 27.82 -5.35 -11.59
CA ALA B 112 28.64 -5.59 -12.77
C ALA B 112 28.29 -4.61 -13.87
N VAL B 113 26.99 -4.48 -14.15
CA VAL B 113 26.52 -3.58 -15.20
C VAL B 113 26.78 -2.12 -14.85
N GLY B 114 26.53 -1.75 -13.59
CA GLY B 114 26.74 -0.39 -13.17
C GLY B 114 28.20 0.03 -13.26
N THR B 115 29.11 -0.92 -13.05
CA THR B 115 30.53 -0.61 -13.11
C THR B 115 30.98 -0.44 -14.56
N ILE B 116 30.45 -1.26 -15.46
CA ILE B 116 30.79 -1.14 -16.87
C ILE B 116 30.19 0.17 -17.40
N ASP B 117 28.95 0.44 -17.00
CA ASP B 117 28.23 1.63 -17.40
C ASP B 117 29.05 2.88 -17.04
N MET B 118 29.63 2.88 -15.85
CA MET B 118 30.43 4.02 -15.42
C MET B 118 31.55 4.27 -16.43
N ALA B 119 32.25 3.21 -16.81
CA ALA B 119 33.34 3.32 -17.77
C ALA B 119 32.85 3.75 -19.16
N VAL B 120 31.64 3.34 -19.52
CA VAL B 120 31.08 3.71 -20.82
C VAL B 120 30.80 5.21 -20.88
N TRP B 121 30.19 5.77 -19.83
CA TRP B 121 29.90 7.19 -19.80
C TRP B 121 31.19 8.00 -19.73
N ASP B 122 32.20 7.42 -19.07
CA ASP B 122 33.49 8.08 -18.93
C ASP B 122 34.09 8.23 -20.34
N ALA B 123 34.05 7.16 -21.11
CA ALA B 123 34.57 7.17 -22.47
C ALA B 123 33.75 8.11 -23.38
N VAL B 124 32.43 8.04 -23.26
CA VAL B 124 31.57 8.88 -24.08
C VAL B 124 31.86 10.36 -23.87
N ALA B 125 32.00 10.78 -22.61
CA ALA B 125 32.29 12.16 -22.29
C ALA B 125 33.67 12.55 -22.85
N LYS B 126 34.65 11.66 -22.68
CA LYS B 126 35.99 11.91 -23.18
C LYS B 126 35.99 12.07 -24.70
N ILE B 127 35.23 11.23 -25.38
CA ILE B 127 35.15 11.30 -26.83
C ILE B 127 34.52 12.64 -27.23
N ALA B 128 33.58 13.12 -26.42
CA ALA B 128 32.90 14.39 -26.67
C ALA B 128 33.75 15.55 -26.21
N GLY B 129 34.84 15.25 -25.50
CA GLY B 129 35.72 16.30 -25.01
C GLY B 129 35.09 17.16 -23.93
N LYS B 130 34.26 16.58 -23.08
CA LYS B 130 33.62 17.37 -22.03
C LYS B 130 33.66 16.67 -20.68
N PRO B 131 33.53 17.46 -19.60
CA PRO B 131 33.53 16.84 -18.27
C PRO B 131 32.16 16.13 -18.26
N LEU B 132 32.06 14.95 -17.66
CA LEU B 132 30.80 14.23 -17.66
C LEU B 132 29.62 15.06 -17.15
N PHE B 133 29.82 15.78 -16.05
CA PHE B 133 28.73 16.57 -15.48
C PHE B 133 28.20 17.63 -16.43
N ARG B 134 29.06 18.14 -17.31
CA ARG B 134 28.59 19.16 -18.23
C ARG B 134 27.87 18.50 -19.40
N LEU B 135 28.31 17.31 -19.78
CA LEU B 135 27.66 16.59 -20.87
C LEU B 135 26.26 16.21 -20.42
N LEU B 136 26.13 15.84 -19.14
CA LEU B 136 24.84 15.46 -18.58
C LEU B 136 23.89 16.64 -18.56
N ALA B 137 24.38 17.77 -18.07
CA ALA B 137 23.56 18.97 -18.02
C ALA B 137 23.05 19.29 -19.42
N GLU B 138 23.93 19.17 -20.41
CA GLU B 138 23.55 19.44 -21.80
C GLU B 138 22.44 18.49 -22.27
N ARG B 139 22.63 17.20 -22.08
CA ARG B 139 21.64 16.22 -22.49
C ARG B 139 20.28 16.40 -21.81
N HIS B 140 20.27 16.95 -20.60
CA HIS B 140 19.03 17.18 -19.86
C HIS B 140 18.49 18.60 -20.01
N GLY B 141 19.18 19.43 -20.78
CA GLY B 141 18.72 20.80 -20.96
C GLY B 141 18.71 21.63 -19.68
N VAL B 142 19.66 21.38 -18.79
CA VAL B 142 19.72 22.14 -17.54
C VAL B 142 21.10 22.76 -17.38
N LYS B 143 21.25 23.65 -16.39
CA LYS B 143 22.53 24.30 -16.15
C LYS B 143 23.24 23.56 -15.03
N ALA B 144 24.47 23.15 -15.30
CA ALA B 144 25.27 22.43 -14.32
C ALA B 144 25.73 23.34 -13.20
N ASN B 145 26.00 22.74 -12.04
CA ASN B 145 26.49 23.48 -10.89
C ASN B 145 27.64 22.66 -10.32
N PRO B 146 28.89 23.11 -10.57
CA PRO B 146 30.11 22.44 -10.11
C PRO B 146 30.33 22.37 -8.60
N ARG B 147 29.58 23.16 -7.83
CA ARG B 147 29.73 23.14 -6.38
C ARG B 147 28.83 22.03 -5.82
N VAL B 148 29.45 20.98 -5.29
CA VAL B 148 28.71 19.84 -4.75
C VAL B 148 28.91 19.60 -3.27
N PHE B 149 27.81 19.35 -2.55
CA PHE B 149 27.89 19.08 -1.13
C PHE B 149 28.38 17.66 -0.89
N VAL B 150 29.29 17.49 0.06
CA VAL B 150 29.82 16.18 0.41
C VAL B 150 29.93 16.04 1.93
N TYR B 151 29.72 14.83 2.43
CA TYR B 151 29.82 14.61 3.86
C TYR B 151 30.78 13.45 4.07
N ALA B 152 31.43 13.40 5.23
CA ALA B 152 32.38 12.35 5.53
C ALA B 152 31.72 11.20 6.27
N ALA B 153 31.87 10.00 5.75
CA ALA B 153 31.30 8.79 6.36
C ALA B 153 32.40 7.92 6.96
N GLY B 154 32.16 7.45 8.19
CA GLY B 154 33.11 6.60 8.87
C GLY B 154 32.51 6.14 10.19
N GLY B 155 33.23 6.35 11.28
CA GLY B 155 32.72 5.95 12.59
C GLY B 155 32.32 4.50 12.70
N TYR B 156 33.13 3.62 12.12
CA TYR B 156 32.86 2.19 12.17
C TYR B 156 33.38 1.60 13.47
N TYR B 157 32.92 0.41 13.80
CA TYR B 157 33.39 -0.29 14.98
C TYR B 157 34.70 -0.93 14.49
N TYR B 158 35.74 -0.86 15.32
CA TYR B 158 37.04 -1.41 14.95
C TYR B 158 37.68 -2.00 16.21
N PRO B 159 38.34 -3.16 16.08
CA PRO B 159 39.00 -3.82 17.21
C PRO B 159 39.95 -2.86 17.95
N GLY B 160 39.67 -2.60 19.23
CA GLY B 160 40.53 -1.73 20.01
C GLY B 160 40.31 -0.23 19.82
N LYS B 161 39.32 0.13 19.02
CA LYS B 161 39.01 1.54 18.77
C LYS B 161 38.04 2.05 19.83
N GLY B 162 38.50 2.98 20.66
CA GLY B 162 37.66 3.52 21.72
C GLY B 162 37.08 4.87 21.39
N LEU B 163 36.43 5.49 22.38
CA LEU B 163 35.82 6.80 22.18
C LEU B 163 36.80 7.87 21.77
N SER B 164 37.96 7.88 22.42
CA SER B 164 38.99 8.88 22.11
C SER B 164 39.39 8.74 20.65
N MET B 165 39.56 7.51 20.18
CA MET B 165 39.93 7.30 18.78
C MET B 165 38.78 7.69 17.84
N LEU B 166 37.54 7.45 18.28
CA LEU B 166 36.38 7.81 17.48
C LEU B 166 36.38 9.33 17.31
N ARG B 167 36.57 10.04 18.43
CA ARG B 167 36.61 11.50 18.43
C ARG B 167 37.69 12.00 17.49
N GLY B 168 38.86 11.35 17.53
CA GLY B 168 39.96 11.75 16.68
C GLY B 168 39.64 11.60 15.21
N GLU B 169 38.96 10.51 14.86
CA GLU B 169 38.58 10.24 13.49
C GLU B 169 37.71 11.38 12.97
N MET B 170 36.71 11.74 13.77
CA MET B 170 35.79 12.79 13.39
C MET B 170 36.48 14.14 13.27
N ARG B 171 37.34 14.47 14.23
CA ARG B 171 38.05 15.74 14.18
C ARG B 171 38.88 15.75 12.90
N GLY B 172 39.40 14.58 12.53
CA GLY B 172 40.19 14.47 11.32
C GLY B 172 39.39 14.91 10.10
N TYR B 173 38.09 14.60 10.07
CA TYR B 173 37.24 14.97 8.95
C TYR B 173 36.95 16.45 8.98
N LEU B 174 36.72 16.98 10.18
CA LEU B 174 36.46 18.41 10.31
C LEU B 174 37.70 19.18 9.88
N ASP B 175 38.89 18.65 10.20
CA ASP B 175 40.13 19.31 9.83
C ASP B 175 40.23 19.43 8.33
N ARG B 176 39.58 18.52 7.62
CA ARG B 176 39.62 18.54 6.16
C ARG B 176 38.49 19.31 5.49
N GLY B 177 37.73 20.05 6.28
CA GLY B 177 36.64 20.87 5.73
C GLY B 177 35.22 20.35 5.78
N TYR B 178 35.01 19.14 6.26
CA TYR B 178 33.66 18.59 6.33
C TYR B 178 32.84 19.19 7.47
N ASN B 179 31.55 19.40 7.24
CA ASN B 179 30.67 19.95 8.26
C ASN B 179 29.49 19.01 8.56
N VAL B 180 29.59 17.78 8.06
CA VAL B 180 28.59 16.74 8.30
C VAL B 180 29.35 15.43 8.29
N VAL B 181 29.21 14.65 9.37
CA VAL B 181 29.88 13.37 9.46
C VAL B 181 28.86 12.27 9.78
N LYS B 182 29.19 11.04 9.40
CA LYS B 182 28.30 9.92 9.64
C LYS B 182 29.05 8.81 10.37
N MET B 183 28.36 8.11 11.27
CA MET B 183 28.96 7.03 12.03
C MET B 183 28.01 5.86 12.03
N ALA B 184 28.53 4.66 12.25
CA ALA B 184 27.71 3.47 12.29
C ALA B 184 27.14 3.26 13.70
N ILE B 185 25.94 2.70 13.77
CA ILE B 185 25.29 2.40 15.05
C ILE B 185 24.60 1.06 14.91
N GLY B 186 24.15 0.49 16.03
CA GLY B 186 23.47 -0.79 16.00
C GLY B 186 24.44 -1.96 16.07
N GLY B 187 25.72 -1.65 16.22
CA GLY B 187 26.74 -2.69 16.30
C GLY B 187 27.16 -2.92 17.74
N ALA B 188 26.42 -2.32 18.67
CA ALA B 188 26.68 -2.44 20.10
C ALA B 188 25.36 -2.21 20.85
N PRO B 189 25.34 -2.44 22.18
CA PRO B 189 24.12 -2.23 22.96
C PRO B 189 23.69 -0.78 22.79
N ILE B 190 22.38 -0.54 22.81
CA ILE B 190 21.87 0.81 22.62
C ILE B 190 22.50 1.87 23.53
N GLU B 191 22.79 1.51 24.77
CA GLU B 191 23.38 2.48 25.68
C GLU B 191 24.85 2.74 25.38
N GLU B 192 25.51 1.78 24.74
CA GLU B 192 26.91 1.96 24.39
C GLU B 192 26.94 2.90 23.17
N ASP B 193 26.00 2.70 22.25
CA ASP B 193 25.94 3.56 21.09
C ASP B 193 25.63 4.99 21.51
N ARG B 194 24.84 5.15 22.57
CA ARG B 194 24.51 6.48 23.05
C ARG B 194 25.81 7.19 23.44
N MET B 195 26.69 6.46 24.11
CA MET B 195 27.96 7.01 24.55
C MET B 195 28.82 7.40 23.34
N ARG B 196 28.85 6.53 22.33
CA ARG B 196 29.63 6.81 21.13
C ARG B 196 29.09 8.07 20.45
N ILE B 197 27.77 8.18 20.41
CA ILE B 197 27.13 9.34 19.78
C ILE B 197 27.41 10.65 20.54
N GLU B 198 27.28 10.63 21.85
CA GLU B 198 27.54 11.83 22.63
C GLU B 198 28.99 12.25 22.53
N ALA B 199 29.88 11.26 22.49
CA ALA B 199 31.30 11.54 22.37
C ALA B 199 31.55 12.32 21.08
N VAL B 200 31.02 11.79 19.96
CA VAL B 200 31.19 12.45 18.67
C VAL B 200 30.53 13.81 18.67
N LEU B 201 29.31 13.86 19.18
CA LEU B 201 28.56 15.11 19.26
C LEU B 201 29.36 16.19 20.01
N GLU B 202 30.01 15.79 21.09
CA GLU B 202 30.79 16.72 21.88
C GLU B 202 32.01 17.19 21.12
N GLU B 203 32.69 16.26 20.45
CA GLU B 203 33.86 16.59 19.68
C GLU B 203 33.59 17.60 18.56
N ILE B 204 32.56 17.36 17.76
CA ILE B 204 32.26 18.27 16.65
C ILE B 204 31.60 19.56 17.09
N GLY B 205 31.05 19.58 18.30
CA GLY B 205 30.40 20.77 18.80
C GLY B 205 29.46 21.45 17.81
N LYS B 206 29.68 22.74 17.57
CA LYS B 206 28.84 23.49 16.65
C LYS B 206 29.43 23.60 15.25
N ASP B 207 30.53 22.91 15.00
CA ASP B 207 31.18 22.96 13.70
C ASP B 207 30.68 21.94 12.68
N ALA B 208 29.90 20.97 13.14
CA ALA B 208 29.38 19.95 12.23
C ALA B 208 28.17 19.22 12.79
N GLN B 209 27.44 18.56 11.90
CA GLN B 209 26.27 17.81 12.30
C GLN B 209 26.57 16.33 12.16
N LEU B 210 25.92 15.52 12.98
CA LEU B 210 26.13 14.08 12.97
C LEU B 210 24.98 13.26 12.38
N ALA B 211 25.32 12.30 11.53
CA ALA B 211 24.34 11.39 10.94
C ALA B 211 24.71 9.99 11.42
N VAL B 212 23.70 9.15 11.65
CA VAL B 212 23.91 7.79 12.13
C VAL B 212 23.36 6.77 11.13
N ASP B 213 24.01 5.61 11.05
CA ASP B 213 23.63 4.57 10.11
C ASP B 213 23.48 3.22 10.81
N ALA B 214 22.29 2.64 10.73
CA ALA B 214 22.03 1.34 11.38
C ALA B 214 22.25 0.19 10.41
N ASN B 215 22.51 0.52 9.15
CA ASN B 215 22.77 -0.49 8.13
C ASN B 215 21.72 -1.58 7.95
N GLY B 216 20.45 -1.20 8.15
CA GLY B 216 19.34 -2.11 7.99
C GLY B 216 19.28 -3.31 8.91
N ARG B 217 19.93 -3.20 10.06
CA ARG B 217 19.96 -4.31 11.02
C ARG B 217 18.75 -4.44 11.96
N PHE B 218 18.09 -3.32 12.25
CA PHE B 218 16.97 -3.31 13.19
C PHE B 218 15.62 -3.86 12.73
N ASN B 219 14.92 -4.52 13.67
CA ASN B 219 13.57 -5.00 13.39
C ASN B 219 12.70 -3.82 13.82
N LEU B 220 11.38 -3.90 13.67
CA LEU B 220 10.54 -2.77 14.05
C LEU B 220 10.72 -2.25 15.47
N GLU B 221 10.64 -3.14 16.46
CA GLU B 221 10.78 -2.72 17.85
C GLU B 221 12.13 -2.08 18.17
N THR B 222 13.21 -2.66 17.66
CA THR B 222 14.54 -2.11 17.90
C THR B 222 14.66 -0.77 17.20
N GLY B 223 14.10 -0.69 15.99
CA GLY B 223 14.16 0.55 15.24
C GLY B 223 13.49 1.67 16.03
N ILE B 224 12.36 1.36 16.66
CA ILE B 224 11.62 2.33 17.46
C ILE B 224 12.39 2.69 18.72
N ALA B 225 13.00 1.68 19.35
CA ALA B 225 13.75 1.91 20.58
C ALA B 225 14.89 2.90 20.31
N TYR B 226 15.62 2.68 19.22
CA TYR B 226 16.72 3.57 18.86
C TYR B 226 16.17 4.94 18.49
N ALA B 227 15.01 4.95 17.84
CA ALA B 227 14.40 6.22 17.43
C ALA B 227 14.12 7.11 18.64
N LYS B 228 13.57 6.51 19.71
CA LYS B 228 13.27 7.26 20.92
C LYS B 228 14.53 7.82 21.57
N MET B 229 15.62 7.08 21.50
CA MET B 229 16.88 7.51 22.07
C MET B 229 17.49 8.59 21.19
N LEU B 230 17.52 8.32 19.89
CA LEU B 230 18.09 9.23 18.90
C LEU B 230 17.40 10.59 18.73
N ARG B 231 16.07 10.60 18.75
CA ARG B 231 15.34 11.85 18.54
C ARG B 231 15.63 12.95 19.55
N ASP B 232 16.30 12.61 20.66
CA ASP B 232 16.64 13.62 21.66
C ASP B 232 17.90 14.40 21.25
N TYR B 233 18.57 13.93 20.21
CA TYR B 233 19.78 14.60 19.73
C TYR B 233 19.53 15.28 18.38
N PRO B 234 20.27 16.35 18.09
CA PRO B 234 20.13 17.10 16.83
C PRO B 234 20.84 16.45 15.63
N LEU B 235 20.49 15.20 15.35
CA LEU B 235 21.10 14.46 14.26
C LEU B 235 20.74 14.96 12.86
N PHE B 236 21.68 14.78 11.92
CA PHE B 236 21.47 15.20 10.54
C PHE B 236 20.47 14.23 9.90
N TRP B 237 20.67 12.94 10.14
CA TRP B 237 19.74 11.93 9.65
C TRP B 237 19.97 10.56 10.29
N TYR B 238 18.93 9.73 10.22
CA TYR B 238 18.91 8.37 10.77
C TYR B 238 18.81 7.50 9.49
N GLU B 239 19.87 6.76 9.18
CA GLU B 239 19.93 5.95 7.96
C GLU B 239 19.66 4.45 8.03
N GLU B 240 18.98 3.95 7.00
CA GLU B 240 18.62 2.55 6.83
C GLU B 240 18.37 1.83 8.17
N VAL B 241 17.24 2.17 8.80
CA VAL B 241 16.86 1.61 10.08
C VAL B 241 16.64 0.10 10.04
N GLY B 242 15.81 -0.35 9.10
CA GLY B 242 15.53 -1.76 8.98
C GLY B 242 15.88 -2.30 7.61
N ASP B 243 15.55 -3.57 7.37
CA ASP B 243 15.83 -4.22 6.10
C ASP B 243 15.43 -3.29 4.96
N PRO B 244 16.31 -3.09 3.97
CA PRO B 244 16.03 -2.21 2.83
C PRO B 244 14.74 -2.50 2.06
N LEU B 245 14.22 -3.73 2.19
CA LEU B 245 13.00 -4.12 1.50
C LEU B 245 11.73 -4.13 2.37
N ASP B 246 11.89 -3.90 3.67
CA ASP B 246 10.74 -3.88 4.58
C ASP B 246 10.19 -2.45 4.61
N TYR B 247 9.46 -2.10 3.56
CA TYR B 247 8.91 -0.77 3.42
C TYR B 247 7.93 -0.43 4.54
N ALA B 248 7.18 -1.42 4.99
CA ALA B 248 6.20 -1.21 6.06
C ALA B 248 6.91 -0.76 7.34
N LEU B 249 8.08 -1.32 7.61
CA LEU B 249 8.82 -0.94 8.81
C LEU B 249 9.20 0.54 8.71
N GLN B 250 9.75 0.95 7.57
CA GLN B 250 10.14 2.33 7.37
C GLN B 250 8.94 3.28 7.56
N ALA B 251 7.80 2.92 6.96
CA ALA B 251 6.60 3.74 7.07
C ALA B 251 6.17 3.95 8.52
N ALA B 252 6.24 2.88 9.31
CA ALA B 252 5.84 2.93 10.70
C ALA B 252 6.76 3.83 11.55
N LEU B 253 7.98 4.05 11.10
CA LEU B 253 8.92 4.85 11.86
C LEU B 253 8.58 6.34 11.90
N ALA B 254 7.90 6.82 10.87
CA ALA B 254 7.51 8.22 10.82
C ALA B 254 6.78 8.68 12.08
N GLU B 255 6.05 7.75 12.70
CA GLU B 255 5.28 8.05 13.91
C GLU B 255 6.18 8.34 15.13
N PHE B 256 7.37 7.77 15.14
CA PHE B 256 8.28 7.92 16.27
C PHE B 256 9.49 8.79 16.02
N TYR B 257 9.79 9.07 14.75
CA TYR B 257 10.96 9.85 14.41
C TYR B 257 10.63 10.94 13.40
N PRO B 258 10.32 12.15 13.87
CA PRO B 258 9.99 13.26 12.98
C PRO B 258 11.21 13.78 12.21
N GLY B 259 12.40 13.59 12.79
CA GLY B 259 13.63 14.04 12.16
C GLY B 259 13.91 13.35 10.83
N PRO B 260 14.78 13.92 9.99
CA PRO B 260 15.06 13.28 8.69
C PRO B 260 15.66 11.88 8.75
N MET B 261 15.23 11.05 7.82
CA MET B 261 15.71 9.68 7.69
C MET B 261 16.21 9.46 6.28
N ALA B 262 17.03 8.42 6.09
CA ALA B 262 17.58 8.13 4.78
C ALA B 262 17.69 6.64 4.55
N THR B 263 17.64 6.24 3.28
CA THR B 263 17.77 4.84 2.91
C THR B 263 17.90 4.73 1.41
N GLY B 264 18.09 3.51 0.93
CA GLY B 264 18.19 3.30 -0.51
C GLY B 264 19.48 2.74 -1.09
N GLU B 265 20.58 2.81 -0.34
CA GLU B 265 21.84 2.31 -0.87
C GLU B 265 21.75 0.86 -1.32
N ASN B 266 20.90 0.07 -0.67
CA ASN B 266 20.75 -1.33 -1.00
C ASN B 266 19.57 -1.70 -1.90
N LEU B 267 19.09 -0.72 -2.67
CA LEU B 267 18.01 -0.94 -3.62
C LEU B 267 18.74 -0.70 -4.94
N PHE B 268 18.73 -1.68 -5.82
CA PHE B 268 19.50 -1.58 -7.05
C PHE B 268 18.79 -1.50 -8.40
N SER B 269 17.56 -1.01 -8.43
CA SER B 269 16.84 -0.88 -9.69
C SER B 269 15.79 0.21 -9.54
N HIS B 270 15.30 0.74 -10.66
CA HIS B 270 14.29 1.77 -10.57
C HIS B 270 13.00 1.13 -10.05
N GLN B 271 12.80 -0.16 -10.32
CA GLN B 271 11.61 -0.86 -9.83
C GLN B 271 11.61 -0.88 -8.31
N ASP B 272 12.76 -1.21 -7.72
CA ASP B 272 12.88 -1.25 -6.27
C ASP B 272 12.73 0.15 -5.69
N ALA B 273 13.28 1.14 -6.37
CA ALA B 273 13.18 2.53 -5.89
C ALA B 273 11.71 2.95 -5.94
N ARG B 274 11.01 2.54 -6.99
CA ARG B 274 9.60 2.86 -7.14
C ARG B 274 8.82 2.31 -5.94
N ASN B 275 9.13 1.07 -5.54
CA ASN B 275 8.45 0.46 -4.41
C ASN B 275 8.76 1.21 -3.11
N LEU B 276 9.97 1.73 -2.98
CA LEU B 276 10.33 2.49 -1.78
C LEU B 276 9.46 3.75 -1.71
N LEU B 277 9.31 4.43 -2.84
CA LEU B 277 8.50 5.64 -2.86
C LEU B 277 7.00 5.36 -2.68
N ARG B 278 6.57 4.20 -3.17
CA ARG B 278 5.16 3.78 -3.06
C ARG B 278 4.76 3.32 -1.66
N TYR B 279 5.60 2.51 -1.02
CA TYR B 279 5.23 1.96 0.28
C TYR B 279 6.07 2.32 1.48
N GLY B 280 7.20 3.00 1.26
CA GLY B 280 8.09 3.36 2.35
C GLY B 280 7.62 4.42 3.33
N GLY B 281 6.68 5.26 2.90
CA GLY B 281 6.17 6.32 3.77
C GLY B 281 7.22 7.34 4.16
N MET B 282 8.12 7.65 3.25
CA MET B 282 9.15 8.64 3.54
C MET B 282 8.64 10.05 3.27
N ARG B 283 9.19 11.02 3.98
CA ARG B 283 8.80 12.42 3.85
C ARG B 283 9.63 13.11 2.78
N PRO B 284 9.04 13.37 1.61
CA PRO B 284 9.74 14.02 0.49
C PRO B 284 10.30 15.42 0.77
N ASP B 285 9.95 15.99 1.91
CA ASP B 285 10.43 17.32 2.22
C ASP B 285 11.70 17.32 3.09
N ARG B 286 12.03 16.18 3.68
CA ARG B 286 13.20 16.13 4.56
C ARG B 286 14.03 14.85 4.53
N ASP B 287 13.51 13.80 3.92
CA ASP B 287 14.26 12.55 3.88
C ASP B 287 15.23 12.48 2.71
N TRP B 288 16.14 11.51 2.76
CA TRP B 288 17.13 11.35 1.72
C TRP B 288 17.12 9.98 1.06
N LEU B 289 17.28 9.98 -0.27
CA LEU B 289 17.30 8.74 -1.05
C LEU B 289 18.77 8.54 -1.46
N GLN B 290 19.33 7.38 -1.11
CA GLN B 290 20.73 7.09 -1.35
C GLN B 290 21.10 6.07 -2.41
N PHE B 291 20.29 5.95 -3.45
CA PHE B 291 20.57 5.02 -4.53
C PHE B 291 21.99 5.27 -5.07
N ASP B 292 22.68 4.18 -5.40
CA ASP B 292 24.05 4.23 -5.90
C ASP B 292 24.07 3.68 -7.33
N CYS B 293 24.30 4.56 -8.32
CA CYS B 293 24.30 4.11 -9.71
C CYS B 293 25.32 3.02 -10.00
N ALA B 294 26.48 3.08 -9.34
CA ALA B 294 27.52 2.08 -9.56
C ALA B 294 27.09 0.67 -9.14
N LEU B 295 26.11 0.57 -8.24
CA LEU B 295 25.64 -0.74 -7.79
C LEU B 295 24.26 -1.03 -8.39
N SER B 296 23.72 -0.07 -9.14
CA SER B 296 22.38 -0.21 -9.70
C SER B 296 22.22 -0.11 -11.21
N TYR B 297 23.03 -0.84 -11.96
CA TYR B 297 22.95 -0.82 -13.42
C TYR B 297 23.41 0.51 -14.05
N GLY B 298 24.10 1.33 -13.25
CA GLY B 298 24.65 2.58 -13.75
C GLY B 298 23.76 3.79 -13.95
N LEU B 299 24.33 4.81 -14.59
CA LEU B 299 23.66 6.07 -14.88
C LEU B 299 22.47 5.87 -15.80
N CYS B 300 22.57 4.95 -16.76
CA CYS B 300 21.46 4.70 -17.67
C CYS B 300 20.23 4.29 -16.86
N GLU B 301 20.45 3.53 -15.80
CA GLU B 301 19.34 3.10 -14.95
C GLU B 301 18.95 4.22 -13.98
N TYR B 302 19.95 4.93 -13.47
CA TYR B 302 19.73 6.01 -12.54
C TYR B 302 18.82 7.07 -13.16
N GLN B 303 18.94 7.28 -14.46
CA GLN B 303 18.09 8.27 -15.12
C GLN B 303 16.63 7.81 -15.03
N ARG B 304 16.39 6.51 -15.17
CA ARG B 304 15.04 5.99 -15.07
C ARG B 304 14.55 6.16 -13.63
N THR B 305 15.47 6.04 -12.68
CA THR B 305 15.11 6.21 -11.27
C THR B 305 14.71 7.66 -10.99
N LEU B 306 15.41 8.62 -11.62
CA LEU B 306 15.07 10.02 -11.42
C LEU B 306 13.67 10.25 -11.99
N GLU B 307 13.37 9.54 -13.07
CA GLU B 307 12.06 9.64 -13.70
C GLU B 307 11.01 9.13 -12.71
N VAL B 308 11.35 8.08 -11.97
CA VAL B 308 10.45 7.53 -10.96
C VAL B 308 10.21 8.57 -9.86
N LEU B 309 11.27 9.28 -9.43
CA LEU B 309 11.10 10.31 -8.40
C LEU B 309 10.10 11.37 -8.83
N LYS B 310 10.19 11.79 -10.09
CA LYS B 310 9.29 12.81 -10.62
C LYS B 310 7.85 12.31 -10.63
N THR B 311 7.66 11.07 -11.05
CA THR B 311 6.32 10.49 -11.11
C THR B 311 5.68 10.46 -9.72
N HIS B 312 6.52 10.45 -8.69
CA HIS B 312 6.02 10.43 -7.31
C HIS B 312 6.17 11.75 -6.58
N GLY B 313 6.42 12.82 -7.33
CA GLY B 313 6.54 14.14 -6.74
C GLY B 313 7.76 14.44 -5.87
N TRP B 314 8.85 13.70 -6.09
CA TRP B 314 10.08 13.94 -5.33
C TRP B 314 11.06 14.77 -6.14
N SER B 315 11.91 15.51 -5.45
CA SER B 315 12.92 16.33 -6.09
C SER B 315 14.26 15.62 -6.11
N PRO B 316 14.99 15.70 -7.22
CA PRO B 316 16.31 15.05 -7.33
C PRO B 316 17.25 15.59 -6.24
N SER B 317 16.91 16.75 -5.68
CA SER B 317 17.73 17.35 -4.64
C SER B 317 17.65 16.57 -3.33
N ARG B 318 16.83 15.52 -3.32
CA ARG B 318 16.66 14.68 -2.14
C ARG B 318 17.65 13.51 -2.23
N CYS B 319 18.32 13.39 -3.36
CA CYS B 319 19.27 12.31 -3.58
C CYS B 319 20.69 12.64 -3.17
N ILE B 320 21.30 11.74 -2.41
CA ILE B 320 22.68 11.88 -1.98
C ILE B 320 23.21 10.46 -2.07
N PRO B 321 23.66 10.08 -3.26
CA PRO B 321 24.20 8.74 -3.54
C PRO B 321 25.20 8.20 -2.53
N HIS B 322 25.08 6.90 -2.29
CA HIS B 322 25.97 6.17 -1.42
C HIS B 322 27.18 5.82 -2.31
N GLY B 323 28.31 5.44 -1.70
CA GLY B 323 29.44 5.04 -2.51
C GLY B 323 30.68 5.91 -2.50
N GLY B 324 30.51 7.20 -2.28
CA GLY B 324 31.64 8.11 -2.24
C GLY B 324 32.53 8.15 -3.48
N HIS B 325 31.94 7.97 -4.66
CA HIS B 325 32.71 7.97 -5.90
C HIS B 325 32.44 9.14 -6.86
N GLN B 326 33.42 9.40 -7.72
CA GLN B 326 33.35 10.50 -8.69
C GLN B 326 32.21 10.42 -9.71
N MET B 327 31.73 9.22 -10.00
CA MET B 327 30.62 9.09 -10.94
C MET B 327 29.42 9.86 -10.36
N SER B 328 29.13 9.63 -9.08
CA SER B 328 28.03 10.32 -8.42
C SER B 328 28.27 11.84 -8.37
N LEU B 329 29.51 12.26 -8.17
CA LEU B 329 29.82 13.69 -8.14
C LEU B 329 29.41 14.35 -9.45
N ASN B 330 29.70 13.68 -10.56
CA ASN B 330 29.34 14.22 -11.86
C ASN B 330 27.83 14.28 -12.02
N ILE B 331 27.12 13.26 -11.56
CA ILE B 331 25.66 13.25 -11.69
C ILE B 331 25.08 14.35 -10.81
N ALA B 332 25.61 14.49 -9.61
CA ALA B 332 25.16 15.51 -8.68
C ALA B 332 25.32 16.91 -9.27
N ALA B 333 26.51 17.18 -9.80
CA ALA B 333 26.81 18.47 -10.41
C ALA B 333 26.02 18.72 -11.69
N GLY B 334 25.81 17.66 -12.46
CA GLY B 334 25.08 17.82 -13.70
C GLY B 334 23.57 17.87 -13.60
N LEU B 335 22.98 17.03 -12.74
CA LEU B 335 21.54 16.95 -12.64
C LEU B 335 20.89 17.50 -11.37
N GLY B 336 21.68 18.14 -10.51
CA GLY B 336 21.11 18.72 -9.32
C GLY B 336 20.73 17.79 -8.18
N LEU B 337 21.61 16.84 -7.85
CA LEU B 337 21.30 15.94 -6.74
C LEU B 337 21.63 16.74 -5.47
N GLY B 338 21.26 16.20 -4.31
CA GLY B 338 21.53 16.94 -3.08
C GLY B 338 22.99 16.96 -2.65
N GLY B 339 23.78 16.04 -3.19
CA GLY B 339 25.19 15.98 -2.82
C GLY B 339 25.72 14.56 -2.96
N ASN B 340 26.86 14.28 -2.35
CA ASN B 340 27.43 12.94 -2.45
C ASN B 340 28.11 12.53 -1.15
N GLU B 341 28.21 11.23 -0.96
CA GLU B 341 28.88 10.68 0.21
C GLU B 341 30.39 10.65 -0.07
N SER B 342 31.19 10.62 0.98
CA SER B 342 32.64 10.60 0.84
C SER B 342 33.30 9.80 1.97
N TYR B 343 34.32 9.01 1.64
CA TYR B 343 35.03 8.24 2.65
C TYR B 343 36.47 8.73 2.64
N PRO B 344 36.77 9.76 3.44
CA PRO B 344 38.13 10.31 3.47
C PRO B 344 39.22 9.30 3.84
N ASP B 345 38.90 8.34 4.71
CA ASP B 345 39.90 7.36 5.15
C ASP B 345 39.66 5.92 4.74
N LEU B 346 38.69 5.67 3.88
CA LEU B 346 38.39 4.30 3.49
C LEU B 346 38.41 4.02 2.01
N PHE B 347 38.71 2.78 1.67
CA PHE B 347 38.71 2.30 0.29
C PHE B 347 39.60 3.05 -0.69
N GLN B 348 40.54 3.83 -0.18
CA GLN B 348 41.41 4.58 -1.08
C GLN B 348 42.29 3.58 -1.85
N PRO B 349 42.72 3.95 -3.07
CA PRO B 349 42.52 5.20 -3.79
C PRO B 349 41.19 5.33 -4.54
N TYR B 350 40.30 4.35 -4.38
CA TYR B 350 39.02 4.40 -5.08
C TYR B 350 38.11 5.41 -4.42
N GLY B 351 37.55 6.30 -5.23
CA GLY B 351 36.70 7.34 -4.69
C GLY B 351 37.54 8.59 -4.50
N GLY B 352 37.05 9.53 -3.71
CA GLY B 352 37.81 10.75 -3.49
C GLY B 352 37.61 11.82 -4.55
N PHE B 353 38.55 12.76 -4.60
CA PHE B 353 38.49 13.88 -5.53
C PHE B 353 39.79 14.04 -6.28
N PRO B 354 39.78 14.86 -7.34
CA PRO B 354 41.00 15.08 -8.11
C PRO B 354 42.03 15.73 -7.19
N ASP B 355 43.31 15.49 -7.47
CA ASP B 355 44.38 16.07 -6.66
C ASP B 355 44.22 17.59 -6.69
N GLY B 356 44.19 18.20 -5.50
CA GLY B 356 44.06 19.63 -5.46
C GLY B 356 42.71 20.20 -5.04
N VAL B 357 41.62 19.50 -5.34
CA VAL B 357 40.32 20.04 -4.94
C VAL B 357 40.16 19.82 -3.44
N ARG B 358 39.86 20.89 -2.71
CA ARG B 358 39.71 20.82 -1.26
C ARG B 358 38.24 20.88 -0.87
N VAL B 359 37.92 20.31 0.28
CA VAL B 359 36.56 20.34 0.80
C VAL B 359 36.51 21.58 1.67
N GLU B 360 35.66 22.54 1.29
CA GLU B 360 35.53 23.77 2.06
C GLU B 360 34.08 23.98 2.45
N ASN B 361 33.83 23.96 3.75
CA ASN B 361 32.48 24.12 4.29
C ASN B 361 31.53 23.08 3.71
N GLY B 362 31.96 21.82 3.76
CA GLY B 362 31.15 20.72 3.26
C GLY B 362 30.96 20.69 1.76
N HIS B 363 31.75 21.48 1.02
CA HIS B 363 31.61 21.50 -0.44
C HIS B 363 32.92 21.46 -1.20
N ILE B 364 32.86 20.86 -2.39
CA ILE B 364 34.00 20.78 -3.28
C ILE B 364 33.51 21.41 -4.58
N THR B 365 34.42 21.77 -5.46
CA THR B 365 34.04 22.36 -6.73
C THR B 365 34.66 21.53 -7.84
N MET B 366 33.79 20.99 -8.69
CA MET B 366 34.23 20.15 -9.80
C MET B 366 35.09 20.89 -10.82
N PRO B 367 36.35 20.46 -11.00
CA PRO B 367 37.20 21.12 -11.98
C PRO B 367 36.75 20.64 -13.35
N ASP B 368 37.07 21.36 -14.42
CA ASP B 368 36.62 20.93 -15.74
C ASP B 368 37.52 19.90 -16.42
N LEU B 369 37.56 18.69 -15.88
CA LEU B 369 38.35 17.61 -16.44
C LEU B 369 37.45 16.80 -17.37
N PRO B 370 37.99 16.32 -18.51
CA PRO B 370 37.15 15.54 -19.42
C PRO B 370 36.72 14.22 -18.78
N GLY B 371 35.56 13.72 -19.17
CA GLY B 371 35.06 12.48 -18.61
C GLY B 371 34.72 12.63 -17.12
N ILE B 372 34.90 11.56 -16.37
CA ILE B 372 34.59 11.59 -14.93
C ILE B 372 35.62 12.41 -14.15
N GLY B 373 36.85 12.44 -14.64
CA GLY B 373 37.88 13.21 -13.95
C GLY B 373 38.87 12.36 -13.15
N PHE B 374 38.87 11.06 -13.39
CA PHE B 374 39.78 10.14 -12.70
C PHE B 374 41.24 10.52 -12.93
N GLU B 375 41.56 10.97 -14.15
CA GLU B 375 42.93 11.35 -14.48
C GLU B 375 43.50 12.38 -13.52
N GLY B 376 42.63 13.16 -12.89
CA GLY B 376 43.07 14.17 -11.96
C GLY B 376 43.49 13.66 -10.59
N LYS B 377 43.22 12.40 -10.29
CA LYS B 377 43.60 11.79 -9.01
C LYS B 377 44.70 10.77 -9.30
N SER B 378 45.95 11.24 -9.19
CA SER B 378 47.11 10.43 -9.51
C SER B 378 47.16 9.01 -8.96
N ASP B 379 46.96 8.84 -7.65
CA ASP B 379 47.02 7.49 -7.10
C ASP B 379 45.96 6.54 -7.65
N LEU B 380 44.83 7.09 -8.08
CA LEU B 380 43.76 6.26 -8.65
C LEU B 380 44.07 5.97 -10.13
N TYR B 381 44.38 7.02 -10.88
CA TYR B 381 44.69 6.87 -12.30
C TYR B 381 45.85 5.91 -12.53
N LYS B 382 46.81 5.90 -11.61
CA LYS B 382 47.97 5.01 -11.73
C LYS B 382 47.44 3.58 -11.84
N GLU B 383 46.47 3.26 -11.00
CA GLU B 383 45.86 1.93 -10.98
C GLU B 383 45.12 1.66 -12.29
N MET B 384 44.43 2.67 -12.80
CA MET B 384 43.68 2.55 -14.04
C MET B 384 44.53 2.39 -15.29
N LYS B 385 45.55 3.22 -15.48
CA LYS B 385 46.34 3.03 -16.69
C LYS B 385 47.12 1.72 -16.61
N ALA B 386 47.30 1.21 -15.41
CA ALA B 386 48.00 -0.07 -15.25
C ALA B 386 47.07 -1.18 -15.79
N LEU B 387 45.77 -0.96 -15.70
CA LEU B 387 44.80 -1.93 -16.20
C LEU B 387 44.72 -1.88 -17.72
N ALA B 388 44.64 -0.66 -18.27
CA ALA B 388 44.55 -0.45 -19.71
C ALA B 388 44.87 1.00 -19.99
N GLU B 389 45.61 1.25 -21.06
CA GLU B 389 46.01 2.59 -21.41
C GLU B 389 45.97 2.77 -22.92
N SER C 2 -50.78 -4.24 -9.77
CA SER C 2 -50.28 -2.97 -9.16
C SER C 2 -49.45 -3.18 -7.90
N VAL C 3 -48.21 -2.69 -7.93
CA VAL C 3 -47.32 -2.82 -6.78
C VAL C 3 -46.65 -1.49 -6.49
N ARG C 4 -46.97 -0.87 -5.37
CA ARG C 4 -46.35 0.39 -5.05
C ARG C 4 -46.19 0.69 -3.57
N ILE C 5 -45.16 1.47 -3.26
CA ILE C 5 -44.88 1.87 -1.89
C ILE C 5 -45.75 3.08 -1.64
N VAL C 6 -46.71 2.91 -0.75
CA VAL C 6 -47.67 3.95 -0.42
C VAL C 6 -47.24 4.87 0.73
N ASP C 7 -46.31 4.40 1.55
CA ASP C 7 -45.85 5.22 2.65
C ASP C 7 -44.59 4.66 3.28
N VAL C 8 -43.81 5.55 3.90
CA VAL C 8 -42.58 5.17 4.59
C VAL C 8 -42.67 5.91 5.93
N ARG C 9 -42.87 5.16 7.00
CA ARG C 9 -42.98 5.76 8.33
C ARG C 9 -41.76 5.42 9.16
N GLU C 10 -41.43 6.31 10.08
CA GLU C 10 -40.28 6.12 10.94
C GLU C 10 -40.59 6.60 12.33
N ILE C 11 -39.97 5.97 13.32
CA ILE C 11 -40.12 6.37 14.70
C ILE C 11 -38.82 6.03 15.42
N THR C 12 -38.28 7.01 16.13
CA THR C 12 -37.03 6.82 16.86
C THR C 12 -37.32 6.14 18.18
N LYS C 13 -36.64 5.02 18.42
CA LYS C 13 -36.81 4.27 19.65
C LYS C 13 -35.54 4.35 20.50
N PRO C 14 -35.70 4.37 21.83
CA PRO C 14 -34.53 4.43 22.71
C PRO C 14 -33.97 3.04 23.02
N ILE C 15 -32.65 2.92 23.00
CA ILE C 15 -31.98 1.68 23.33
C ILE C 15 -30.78 2.06 24.17
N SER C 16 -31.01 3.04 25.04
CA SER C 16 -29.98 3.59 25.91
C SER C 16 -29.84 2.93 27.29
N SER C 17 -28.65 3.06 27.86
CA SER C 17 -28.31 2.52 29.18
C SER C 17 -26.89 2.97 29.48
N PRO C 18 -26.47 2.87 30.75
CA PRO C 18 -25.11 3.31 31.07
C PRO C 18 -23.96 2.35 30.70
N ILE C 19 -24.23 1.34 29.87
CA ILE C 19 -23.14 0.44 29.48
C ILE C 19 -22.08 1.30 28.78
N ARG C 20 -20.83 0.89 28.89
CA ARG C 20 -19.73 1.63 28.31
C ARG C 20 -18.66 0.73 27.73
N ASN C 21 -18.03 1.18 26.64
CA ASN C 21 -16.93 0.43 26.06
C ASN C 21 -15.75 1.40 26.01
N ALA C 22 -14.63 0.98 25.45
CA ALA C 22 -13.43 1.83 25.40
C ALA C 22 -13.61 3.17 24.73
N TYR C 23 -14.57 3.28 23.82
CA TYR C 23 -14.76 4.51 23.06
C TYR C 23 -16.00 5.33 23.41
N ILE C 24 -17.10 4.64 23.72
CA ILE C 24 -18.38 5.30 23.95
C ILE C 24 -19.23 4.71 25.10
N ASP C 25 -20.22 5.47 25.55
CA ASP C 25 -21.17 4.95 26.53
C ASP C 25 -22.52 5.09 25.81
N PHE C 26 -23.48 4.22 26.12
CA PHE C 26 -24.78 4.21 25.45
C PHE C 26 -25.91 4.99 26.12
N THR C 27 -25.51 6.02 26.85
CA THR C 27 -26.41 6.88 27.58
C THR C 27 -27.54 7.54 26.79
N LYS C 28 -27.29 7.86 25.52
CA LYS C 28 -28.30 8.49 24.68
C LYS C 28 -28.54 7.68 23.41
N MET C 29 -28.14 6.42 23.40
CA MET C 29 -28.30 5.62 22.19
C MET C 29 -29.76 5.44 21.77
N THR C 30 -29.99 5.58 20.46
CA THR C 30 -31.31 5.44 19.87
C THR C 30 -31.21 4.63 18.59
N THR C 31 -32.37 4.32 18.01
CA THR C 31 -32.42 3.58 16.75
C THR C 31 -33.72 3.94 16.04
N SER C 32 -33.70 3.88 14.71
CA SER C 32 -34.87 4.20 13.92
C SER C 32 -35.63 2.95 13.51
N LEU C 33 -36.92 2.92 13.81
CA LEU C 33 -37.75 1.78 13.43
C LEU C 33 -38.48 2.28 12.17
N VAL C 34 -38.31 1.57 11.07
CA VAL C 34 -38.94 1.98 9.81
C VAL C 34 -39.93 0.97 9.23
N ALA C 35 -40.95 1.51 8.58
CA ALA C 35 -41.98 0.69 7.95
C ALA C 35 -42.18 1.15 6.51
N VAL C 36 -42.11 0.20 5.59
CA VAL C 36 -42.32 0.49 4.18
C VAL C 36 -43.67 -0.15 3.85
N VAL C 37 -44.69 0.69 3.73
CA VAL C 37 -46.05 0.25 3.46
C VAL C 37 -46.35 0.15 1.97
N THR C 38 -46.83 -1.02 1.55
CA THR C 38 -47.17 -1.22 0.15
C THR C 38 -48.69 -1.33 0.01
N ASP C 39 -49.17 -1.45 -1.22
CA ASP C 39 -50.60 -1.59 -1.48
C ASP C 39 -50.89 -3.03 -1.89
N VAL C 40 -49.94 -3.92 -1.66
CA VAL C 40 -50.11 -5.32 -2.02
C VAL C 40 -50.79 -6.06 -0.87
N VAL C 41 -51.78 -6.87 -1.21
CA VAL C 41 -52.49 -7.64 -0.20
C VAL C 41 -52.15 -9.13 -0.27
N ARG C 42 -51.82 -9.69 0.89
CA ARG C 42 -51.45 -11.09 1.02
C ARG C 42 -52.19 -11.63 2.23
N GLU C 43 -53.09 -12.57 2.00
CA GLU C 43 -53.86 -13.18 3.08
C GLU C 43 -54.76 -12.17 3.78
N GLY C 44 -55.40 -11.31 2.99
CA GLY C 44 -56.30 -10.31 3.55
C GLY C 44 -55.65 -9.06 4.11
N LYS C 45 -54.39 -9.15 4.54
CA LYS C 45 -53.70 -7.99 5.10
C LYS C 45 -52.69 -7.43 4.09
N ARG C 46 -52.43 -6.12 4.13
CA ARG C 46 -51.46 -5.57 3.20
C ARG C 46 -50.07 -5.78 3.76
N VAL C 47 -49.11 -5.92 2.86
CA VAL C 47 -47.73 -6.17 3.19
C VAL C 47 -47.00 -4.90 3.58
N VAL C 48 -46.33 -4.98 4.72
CA VAL C 48 -45.55 -3.87 5.25
C VAL C 48 -44.16 -4.40 5.59
N GLY C 49 -43.13 -3.76 5.04
CA GLY C 49 -41.76 -4.18 5.33
C GLY C 49 -41.28 -3.39 6.53
N TYR C 50 -40.45 -3.99 7.37
CA TYR C 50 -39.93 -3.30 8.55
C TYR C 50 -38.43 -3.36 8.63
N GLY C 51 -37.85 -2.42 9.36
CA GLY C 51 -36.42 -2.38 9.54
C GLY C 51 -36.05 -1.44 10.67
N PHE C 52 -34.83 -1.60 11.18
CA PHE C 52 -34.31 -0.74 12.24
C PHE C 52 -32.79 -0.78 12.13
N ASN C 53 -32.10 0.23 12.62
CA ASN C 53 -30.64 0.21 12.53
C ASN C 53 -30.00 -0.34 13.80
N SER C 54 -28.78 -0.84 13.66
CA SER C 54 -28.05 -1.44 14.77
C SER C 54 -27.63 -0.39 15.80
N ASN C 55 -27.30 -0.88 16.98
CA ASN C 55 -26.85 -0.04 18.08
C ASN C 55 -25.55 0.67 17.72
N GLY C 56 -25.30 1.81 18.37
CA GLY C 56 -24.05 2.51 18.16
C GLY C 56 -23.99 3.75 17.30
N ARG C 57 -24.76 3.80 16.21
CA ARG C 57 -24.71 4.98 15.35
C ARG C 57 -25.89 5.94 15.48
N TYR C 58 -26.82 5.62 16.37
CA TYR C 58 -28.00 6.46 16.63
C TYR C 58 -29.07 6.41 15.55
N GLY C 59 -30.27 6.85 15.91
CA GLY C 59 -31.38 6.88 14.98
C GLY C 59 -31.16 7.94 13.92
N GLN C 60 -31.84 7.80 12.79
CA GLN C 60 -31.70 8.74 11.67
C GLN C 60 -33.05 9.25 11.17
N GLY C 61 -33.95 9.54 12.09
CA GLY C 61 -35.27 10.02 11.72
C GLY C 61 -35.25 11.20 10.75
N GLY C 62 -34.40 12.18 11.04
CA GLY C 62 -34.29 13.36 10.18
C GLY C 62 -33.92 13.05 8.74
N LEU C 63 -32.84 12.30 8.56
CA LEU C 63 -32.39 11.96 7.21
C LEU C 63 -33.44 11.15 6.46
N ILE C 64 -34.02 10.18 7.15
CA ILE C 64 -35.03 9.33 6.54
C ILE C 64 -36.20 10.16 6.01
N ARG C 65 -36.66 11.11 6.81
CA ARG C 65 -37.78 11.95 6.43
C ARG C 65 -37.42 13.02 5.41
N GLU C 66 -36.40 13.79 5.73
CA GLU C 66 -35.96 14.89 4.88
C GLU C 66 -35.29 14.56 3.56
N ARG C 67 -34.68 13.39 3.43
CA ARG C 67 -34.02 13.10 2.18
C ARG C 67 -34.36 11.82 1.45
N PHE C 68 -34.39 10.70 2.16
CA PHE C 68 -34.61 9.42 1.49
C PHE C 68 -36.03 8.94 1.24
N ALA C 69 -36.89 8.99 2.27
CA ALA C 69 -38.27 8.54 2.11
C ALA C 69 -38.96 9.33 0.99
N SER C 70 -38.81 10.65 1.02
CA SER C 70 -39.42 11.50 0.00
C SER C 70 -39.04 11.10 -1.44
N ARG C 71 -37.79 10.74 -1.69
CA ARG C 71 -37.38 10.36 -3.03
C ARG C 71 -38.12 9.09 -3.47
N ILE C 72 -38.29 8.15 -2.55
CA ILE C 72 -38.98 6.90 -2.86
C ILE C 72 -40.45 7.13 -3.18
N LEU C 73 -41.11 7.92 -2.35
CA LEU C 73 -42.53 8.22 -2.52
C LEU C 73 -42.80 9.10 -3.75
N GLU C 74 -41.82 9.90 -4.14
CA GLU C 74 -41.98 10.80 -5.29
C GLU C 74 -41.63 10.11 -6.61
N ALA C 75 -40.99 8.95 -6.52
CA ALA C 75 -40.59 8.22 -7.71
C ALA C 75 -41.78 7.58 -8.42
N ASP C 76 -41.64 7.45 -9.74
CA ASP C 76 -42.68 6.82 -10.55
C ASP C 76 -42.75 5.36 -10.10
N PRO C 77 -43.87 4.93 -9.53
CA PRO C 77 -44.03 3.56 -9.05
C PRO C 77 -43.64 2.50 -10.09
N LYS C 78 -43.94 2.77 -11.35
CA LYS C 78 -43.63 1.82 -12.41
C LYS C 78 -42.14 1.63 -12.64
N LYS C 79 -41.33 2.59 -12.18
CA LYS C 79 -39.90 2.48 -12.37
C LYS C 79 -39.16 1.81 -11.21
N LEU C 80 -39.92 1.28 -10.27
CA LEU C 80 -39.33 0.61 -9.12
C LEU C 80 -39.64 -0.88 -9.11
N LEU C 81 -40.25 -1.37 -10.18
CA LEU C 81 -40.62 -2.78 -10.27
C LEU C 81 -39.58 -3.64 -10.98
N ASN C 82 -39.66 -4.95 -10.77
CA ASN C 82 -38.75 -5.88 -11.41
C ASN C 82 -39.15 -6.08 -12.88
N GLU C 83 -38.46 -6.99 -13.56
CA GLU C 83 -38.71 -7.32 -14.95
C GLU C 83 -40.18 -7.61 -15.25
N ALA C 84 -40.75 -8.52 -14.46
CA ALA C 84 -42.13 -8.92 -14.63
C ALA C 84 -43.14 -7.90 -14.15
N GLY C 85 -42.68 -6.91 -13.39
CA GLY C 85 -43.59 -5.90 -12.88
C GLY C 85 -44.55 -6.44 -11.82
N ASP C 86 -44.16 -7.54 -11.17
CA ASP C 86 -45.00 -8.14 -10.15
C ASP C 86 -44.44 -7.98 -8.73
N ASN C 87 -43.36 -7.23 -8.61
CA ASN C 87 -42.76 -6.99 -7.30
C ASN C 87 -41.81 -5.81 -7.40
N LEU C 88 -41.38 -5.32 -6.24
CA LEU C 88 -40.44 -4.21 -6.19
C LEU C 88 -39.03 -4.75 -6.47
N ASP C 89 -38.22 -3.94 -7.14
CA ASP C 89 -36.84 -4.30 -7.42
C ASP C 89 -36.04 -3.52 -6.37
N PRO C 90 -35.47 -4.22 -5.38
CA PRO C 90 -34.68 -3.59 -4.32
C PRO C 90 -33.64 -2.59 -4.82
N ASP C 91 -32.89 -2.99 -5.85
CA ASP C 91 -31.86 -2.13 -6.40
C ASP C 91 -32.40 -0.87 -7.05
N LYS C 92 -33.60 -0.94 -7.63
CA LYS C 92 -34.19 0.25 -8.25
C LYS C 92 -34.63 1.19 -7.14
N VAL C 93 -35.15 0.62 -6.05
CA VAL C 93 -35.59 1.44 -4.93
C VAL C 93 -34.34 2.08 -4.31
N TRP C 94 -33.28 1.30 -4.24
CA TRP C 94 -32.02 1.78 -3.69
C TRP C 94 -31.52 2.97 -4.52
N ALA C 95 -31.46 2.78 -5.83
CA ALA C 95 -30.99 3.83 -6.73
C ALA C 95 -31.85 5.07 -6.60
N ALA C 96 -33.16 4.86 -6.49
CA ALA C 96 -34.08 5.97 -6.38
C ALA C 96 -33.83 6.84 -5.15
N MET C 97 -33.54 6.20 -4.02
CA MET C 97 -33.31 7.00 -2.84
C MET C 97 -31.87 7.55 -2.77
N MET C 98 -31.00 7.04 -3.63
CA MET C 98 -29.62 7.51 -3.64
C MET C 98 -29.34 8.62 -4.65
N ILE C 99 -30.36 9.11 -5.36
CA ILE C 99 -30.13 10.17 -6.34
C ILE C 99 -29.69 11.45 -5.64
N ASN C 100 -28.87 12.23 -6.32
CA ASN C 100 -28.37 13.48 -5.79
C ASN C 100 -27.58 13.37 -4.49
N GLU C 101 -26.87 12.26 -4.33
CA GLU C 101 -26.03 12.04 -3.16
C GLU C 101 -24.59 12.03 -3.69
N LYS C 102 -23.74 12.94 -3.20
CA LYS C 102 -22.35 12.99 -3.64
C LYS C 102 -21.54 11.84 -3.05
N PRO C 103 -20.47 11.40 -3.75
CA PRO C 103 -19.60 10.31 -3.30
C PRO C 103 -18.85 10.61 -2.02
N GLY C 104 -18.38 9.56 -1.36
CA GLY C 104 -17.66 9.72 -0.10
C GLY C 104 -18.62 10.07 1.02
N GLY C 105 -18.08 10.33 2.20
CA GLY C 105 -18.92 10.66 3.34
C GLY C 105 -19.88 9.55 3.72
N HIS C 106 -19.36 8.34 3.87
CA HIS C 106 -20.19 7.21 4.22
C HIS C 106 -20.38 7.02 5.72
N GLY C 107 -21.37 7.74 6.25
CA GLY C 107 -21.71 7.68 7.66
C GLY C 107 -23.03 8.39 7.83
N GLU C 108 -23.84 7.97 8.79
CA GLU C 108 -25.14 8.60 9.06
C GLU C 108 -26.16 8.29 7.94
N ARG C 109 -25.93 8.81 6.73
CA ARG C 109 -26.86 8.54 5.65
C ARG C 109 -26.80 7.05 5.28
N SER C 110 -25.67 6.41 5.54
CA SER C 110 -25.51 4.99 5.28
C SER C 110 -26.43 4.20 6.22
N VAL C 111 -26.67 4.74 7.40
CA VAL C 111 -27.54 4.09 8.38
C VAL C 111 -29.01 4.29 7.98
N ALA C 112 -29.34 5.50 7.53
CA ALA C 112 -30.69 5.82 7.10
C ALA C 112 -31.07 4.94 5.92
N VAL C 113 -30.19 4.87 4.92
CA VAL C 113 -30.46 4.07 3.74
C VAL C 113 -30.49 2.57 4.06
N GLY C 114 -29.55 2.13 4.89
CA GLY C 114 -29.51 0.73 5.27
C GLY C 114 -30.75 0.27 6.02
N THR C 115 -31.34 1.17 6.79
CA THR C 115 -32.52 0.82 7.55
C THR C 115 -33.75 0.75 6.63
N ILE C 116 -33.83 1.66 5.66
CA ILE C 116 -34.96 1.64 4.73
C ILE C 116 -34.82 0.41 3.84
N ASP C 117 -33.58 0.14 3.41
CA ASP C 117 -33.28 -1.01 2.57
C ASP C 117 -33.76 -2.29 3.24
N MET C 118 -33.51 -2.42 4.54
CA MET C 118 -33.93 -3.60 5.27
C MET C 118 -35.44 -3.81 5.10
N ALA C 119 -36.21 -2.75 5.30
CA ALA C 119 -37.65 -2.82 5.17
C ALA C 119 -38.08 -3.13 3.73
N VAL C 120 -37.31 -2.65 2.75
CA VAL C 120 -37.64 -2.90 1.35
C VAL C 120 -37.49 -4.39 1.02
N TRP C 121 -36.38 -4.99 1.44
CA TRP C 121 -36.16 -6.42 1.19
C TRP C 121 -37.17 -7.27 1.96
N ASP C 122 -37.59 -6.78 3.12
CA ASP C 122 -38.56 -7.48 3.94
C ASP C 122 -39.88 -7.54 3.15
N ALA C 123 -40.28 -6.40 2.58
CA ALA C 123 -41.51 -6.32 1.81
C ALA C 123 -41.41 -7.14 0.54
N VAL C 124 -40.29 -7.05 -0.16
CA VAL C 124 -40.10 -7.80 -1.39
C VAL C 124 -40.25 -9.30 -1.16
N ALA C 125 -39.61 -9.81 -0.11
CA ALA C 125 -39.69 -11.23 0.20
C ALA C 125 -41.14 -11.62 0.56
N LYS C 126 -41.80 -10.77 1.34
CA LYS C 126 -43.19 -11.03 1.72
C LYS C 126 -44.09 -11.06 0.48
N ILE C 127 -43.88 -10.13 -0.45
CA ILE C 127 -44.67 -10.10 -1.67
C ILE C 127 -44.42 -11.39 -2.48
N ALA C 128 -43.19 -11.89 -2.43
CA ALA C 128 -42.83 -13.11 -3.14
C ALA C 128 -43.26 -14.35 -2.35
N GLY C 129 -43.71 -14.12 -1.12
CA GLY C 129 -44.14 -15.22 -0.27
C GLY C 129 -43.04 -16.17 0.14
N LYS C 130 -41.84 -15.64 0.38
CA LYS C 130 -40.73 -16.49 0.77
C LYS C 130 -39.94 -15.90 1.93
N PRO C 131 -39.20 -16.76 2.66
CA PRO C 131 -38.41 -16.23 3.76
C PRO C 131 -37.28 -15.50 3.03
N LEU C 132 -36.83 -14.36 3.55
CA LEU C 132 -35.78 -13.61 2.86
C LEU C 132 -34.56 -14.44 2.50
N PHE C 133 -34.08 -15.24 3.45
CA PHE C 133 -32.90 -16.05 3.19
C PHE C 133 -33.06 -17.02 2.03
N ARG C 134 -34.28 -17.49 1.80
CA ARG C 134 -34.47 -18.41 0.69
C ARG C 134 -34.57 -17.64 -0.61
N LEU C 135 -35.12 -16.43 -0.55
CA LEU C 135 -35.22 -15.61 -1.75
C LEU C 135 -33.81 -15.24 -2.19
N LEU C 136 -32.95 -14.96 -1.22
CA LEU C 136 -31.58 -14.58 -1.51
C LEU C 136 -30.82 -15.73 -2.15
N ALA C 137 -30.94 -16.92 -1.56
CA ALA C 137 -30.28 -18.10 -2.11
C ALA C 137 -30.72 -18.30 -3.56
N GLU C 138 -32.01 -18.12 -3.83
CA GLU C 138 -32.53 -18.26 -5.17
C GLU C 138 -31.90 -17.25 -6.13
N ARG C 139 -31.90 -15.98 -5.75
CA ARG C 139 -31.33 -14.94 -6.59
C ARG C 139 -29.84 -15.15 -6.87
N HIS C 140 -29.13 -15.77 -5.93
CA HIS C 140 -27.70 -16.03 -6.11
C HIS C 140 -27.38 -17.41 -6.67
N GLY C 141 -28.41 -18.21 -6.92
CA GLY C 141 -28.20 -19.54 -7.45
C GLY C 141 -27.43 -20.46 -6.52
N VAL C 142 -27.66 -20.33 -5.22
CA VAL C 142 -26.98 -21.18 -4.24
C VAL C 142 -28.02 -21.86 -3.35
N LYS C 143 -27.57 -22.82 -2.55
CA LYS C 143 -28.46 -23.53 -1.64
C LYS C 143 -28.36 -22.90 -0.27
N ALA C 144 -29.50 -22.50 0.27
CA ALA C 144 -29.54 -21.88 1.59
C ALA C 144 -29.27 -22.89 2.70
N ASN C 145 -28.80 -22.40 3.83
CA ASN C 145 -28.52 -23.23 4.98
C ASN C 145 -29.10 -22.50 6.18
N PRO C 146 -30.26 -22.96 6.68
CA PRO C 146 -30.95 -22.35 7.83
C PRO C 146 -30.22 -22.41 9.19
N ARG C 147 -29.19 -23.23 9.28
CA ARG C 147 -28.44 -23.34 10.54
C ARG C 147 -27.36 -22.26 10.54
N VAL C 148 -27.53 -21.27 11.42
CA VAL C 148 -26.58 -20.15 11.50
C VAL C 148 -25.85 -20.05 12.84
N PHE C 149 -24.55 -19.81 12.77
CA PHE C 149 -23.76 -19.66 13.99
C PHE C 149 -23.96 -18.27 14.59
N VAL C 150 -24.15 -18.20 15.91
CA VAL C 150 -24.34 -16.94 16.59
C VAL C 150 -23.53 -16.94 17.88
N TYR C 151 -23.03 -15.77 18.28
CA TYR C 151 -22.26 -15.67 19.50
C TYR C 151 -22.88 -14.55 20.33
N ALA C 152 -22.72 -14.63 21.65
CA ALA C 152 -23.29 -13.62 22.53
C ALA C 152 -22.28 -12.52 22.84
N ALA C 153 -22.69 -11.27 22.61
CA ALA C 153 -21.83 -10.12 22.85
C ALA C 153 -22.33 -9.32 24.06
N GLY C 154 -21.41 -8.94 24.93
CA GLY C 154 -21.75 -8.17 26.12
C GLY C 154 -20.47 -7.81 26.85
N GLY C 155 -20.41 -8.12 28.14
CA GLY C 155 -19.21 -7.82 28.91
C GLY C 155 -18.79 -6.37 28.87
N TYR C 156 -19.77 -5.47 28.98
CA TYR C 156 -19.49 -4.04 28.97
C TYR C 156 -19.14 -3.57 30.36
N TYR C 157 -18.53 -2.39 30.44
CA TYR C 157 -18.19 -1.79 31.73
C TYR C 157 -19.52 -1.18 32.16
N TYR C 158 -19.87 -1.33 33.44
CA TYR C 158 -21.12 -0.79 33.97
C TYR C 158 -20.89 -0.33 35.39
N PRO C 159 -21.48 0.82 35.78
CA PRO C 159 -21.32 1.36 37.13
C PRO C 159 -21.66 0.32 38.21
N GLY C 160 -20.70 -0.01 39.05
CA GLY C 160 -20.94 -0.98 40.10
C GLY C 160 -20.91 -2.45 39.71
N LYS C 161 -20.59 -2.72 38.45
CA LYS C 161 -20.52 -4.09 37.95
C LYS C 161 -19.12 -4.65 38.19
N GLY C 162 -19.02 -5.65 39.06
CA GLY C 162 -17.73 -6.25 39.37
C GLY C 162 -17.49 -7.56 38.64
N LEU C 163 -16.39 -8.24 38.99
CA LEU C 163 -16.04 -9.50 38.36
C LEU C 163 -17.11 -10.57 38.53
N SER C 164 -17.65 -10.67 39.74
CA SER C 164 -18.68 -11.66 40.03
C SER C 164 -19.87 -11.42 39.10
N MET C 165 -20.25 -10.16 38.92
CA MET C 165 -21.37 -9.84 38.05
C MET C 165 -21.01 -10.13 36.59
N LEU C 166 -19.76 -9.90 36.22
CA LEU C 166 -19.31 -10.17 34.85
C LEU C 166 -19.44 -11.66 34.60
N ARG C 167 -18.96 -12.46 35.55
CA ARG C 167 -19.02 -13.91 35.45
C ARG C 167 -20.46 -14.36 35.30
N GLY C 168 -21.35 -13.76 36.07
CA GLY C 168 -22.75 -14.12 36.02
C GLY C 168 -23.37 -13.84 34.65
N GLU C 169 -23.00 -12.72 34.06
CA GLU C 169 -23.51 -12.33 32.74
C GLU C 169 -23.13 -13.39 31.73
N MET C 170 -21.87 -13.78 31.74
CA MET C 170 -21.37 -14.78 30.81
C MET C 170 -22.02 -16.14 31.02
N ARG C 171 -22.17 -16.55 32.28
CA ARG C 171 -22.79 -17.84 32.56
C ARG C 171 -24.21 -17.78 32.02
N GLY C 172 -24.83 -16.61 32.12
CA GLY C 172 -26.18 -16.43 31.62
C GLY C 172 -26.27 -16.72 30.13
N TYR C 173 -25.23 -16.37 29.38
CA TYR C 173 -25.22 -16.64 27.94
C TYR C 173 -25.00 -18.11 27.68
N LEU C 174 -24.11 -18.73 28.46
CA LEU C 174 -23.87 -20.15 28.29
C LEU C 174 -25.14 -20.92 28.63
N ASP C 175 -25.89 -20.45 29.62
CA ASP C 175 -27.12 -21.13 30.00
C ASP C 175 -28.10 -21.13 28.85
N ARG C 176 -27.97 -20.15 27.96
CA ARG C 176 -28.88 -20.06 26.82
C ARG C 176 -28.37 -20.74 25.56
N GLY C 177 -27.30 -21.52 25.69
CA GLY C 177 -26.78 -22.26 24.55
C GLY C 177 -25.59 -21.71 23.77
N TYR C 178 -25.11 -20.52 24.13
CA TYR C 178 -23.97 -19.94 23.42
C TYR C 178 -22.65 -20.61 23.80
N ASN C 179 -21.75 -20.76 22.84
CA ASN C 179 -20.45 -21.36 23.10
C ASN C 179 -19.30 -20.41 22.72
N VAL C 180 -19.66 -19.16 22.47
CA VAL C 180 -18.68 -18.11 22.16
C VAL C 180 -19.26 -16.82 22.71
N VAL C 181 -18.50 -16.13 23.55
CA VAL C 181 -18.95 -14.87 24.13
C VAL C 181 -17.92 -13.78 23.87
N LYS C 182 -18.38 -12.52 23.85
CA LYS C 182 -17.49 -11.40 23.61
C LYS C 182 -17.64 -10.37 24.73
N MET C 183 -16.54 -9.72 25.09
CA MET C 183 -16.56 -8.73 26.14
C MET C 183 -15.75 -7.53 25.67
N ALA C 184 -16.02 -6.37 26.25
CA ALA C 184 -15.30 -5.16 25.89
C ALA C 184 -14.00 -5.05 26.71
N ILE C 185 -12.98 -4.44 26.12
CA ILE C 185 -11.70 -4.23 26.79
C ILE C 185 -11.19 -2.86 26.37
N GLY C 186 -10.15 -2.39 27.05
CA GLY C 186 -9.60 -1.11 26.72
C GLY C 186 -10.31 0.03 27.44
N GLY C 187 -11.27 -0.32 28.30
CA GLY C 187 -11.99 0.69 29.04
C GLY C 187 -11.48 0.80 30.47
N ALA C 188 -10.34 0.14 30.71
CA ALA C 188 -9.70 0.15 32.03
C ALA C 188 -8.21 -0.11 31.83
N PRO C 189 -7.40 0.01 32.91
CA PRO C 189 -5.97 -0.23 32.79
C PRO C 189 -5.75 -1.65 32.28
N ILE C 190 -4.69 -1.86 31.49
CA ILE C 190 -4.42 -3.17 30.94
C ILE C 190 -4.41 -4.30 31.95
N GLU C 191 -3.90 -4.05 33.15
CA GLU C 191 -3.85 -5.11 34.16
C GLU C 191 -5.22 -5.39 34.78
N GLU C 192 -6.11 -4.41 34.72
CA GLU C 192 -7.44 -4.59 35.25
C GLU C 192 -8.21 -5.42 34.23
N ASP C 193 -7.99 -5.13 32.94
CA ASP C 193 -8.65 -5.89 31.89
C ASP C 193 -8.19 -7.35 31.94
N ARG C 194 -6.92 -7.56 32.29
CA ARG C 194 -6.41 -8.93 32.37
C ARG C 194 -7.25 -9.70 33.40
N MET C 195 -7.53 -9.04 34.52
CA MET C 195 -8.33 -9.66 35.58
C MET C 195 -9.73 -9.98 35.10
N ARG C 196 -10.33 -9.05 34.38
CA ARG C 196 -11.68 -9.26 33.87
C ARG C 196 -11.68 -10.43 32.89
N ILE C 197 -10.63 -10.52 32.07
CA ILE C 197 -10.53 -11.59 31.10
C ILE C 197 -10.36 -12.96 31.77
N GLU C 198 -9.47 -13.04 32.74
CA GLU C 198 -9.23 -14.30 33.42
C GLU C 198 -10.48 -14.75 34.16
N ALA C 199 -11.19 -13.80 34.74
CA ALA C 199 -12.41 -14.11 35.46
C ALA C 199 -13.40 -14.80 34.50
N VAL C 200 -13.63 -14.17 33.34
CA VAL C 200 -14.55 -14.72 32.36
C VAL C 200 -14.05 -16.07 31.86
N LEU C 201 -12.75 -16.13 31.55
CA LEU C 201 -12.14 -17.36 31.05
C LEU C 201 -12.36 -18.51 32.04
N GLU C 202 -12.21 -18.22 33.32
CA GLU C 202 -12.40 -19.23 34.34
C GLU C 202 -13.85 -19.67 34.41
N GLU C 203 -14.76 -18.71 34.36
CA GLU C 203 -16.17 -19.01 34.41
C GLU C 203 -16.64 -19.92 33.28
N ILE C 204 -16.29 -19.58 32.03
CA ILE C 204 -16.72 -20.39 30.89
C ILE C 204 -15.95 -21.70 30.74
N GLY C 205 -14.78 -21.78 31.39
CA GLY C 205 -13.99 -22.99 31.31
C GLY C 205 -13.86 -23.56 29.91
N LYS C 206 -14.20 -24.83 29.74
CA LYS C 206 -14.09 -25.50 28.45
C LYS C 206 -15.40 -25.51 27.65
N ASP C 207 -16.43 -24.84 28.17
CA ASP C 207 -17.72 -24.82 27.50
C ASP C 207 -17.90 -23.69 26.48
N ALA C 208 -16.98 -22.74 26.46
CA ALA C 208 -17.07 -21.63 25.52
C ALA C 208 -15.75 -20.91 25.31
N GLN C 209 -15.66 -20.17 24.21
CA GLN C 209 -14.47 -19.42 23.90
C GLN C 209 -14.76 -17.95 24.08
N LEU C 210 -13.72 -17.18 24.40
CA LEU C 210 -13.87 -15.75 24.65
C LEU C 210 -13.28 -14.86 23.57
N ALA C 211 -14.05 -13.84 23.17
CA ALA C 211 -13.59 -12.86 22.19
C ALA C 211 -13.55 -11.51 22.91
N VAL C 212 -12.59 -10.66 22.55
CA VAL C 212 -12.44 -9.35 23.18
C VAL C 212 -12.57 -8.24 22.13
N ASP C 213 -13.12 -7.11 22.54
CA ASP C 213 -13.34 -5.97 21.66
C ASP C 213 -12.78 -4.68 22.25
N ALA C 214 -11.85 -4.06 21.52
CA ALA C 214 -11.23 -2.81 21.98
C ALA C 214 -11.96 -1.59 21.42
N ASN C 215 -12.93 -1.82 20.55
CA ASN C 215 -13.72 -0.75 19.96
C ASN C 215 -12.93 0.38 19.29
N GLY C 216 -11.82 0.02 18.65
CA GLY C 216 -10.99 0.98 17.94
C GLY C 216 -10.36 2.10 18.75
N ARG C 217 -10.20 1.88 20.04
CA ARG C 217 -9.64 2.91 20.93
C ARG C 217 -8.10 3.01 20.97
N PHE C 218 -7.41 1.89 20.74
CA PHE C 218 -5.96 1.84 20.82
C PHE C 218 -5.12 2.46 19.69
N ASN C 219 -4.00 3.07 20.07
CA ASN C 219 -3.07 3.62 19.10
C ASN C 219 -2.15 2.41 18.84
N LEU C 220 -1.17 2.55 17.95
CA LEU C 220 -0.29 1.42 17.65
C LEU C 220 0.40 0.78 18.85
N GLU C 221 1.05 1.59 19.67
CA GLU C 221 1.76 1.06 20.83
C GLU C 221 0.86 0.36 21.85
N THR C 222 -0.30 0.95 22.13
CA THR C 222 -1.24 0.34 23.06
C THR C 222 -1.79 -0.94 22.46
N GLY C 223 -2.05 -0.92 21.16
CA GLY C 223 -2.57 -2.10 20.49
C GLY C 223 -1.60 -3.25 20.64
N ILE C 224 -0.31 -2.95 20.48
CA ILE C 224 0.74 -3.96 20.60
C ILE C 224 0.87 -4.44 22.04
N ALA C 225 0.77 -3.50 22.98
CA ALA C 225 0.88 -3.86 24.40
C ALA C 225 -0.21 -4.86 24.77
N TYR C 226 -1.44 -4.56 24.37
CA TYR C 226 -2.56 -5.46 24.66
C TYR C 226 -2.37 -6.78 23.92
N ALA C 227 -1.82 -6.71 22.71
CA ALA C 227 -1.60 -7.91 21.92
C ALA C 227 -0.69 -8.88 22.66
N LYS C 228 0.41 -8.36 23.23
CA LYS C 228 1.35 -9.19 23.96
C LYS C 228 0.72 -9.85 25.18
N MET C 229 -0.19 -9.13 25.83
CA MET C 229 -0.88 -9.64 27.01
C MET C 229 -1.91 -10.68 26.57
N LEU C 230 -2.70 -10.31 25.57
CA LEU C 230 -3.77 -11.15 25.02
C LEU C 230 -3.35 -12.46 24.38
N ARG C 231 -2.27 -12.44 23.61
CA ARG C 231 -1.83 -13.65 22.90
C ARG C 231 -1.49 -14.84 23.81
N ASP C 232 -1.37 -14.61 25.11
CA ASP C 232 -1.08 -15.69 26.04
C ASP C 232 -2.33 -16.47 26.39
N TYR C 233 -3.49 -15.96 25.99
CA TYR C 233 -4.76 -16.61 26.27
C TYR C 233 -5.37 -17.17 24.99
N PRO C 234 -6.18 -18.24 25.11
CA PRO C 234 -6.83 -18.88 23.96
C PRO C 234 -8.10 -18.16 23.48
N LEU C 235 -7.95 -16.89 23.14
CA LEU C 235 -9.07 -16.08 22.68
C LEU C 235 -9.63 -16.45 21.31
N PHE C 236 -10.92 -16.23 21.14
CA PHE C 236 -11.58 -16.53 19.86
C PHE C 236 -11.14 -15.50 18.83
N TRP C 237 -11.13 -14.22 19.25
CA TRP C 237 -10.64 -13.15 18.38
C TRP C 237 -10.42 -11.85 19.15
N TYR C 238 -9.62 -10.98 18.54
CA TYR C 238 -9.24 -9.66 19.08
C TYR C 238 -9.89 -8.68 18.06
N GLU C 239 -10.91 -7.97 18.50
CA GLU C 239 -11.67 -7.06 17.63
C GLU C 239 -11.36 -5.57 17.64
N GLU C 240 -11.43 -4.97 16.45
CA GLU C 240 -11.20 -3.55 16.23
C GLU C 240 -10.19 -2.92 17.20
N VAL C 241 -8.92 -3.29 17.02
CA VAL C 241 -7.83 -2.82 17.86
C VAL C 241 -7.65 -1.30 17.83
N GLY C 242 -7.52 -0.77 16.61
CA GLY C 242 -7.34 0.66 16.45
C GLY C 242 -8.43 1.29 15.61
N ASP C 243 -8.27 2.58 15.33
CA ASP C 243 -9.24 3.33 14.54
C ASP C 243 -9.59 2.51 13.30
N PRO C 244 -10.90 2.36 13.01
CA PRO C 244 -11.37 1.58 11.87
C PRO C 244 -10.79 1.97 10.51
N LEU C 245 -10.28 3.19 10.40
CA LEU C 245 -9.70 3.67 9.15
C LEU C 245 -8.16 3.64 9.11
N ASP C 246 -7.52 3.30 10.22
CA ASP C 246 -6.06 3.26 10.28
C ASP C 246 -5.61 1.85 9.85
N TYR C 247 -5.66 1.61 8.55
CA TYR C 247 -5.30 0.31 8.00
C TYR C 247 -3.87 -0.09 8.28
N ALA C 248 -2.97 0.89 8.29
CA ALA C 248 -1.57 0.61 8.56
C ALA C 248 -1.39 0.05 9.96
N LEU C 249 -2.17 0.54 10.91
CA LEU C 249 -2.06 0.05 12.29
C LEU C 249 -2.46 -1.42 12.33
N GLN C 250 -3.56 -1.76 11.68
CA GLN C 250 -4.04 -3.14 11.64
C GLN C 250 -2.99 -4.06 11.01
N ALA C 251 -2.42 -3.64 9.89
CA ALA C 251 -1.41 -4.41 9.19
C ALA C 251 -0.21 -4.72 10.09
N ALA C 252 0.22 -3.71 10.84
CA ALA C 252 1.37 -3.86 11.73
C ALA C 252 1.12 -4.84 12.87
N LEU C 253 -0.14 -5.05 13.23
CA LEU C 253 -0.45 -5.96 14.33
C LEU C 253 -0.20 -7.43 14.04
N ALA C 254 -0.26 -7.81 12.76
CA ALA C 254 -0.03 -9.20 12.38
C ALA C 254 1.31 -9.71 12.93
N GLU C 255 2.28 -8.82 13.07
CA GLU C 255 3.61 -9.18 13.56
C GLU C 255 3.62 -9.59 15.03
N PHE C 256 2.65 -9.07 15.79
CA PHE C 256 2.59 -9.35 17.22
C PHE C 256 1.44 -10.23 17.67
N TYR C 257 0.46 -10.42 16.79
CA TYR C 257 -0.71 -11.20 17.16
C TYR C 257 -1.07 -12.21 16.07
N PRO C 258 -0.56 -13.43 16.18
CA PRO C 258 -0.86 -14.46 15.17
C PRO C 258 -2.30 -14.95 15.24
N GLY C 259 -2.91 -14.85 16.42
CA GLY C 259 -4.29 -15.29 16.60
C GLY C 259 -5.29 -14.49 15.76
N PRO C 260 -6.50 -15.02 15.54
CA PRO C 260 -7.49 -14.30 14.74
C PRO C 260 -7.90 -12.92 15.25
N MET C 261 -8.10 -12.01 14.30
CA MET C 261 -8.52 -10.66 14.61
C MET C 261 -9.77 -10.33 13.79
N ALA C 262 -10.48 -9.30 14.20
CA ALA C 262 -11.70 -8.91 13.51
C ALA C 262 -11.90 -7.40 13.50
N THR C 263 -12.59 -6.92 12.48
CA THR C 263 -12.89 -5.50 12.39
C THR C 263 -13.90 -5.27 11.27
N GLY C 264 -14.30 -4.01 11.08
CA GLY C 264 -15.23 -3.71 10.01
C GLY C 264 -16.59 -3.14 10.35
N GLU C 265 -17.04 -3.31 11.59
CA GLU C 265 -18.36 -2.80 11.96
C GLU C 265 -18.51 -1.31 11.66
N ASN C 266 -17.42 -0.56 11.76
CA ASN C 266 -17.47 0.88 11.52
C ASN C 266 -17.04 1.35 10.12
N LEU C 267 -17.12 0.44 9.15
CA LEU C 267 -16.82 0.77 7.76
C LEU C 267 -18.19 0.61 7.10
N PHE C 268 -18.68 1.67 6.47
CA PHE C 268 -20.03 1.64 5.94
C PHE C 268 -20.27 1.69 4.43
N SER C 269 -19.31 1.24 3.64
CA SER C 269 -19.48 1.23 2.19
C SER C 269 -18.57 0.15 1.62
N HIS C 270 -18.84 -0.28 0.38
CA HIS C 270 -17.99 -1.29 -0.22
C HIS C 270 -16.63 -0.65 -0.53
N GLN C 271 -16.61 0.66 -0.78
CA GLN C 271 -15.34 1.36 -1.03
C GLN C 271 -14.45 1.27 0.21
N ASP C 272 -15.03 1.52 1.39
CA ASP C 272 -14.25 1.45 2.63
C ASP C 272 -13.82 0.00 2.89
N ALA C 273 -14.69 -0.96 2.60
CA ALA C 273 -14.36 -2.37 2.80
C ALA C 273 -13.23 -2.74 1.85
N ARG C 274 -13.28 -2.23 0.62
CA ARG C 274 -12.23 -2.51 -0.35
C ARG C 274 -10.88 -2.02 0.19
N ASN C 275 -10.86 -0.83 0.81
CA ASN C 275 -9.63 -0.29 1.37
C ASN C 275 -9.12 -1.14 2.52
N LEU C 276 -10.03 -1.70 3.31
CA LEU C 276 -9.62 -2.56 4.41
C LEU C 276 -8.91 -3.79 3.85
N LEU C 277 -9.47 -4.39 2.79
CA LEU C 277 -8.85 -5.57 2.20
C LEU C 277 -7.54 -5.25 1.48
N ARG C 278 -7.46 -4.05 0.91
CA ARG C 278 -6.25 -3.61 0.21
C ARG C 278 -5.10 -3.26 1.13
N TYR C 279 -5.37 -2.52 2.21
CA TYR C 279 -4.29 -2.06 3.09
C TYR C 279 -4.26 -2.54 4.53
N GLY C 280 -5.31 -3.25 4.96
CA GLY C 280 -5.38 -3.70 6.34
C GLY C 280 -4.45 -4.83 6.75
N GLY C 281 -3.98 -5.60 5.77
CA GLY C 281 -3.08 -6.70 6.07
C GLY C 281 -3.70 -7.79 6.93
N MET C 282 -4.99 -8.05 6.71
CA MET C 282 -5.65 -9.08 7.48
C MET C 282 -5.44 -10.44 6.84
N ARG C 283 -5.47 -11.49 7.66
CA ARG C 283 -5.26 -12.86 7.21
C ARG C 283 -6.60 -13.49 6.79
N PRO C 284 -6.83 -13.64 5.47
CA PRO C 284 -8.07 -14.23 4.94
C PRO C 284 -8.38 -15.65 5.38
N ASP C 285 -7.46 -16.29 6.05
CA ASP C 285 -7.69 -17.66 6.48
C ASP C 285 -8.19 -17.76 7.93
N ARG C 286 -8.06 -16.68 8.69
CA ARG C 286 -8.50 -16.75 10.09
C ARG C 286 -9.16 -15.50 10.66
N ASP C 287 -9.07 -14.37 9.96
CA ASP C 287 -9.67 -13.15 10.46
C ASP C 287 -11.15 -13.02 10.11
N TRP C 288 -11.83 -12.08 10.75
CA TRP C 288 -13.25 -11.87 10.53
C TRP C 288 -13.60 -10.45 10.10
N LEU C 289 -14.49 -10.35 9.13
CA LEU C 289 -14.97 -9.06 8.61
C LEU C 289 -16.38 -8.85 9.17
N GLN C 290 -16.58 -7.74 9.87
CA GLN C 290 -17.86 -7.50 10.53
C GLN C 290 -18.76 -6.40 9.99
N PHE C 291 -18.71 -6.18 8.68
CA PHE C 291 -19.56 -5.17 8.05
C PHE C 291 -21.02 -5.42 8.45
N ASP C 292 -21.75 -4.34 8.68
CA ASP C 292 -23.16 -4.39 9.10
C ASP C 292 -24.00 -3.73 8.01
N CYS C 293 -24.79 -4.52 7.28
CA CYS C 293 -25.61 -3.97 6.20
C CYS C 293 -26.58 -2.89 6.67
N ALA C 294 -27.11 -3.02 7.88
CA ALA C 294 -28.06 -2.04 8.40
C ALA C 294 -27.43 -0.65 8.58
N LEU C 295 -26.12 -0.61 8.72
CA LEU C 295 -25.45 0.67 8.91
C LEU C 295 -24.69 1.07 7.65
N SER C 296 -24.72 0.19 6.65
CA SER C 296 -23.96 0.40 5.42
C SER C 296 -24.73 0.43 4.10
N TYR C 297 -25.81 1.19 4.04
CA TYR C 297 -26.60 1.29 2.83
C TYR C 297 -27.38 0.01 2.49
N GLY C 298 -27.47 -0.90 3.46
CA GLY C 298 -28.25 -2.12 3.27
C GLY C 298 -27.67 -3.29 2.49
N LEU C 299 -28.54 -4.27 2.25
CA LEU C 299 -28.19 -5.48 1.53
C LEU C 299 -27.78 -5.18 0.09
N CYS C 300 -28.40 -4.18 -0.52
CA CYS C 300 -28.04 -3.83 -1.90
C CYS C 300 -26.56 -3.46 -1.96
N GLU C 301 -26.08 -2.79 -0.92
CA GLU C 301 -24.69 -2.40 -0.86
C GLU C 301 -23.84 -3.57 -0.41
N TYR C 302 -24.36 -4.35 0.54
CA TYR C 302 -23.63 -5.49 1.06
C TYR C 302 -23.29 -6.47 -0.06
N GLN C 303 -24.18 -6.58 -1.05
CA GLN C 303 -23.91 -7.48 -2.16
C GLN C 303 -22.68 -7.01 -2.92
N ARG C 304 -22.53 -5.68 -3.06
CA ARG C 304 -21.36 -5.14 -3.74
C ARG C 304 -20.13 -5.41 -2.89
N THR C 305 -20.31 -5.40 -1.57
CA THR C 305 -19.20 -5.67 -0.67
C THR C 305 -18.75 -7.12 -0.81
N LEU C 306 -19.69 -8.04 -0.96
CA LEU C 306 -19.32 -9.44 -1.12
C LEU C 306 -18.55 -9.59 -2.41
N GLU C 307 -18.93 -8.79 -3.41
CA GLU C 307 -18.26 -8.81 -4.70
C GLU C 307 -16.81 -8.36 -4.49
N VAL C 308 -16.62 -7.38 -3.61
CA VAL C 308 -15.29 -6.88 -3.29
C VAL C 308 -14.47 -8.00 -2.64
N LEU C 309 -15.08 -8.77 -1.74
CA LEU C 309 -14.36 -9.86 -1.08
C LEU C 309 -13.82 -10.86 -2.11
N LYS C 310 -14.66 -11.19 -3.09
CA LYS C 310 -14.27 -12.12 -4.13
C LYS C 310 -13.10 -11.58 -4.95
N THR C 311 -13.18 -10.31 -5.32
CA THR C 311 -12.12 -9.69 -6.10
C THR C 311 -10.77 -9.76 -5.36
N HIS C 312 -10.82 -9.86 -4.03
CA HIS C 312 -9.61 -9.92 -3.24
C HIS C 312 -9.33 -11.30 -2.67
N GLY C 313 -10.02 -12.31 -3.21
CA GLY C 313 -9.80 -13.68 -2.77
C GLY C 313 -10.27 -14.07 -1.38
N TRP C 314 -11.24 -13.35 -0.84
CA TRP C 314 -11.78 -13.68 0.48
C TRP C 314 -13.08 -14.48 0.34
N SER C 315 -13.36 -15.31 1.35
CA SER C 315 -14.59 -16.10 1.34
C SER C 315 -15.66 -15.42 2.20
N PRO C 316 -16.91 -15.44 1.74
CA PRO C 316 -18.02 -14.82 2.50
C PRO C 316 -18.14 -15.46 3.87
N SER C 317 -17.57 -16.66 4.03
CA SER C 317 -17.64 -17.37 5.30
C SER C 317 -16.76 -16.69 6.36
N ARG C 318 -16.07 -15.63 5.96
CA ARG C 318 -15.23 -14.88 6.88
C ARG C 318 -16.03 -13.73 7.50
N CYS C 319 -17.24 -13.53 6.99
CA CYS C 319 -18.12 -12.47 7.48
C CYS C 319 -19.02 -12.88 8.62
N ILE C 320 -19.05 -12.06 9.65
CA ILE C 320 -19.92 -12.28 10.81
C ILE C 320 -20.35 -10.87 11.16
N PRO C 321 -21.42 -10.40 10.51
CA PRO C 321 -21.98 -9.06 10.71
C PRO C 321 -22.18 -8.62 12.15
N HIS C 322 -21.90 -7.34 12.36
CA HIS C 322 -22.09 -6.70 13.65
C HIS C 322 -23.57 -6.32 13.70
N GLY C 323 -24.10 -6.03 14.89
CA GLY C 323 -25.49 -5.60 14.95
C GLY C 323 -26.51 -6.50 15.62
N GLY C 324 -26.27 -7.81 15.59
CA GLY C 324 -27.19 -8.74 16.21
C GLY C 324 -28.63 -8.71 15.73
N HIS C 325 -28.86 -8.42 14.46
CA HIS C 325 -30.23 -8.36 13.92
C HIS C 325 -30.60 -9.43 12.88
N GLN C 326 -31.90 -9.66 12.74
CA GLN C 326 -32.44 -10.67 11.85
C GLN C 326 -32.13 -10.49 10.37
N MET C 327 -31.86 -9.26 9.96
CA MET C 327 -31.53 -9.02 8.55
C MET C 327 -30.25 -9.80 8.26
N SER C 328 -29.25 -9.65 9.12
CA SER C 328 -27.99 -10.37 8.95
C SER C 328 -28.19 -11.89 9.00
N LEU C 329 -29.09 -12.36 9.86
CA LEU C 329 -29.34 -13.80 9.97
C LEU C 329 -29.80 -14.34 8.61
N ASN C 330 -30.67 -13.58 7.95
CA ASN C 330 -31.18 -14.00 6.64
C ASN C 330 -30.07 -14.01 5.59
N ILE C 331 -29.18 -13.01 5.65
CA ILE C 331 -28.10 -12.95 4.67
C ILE C 331 -27.13 -14.10 4.94
N ALA C 332 -26.84 -14.36 6.22
CA ALA C 332 -25.94 -15.44 6.60
C ALA C 332 -26.47 -16.78 6.12
N ALA C 333 -27.75 -17.03 6.37
CA ALA C 333 -28.38 -18.29 5.96
C ALA C 333 -28.50 -18.40 4.44
N GLY C 334 -28.76 -17.29 3.78
CA GLY C 334 -28.91 -17.33 2.35
C GLY C 334 -27.64 -17.35 1.53
N LEU C 335 -26.65 -16.56 1.92
CA LEU C 335 -25.41 -16.46 1.16
C LEU C 335 -24.16 -17.09 1.75
N GLY C 336 -24.31 -17.81 2.84
CA GLY C 336 -23.15 -18.46 3.43
C GLY C 336 -22.15 -17.60 4.19
N LEU C 337 -22.63 -16.71 5.05
CA LEU C 337 -21.71 -15.90 5.84
C LEU C 337 -21.25 -16.80 6.98
N GLY C 338 -20.25 -16.36 7.75
CA GLY C 338 -19.76 -17.17 8.84
C GLY C 338 -20.67 -17.27 10.05
N GLY C 339 -21.62 -16.36 10.17
CA GLY C 339 -22.52 -16.37 11.30
C GLY C 339 -23.00 -14.96 11.60
N ASN C 340 -23.54 -14.76 12.79
CA ASN C 340 -24.04 -13.44 13.15
C ASN C 340 -23.81 -13.15 14.63
N GLU C 341 -23.76 -11.86 14.96
CA GLU C 341 -23.57 -11.42 16.33
C GLU C 341 -24.95 -11.44 16.99
N SER C 342 -24.98 -11.49 18.32
CA SER C 342 -26.23 -11.51 19.07
C SER C 342 -26.05 -10.83 20.43
N TYR C 343 -27.04 -10.05 20.83
CA TYR C 343 -27.02 -9.37 22.13
C TYR C 343 -28.19 -9.90 22.94
N PRO C 344 -28.00 -11.00 23.66
CA PRO C 344 -29.08 -11.59 24.46
C PRO C 344 -29.72 -10.65 25.48
N ASP C 345 -28.92 -9.76 26.08
CA ASP C 345 -29.44 -8.84 27.09
C ASP C 345 -29.46 -7.36 26.74
N LEU C 346 -29.16 -7.02 25.49
CA LEU C 346 -29.13 -5.61 25.12
C LEU C 346 -30.02 -5.23 23.95
N PHE C 347 -30.43 -3.96 23.97
CA PHE C 347 -31.24 -3.37 22.91
C PHE C 347 -32.54 -4.08 22.59
N GLN C 348 -33.03 -4.91 23.49
CA GLN C 348 -34.29 -5.61 23.24
C GLN C 348 -35.42 -4.59 23.22
N PRO C 349 -36.50 -4.87 22.47
CA PRO C 349 -36.80 -6.05 21.65
C PRO C 349 -36.17 -6.08 20.25
N TYR C 350 -35.35 -5.09 19.92
CA TYR C 350 -34.73 -5.04 18.60
C TYR C 350 -33.62 -6.09 18.52
N GLY C 351 -33.67 -6.89 17.46
CA GLY C 351 -32.69 -7.95 17.31
C GLY C 351 -33.28 -9.23 17.86
N GLY C 352 -32.44 -10.22 18.14
CA GLY C 352 -32.95 -11.48 18.66
C GLY C 352 -33.44 -12.46 17.60
N PHE C 353 -34.26 -13.40 18.05
CA PHE C 353 -34.78 -14.44 17.17
C PHE C 353 -36.28 -14.59 17.32
N PRO C 354 -36.91 -15.33 16.39
CA PRO C 354 -38.36 -15.51 16.50
C PRO C 354 -38.67 -16.27 17.79
N ASP C 355 -39.85 -16.04 18.35
CA ASP C 355 -40.23 -16.71 19.58
C ASP C 355 -40.17 -18.21 19.33
N GLY C 356 -39.46 -18.93 20.21
CA GLY C 356 -39.35 -20.36 20.05
C GLY C 356 -38.04 -20.91 19.55
N VAL C 357 -37.32 -20.17 18.71
CA VAL C 357 -36.04 -20.69 18.23
C VAL C 357 -35.02 -20.58 19.35
N ARG C 358 -34.39 -21.70 19.67
CA ARG C 358 -33.40 -21.74 20.74
C ARG C 358 -31.99 -21.77 20.19
N VAL C 359 -31.03 -21.29 20.97
CA VAL C 359 -29.64 -21.32 20.57
C VAL C 359 -29.10 -22.63 21.13
N GLU C 360 -28.66 -23.53 20.25
CA GLU C 360 -28.12 -24.81 20.69
C GLU C 360 -26.73 -25.02 20.13
N ASN C 361 -25.75 -25.09 21.02
CA ASN C 361 -24.36 -25.25 20.66
C ASN C 361 -23.92 -24.13 19.71
N GLY C 362 -24.21 -22.90 20.11
CA GLY C 362 -23.83 -21.74 19.32
C GLY C 362 -24.57 -21.60 17.99
N HIS C 363 -25.65 -22.35 17.81
CA HIS C 363 -26.40 -22.25 16.56
C HIS C 363 -27.91 -22.18 16.72
N ILE C 364 -28.56 -21.50 15.78
CA ILE C 364 -30.00 -21.39 15.75
C ILE C 364 -30.38 -21.89 14.38
N THR C 365 -31.66 -22.19 14.18
CA THR C 365 -32.12 -22.67 12.90
C THR C 365 -33.25 -21.78 12.44
N MET C 366 -33.06 -21.14 11.28
CA MET C 366 -34.05 -20.24 10.72
C MET C 366 -35.36 -20.92 10.35
N PRO C 367 -36.45 -20.51 10.98
CA PRO C 367 -37.75 -21.12 10.64
C PRO C 367 -38.17 -20.51 9.31
N ASP C 368 -39.08 -21.16 8.58
CA ASP C 368 -39.51 -20.61 7.30
C ASP C 368 -40.60 -19.56 7.38
N LEU C 369 -40.27 -18.40 7.95
CA LEU C 369 -41.22 -17.29 8.05
C LEU C 369 -41.02 -16.39 6.84
N PRO C 370 -42.12 -15.85 6.28
CA PRO C 370 -41.98 -14.98 5.11
C PRO C 370 -41.22 -13.69 5.47
N GLY C 371 -40.49 -13.15 4.51
CA GLY C 371 -39.74 -11.93 4.78
C GLY C 371 -38.59 -12.19 5.75
N ILE C 372 -38.27 -11.19 6.55
CA ILE C 372 -37.18 -11.31 7.51
C ILE C 372 -37.54 -12.22 8.68
N GLY C 373 -38.82 -12.25 9.04
CA GLY C 373 -39.26 -13.10 10.14
C GLY C 373 -39.57 -12.35 11.42
N PHE C 374 -39.69 -11.03 11.33
CA PHE C 374 -39.98 -10.19 12.49
C PHE C 374 -41.30 -10.60 13.14
N GLU C 375 -42.29 -10.95 12.32
CA GLU C 375 -43.59 -11.35 12.83
C GLU C 375 -43.51 -12.46 13.86
N GLY C 376 -42.46 -13.27 13.78
CA GLY C 376 -42.30 -14.37 14.72
C GLY C 376 -41.82 -13.97 16.11
N LYS C 377 -41.39 -12.72 16.27
CA LYS C 377 -40.92 -12.24 17.58
C LYS C 377 -41.95 -11.25 18.08
N SER C 378 -42.90 -11.75 18.87
CA SER C 378 -44.01 -10.94 19.37
C SER C 378 -43.67 -9.57 19.95
N ASP C 379 -42.74 -9.50 20.89
CA ASP C 379 -42.43 -8.20 21.49
C ASP C 379 -41.87 -7.18 20.49
N LEU C 380 -41.25 -7.66 19.42
CA LEU C 380 -40.70 -6.78 18.40
C LEU C 380 -41.82 -6.38 17.45
N TYR C 381 -42.54 -7.36 16.93
CA TYR C 381 -43.63 -7.10 15.99
C TYR C 381 -44.68 -6.17 16.56
N LYS C 382 -44.90 -6.26 17.87
CA LYS C 382 -45.87 -5.39 18.53
C LYS C 382 -45.49 -3.94 18.25
N GLU C 383 -44.20 -3.66 18.37
CA GLU C 383 -43.66 -2.33 18.13
C GLU C 383 -43.83 -1.93 16.67
N MET C 384 -43.61 -2.88 15.78
CA MET C 384 -43.73 -2.64 14.36
C MET C 384 -45.15 -2.39 13.87
N LYS C 385 -46.11 -3.24 14.23
CA LYS C 385 -47.46 -2.98 13.76
C LYS C 385 -48.01 -1.70 14.38
N ALA C 386 -47.44 -1.28 15.51
CA ALA C 386 -47.86 -0.05 16.14
C ALA C 386 -47.41 1.12 15.27
N LEU C 387 -46.33 0.93 14.53
CA LEU C 387 -45.82 1.97 13.64
C LEU C 387 -46.66 2.04 12.35
N ALA C 388 -46.94 0.88 11.79
CA ALA C 388 -47.74 0.78 10.56
C ALA C 388 -48.19 -0.65 10.41
N GLU C 389 -49.42 -0.83 9.97
CA GLU C 389 -49.98 -2.16 9.82
C GLU C 389 -50.85 -2.24 8.56
N SER D 2 -16.04 33.16 33.00
CA SER D 2 -17.08 34.24 32.93
C SER D 2 -17.73 34.24 31.54
N VAL D 3 -17.25 33.35 30.68
CA VAL D 3 -17.75 33.21 29.32
C VAL D 3 -18.60 31.95 29.20
N ARG D 4 -19.73 32.06 28.53
CA ARG D 4 -20.62 30.91 28.39
C ARG D 4 -21.45 30.87 27.11
N ILE D 5 -21.59 29.68 26.54
CA ILE D 5 -22.40 29.52 25.34
C ILE D 5 -23.80 29.33 25.90
N VAL D 6 -24.66 30.31 25.65
CA VAL D 6 -26.02 30.30 26.16
C VAL D 6 -27.04 29.61 25.26
N ASP D 7 -26.74 29.55 23.96
CA ASP D 7 -27.65 28.90 23.02
C ASP D 7 -26.98 28.61 21.68
N VAL D 8 -27.43 27.54 21.04
CA VAL D 8 -26.93 27.17 19.72
C VAL D 8 -28.16 27.10 18.82
N ARG D 9 -28.34 28.11 17.98
CA ARG D 9 -29.47 28.19 17.08
C ARG D 9 -29.12 27.71 15.68
N GLU D 10 -30.11 27.15 15.00
CA GLU D 10 -29.94 26.65 13.64
C GLU D 10 -31.19 26.91 12.84
N ILE D 11 -31.00 27.21 11.56
CA ILE D 11 -32.09 27.44 10.62
C ILE D 11 -31.61 26.87 9.28
N THR D 12 -32.42 26.01 8.67
CA THR D 12 -32.04 25.42 7.39
C THR D 12 -32.43 26.37 6.25
N LYS D 13 -31.42 26.79 5.49
CA LYS D 13 -31.63 27.72 4.38
C LYS D 13 -31.45 27.04 3.04
N PRO D 14 -32.32 27.35 2.07
CA PRO D 14 -32.17 26.71 0.76
C PRO D 14 -31.13 27.45 -0.06
N ILE D 15 -30.27 26.72 -0.74
CA ILE D 15 -29.27 27.31 -1.61
C ILE D 15 -29.49 26.64 -2.95
N SER D 16 -30.66 26.91 -3.52
CA SER D 16 -31.05 26.35 -4.80
C SER D 16 -30.31 26.99 -5.97
N SER D 17 -29.60 26.16 -6.73
CA SER D 17 -28.86 26.60 -7.90
C SER D 17 -29.42 25.82 -9.09
N PRO D 18 -29.72 26.51 -10.20
CA PRO D 18 -30.26 25.87 -11.41
C PRO D 18 -29.14 25.14 -12.13
N ILE D 19 -28.62 24.12 -11.47
CA ILE D 19 -27.52 23.34 -12.04
C ILE D 19 -27.66 21.87 -11.73
N ARG D 20 -27.30 21.06 -12.71
CA ARG D 20 -27.30 19.62 -12.61
C ARG D 20 -25.88 19.25 -12.99
N ASN D 21 -25.06 18.91 -12.00
CA ASN D 21 -23.68 18.54 -12.28
C ASN D 21 -23.36 17.17 -11.73
N ALA D 22 -22.83 16.32 -12.59
CA ALA D 22 -22.49 14.95 -12.21
C ALA D 22 -23.69 14.29 -11.53
N TYR D 23 -24.86 14.53 -12.12
CA TYR D 23 -26.12 13.96 -11.66
C TYR D 23 -26.64 14.41 -10.31
N ILE D 24 -26.13 15.54 -9.84
CA ILE D 24 -26.56 16.10 -8.56
C ILE D 24 -27.39 17.35 -8.86
N ASP D 25 -28.69 17.29 -8.54
CA ASP D 25 -29.60 18.40 -8.77
C ASP D 25 -29.44 19.43 -7.66
N PHE D 26 -28.71 20.51 -7.95
CA PHE D 26 -28.45 21.56 -6.98
C PHE D 26 -29.68 22.38 -6.58
N THR D 27 -30.80 22.20 -7.27
CA THR D 27 -32.00 22.96 -6.91
C THR D 27 -32.57 22.47 -5.58
N LYS D 28 -32.07 21.33 -5.11
CA LYS D 28 -32.55 20.76 -3.87
C LYS D 28 -31.57 20.96 -2.72
N MET D 29 -30.44 21.57 -3.04
CA MET D 29 -29.40 21.79 -2.05
C MET D 29 -29.81 22.75 -0.93
N THR D 30 -29.38 22.45 0.28
CA THR D 30 -29.68 23.29 1.45
C THR D 30 -28.44 23.47 2.30
N THR D 31 -28.53 24.39 3.25
CA THR D 31 -27.41 24.62 4.16
C THR D 31 -27.92 25.06 5.52
N SER D 32 -27.17 24.69 6.55
CA SER D 32 -27.55 25.06 7.90
C SER D 32 -26.81 26.32 8.35
N LEU D 33 -27.56 27.32 8.78
CA LEU D 33 -26.98 28.54 9.30
C LEU D 33 -27.04 28.33 10.81
N VAL D 34 -25.90 28.41 11.47
CA VAL D 34 -25.85 28.20 12.91
C VAL D 34 -25.37 29.45 13.63
N ALA D 35 -25.84 29.61 14.87
CA ALA D 35 -25.47 30.74 15.68
C ALA D 35 -25.08 30.27 17.07
N VAL D 36 -23.85 30.57 17.48
CA VAL D 36 -23.40 30.21 18.82
C VAL D 36 -23.58 31.47 19.67
N VAL D 37 -24.64 31.50 20.46
CA VAL D 37 -24.97 32.64 21.30
C VAL D 37 -24.24 32.60 22.64
N THR D 38 -23.51 33.66 22.95
CA THR D 38 -22.77 33.72 24.21
C THR D 38 -23.37 34.75 25.15
N ASP D 39 -22.92 34.75 26.40
CA ASP D 39 -23.40 35.68 27.40
C ASP D 39 -22.43 36.86 27.52
N VAL D 40 -21.51 36.95 26.57
CA VAL D 40 -20.55 38.04 26.58
C VAL D 40 -21.15 39.22 25.82
N VAL D 41 -21.11 40.39 26.45
CA VAL D 41 -21.68 41.58 25.81
C VAL D 41 -20.76 42.79 25.96
N ARG D 42 -20.29 43.30 24.83
CA ARG D 42 -19.40 44.46 24.81
C ARG D 42 -20.06 45.64 24.09
N GLU D 43 -20.19 46.75 24.80
CA GLU D 43 -20.82 47.96 24.27
C GLU D 43 -22.31 47.77 24.11
N GLY D 44 -22.88 46.81 24.84
CA GLY D 44 -24.31 46.57 24.75
C GLY D 44 -24.66 45.59 23.63
N LYS D 45 -23.67 45.22 22.83
CA LYS D 45 -23.88 44.26 21.74
C LYS D 45 -23.25 42.93 22.12
N ARG D 46 -24.06 41.88 22.23
CA ARG D 46 -23.51 40.58 22.60
C ARG D 46 -22.83 39.89 21.44
N VAL D 47 -21.85 39.06 21.77
CA VAL D 47 -21.11 38.34 20.76
C VAL D 47 -21.78 37.01 20.41
N VAL D 48 -21.99 36.85 19.11
CA VAL D 48 -22.61 35.67 18.55
C VAL D 48 -21.75 35.16 17.42
N GLY D 49 -21.39 33.88 17.47
CA GLY D 49 -20.60 33.28 16.40
C GLY D 49 -21.54 32.71 15.36
N TYR D 50 -21.14 32.74 14.08
CA TYR D 50 -21.97 32.23 12.99
C TYR D 50 -21.23 31.22 12.13
N GLY D 51 -21.99 30.32 11.52
CA GLY D 51 -21.42 29.32 10.65
C GLY D 51 -22.47 28.70 9.75
N PHE D 52 -22.01 28.06 8.68
CA PHE D 52 -22.90 27.40 7.75
C PHE D 52 -22.08 26.40 6.96
N ASN D 53 -22.71 25.40 6.35
CA ASN D 53 -21.94 24.42 5.59
C ASN D 53 -21.87 24.78 4.11
N SER D 54 -20.91 24.17 3.42
CA SER D 54 -20.71 24.41 1.99
C SER D 54 -21.78 23.68 1.18
N ASN D 55 -21.85 24.02 -0.09
CA ASN D 55 -22.80 23.41 -0.99
C ASN D 55 -22.42 21.97 -1.27
N GLY D 56 -23.42 21.13 -1.48
CA GLY D 56 -23.13 19.74 -1.80
C GLY D 56 -23.51 18.67 -0.79
N ARG D 57 -23.45 18.97 0.51
CA ARG D 57 -23.78 17.93 1.47
C ARG D 57 -25.07 18.12 2.28
N TYR D 58 -25.81 19.19 2.00
CA TYR D 58 -27.08 19.50 2.68
C TYR D 58 -26.94 19.99 4.13
N GLY D 59 -27.99 20.65 4.62
CA GLY D 59 -28.00 21.12 5.99
C GLY D 59 -28.11 19.92 6.94
N GLN D 60 -27.84 20.16 8.22
CA GLN D 60 -27.91 19.09 9.21
C GLN D 60 -28.64 19.54 10.47
N GLY D 61 -29.73 20.27 10.28
CA GLY D 61 -30.51 20.77 11.40
C GLY D 61 -30.78 19.69 12.43
N GLY D 62 -31.28 18.55 11.97
CA GLY D 62 -31.57 17.44 12.87
C GLY D 62 -30.39 17.03 13.73
N LEU D 63 -29.26 16.74 13.10
CA LEU D 63 -28.05 16.34 13.84
C LEU D 63 -27.55 17.43 14.77
N ILE D 64 -27.48 18.65 14.26
CA ILE D 64 -27.03 19.79 15.04
C ILE D 64 -27.79 19.93 16.34
N ARG D 65 -29.11 19.85 16.26
CA ARG D 65 -29.93 20.01 17.46
C ARG D 65 -29.98 18.81 18.38
N GLU D 66 -30.34 17.67 17.83
CA GLU D 66 -30.49 16.45 18.61
C GLU D 66 -29.23 15.84 19.21
N ARG D 67 -28.09 16.00 18.53
CA ARG D 67 -26.87 15.39 19.00
C ARG D 67 -25.77 16.31 19.56
N PHE D 68 -25.31 17.24 18.74
CA PHE D 68 -24.20 18.11 19.12
C PHE D 68 -24.50 19.36 19.94
N ALA D 69 -25.45 20.18 19.50
CA ALA D 69 -25.78 21.40 20.25
C ALA D 69 -26.17 21.04 21.68
N SER D 70 -26.95 19.97 21.83
CA SER D 70 -27.39 19.56 23.15
C SER D 70 -26.20 19.26 24.07
N ARG D 71 -25.20 18.55 23.56
CA ARG D 71 -24.03 18.25 24.38
C ARG D 71 -23.32 19.54 24.79
N ILE D 72 -23.20 20.48 23.88
CA ILE D 72 -22.55 21.74 24.20
C ILE D 72 -23.27 22.48 25.32
N LEU D 73 -24.59 22.63 25.18
CA LEU D 73 -25.39 23.33 26.17
C LEU D 73 -25.49 22.57 27.50
N GLU D 74 -25.38 21.26 27.46
CA GLU D 74 -25.45 20.45 28.68
C GLU D 74 -24.10 20.33 29.37
N ALA D 75 -23.06 20.83 28.71
CA ALA D 75 -21.71 20.76 29.28
C ALA D 75 -21.50 21.84 30.33
N ASP D 76 -20.63 21.55 31.29
CA ASP D 76 -20.30 22.51 32.34
C ASP D 76 -19.52 23.65 31.70
N PRO D 77 -20.08 24.86 31.70
CA PRO D 77 -19.41 26.02 31.09
C PRO D 77 -17.97 26.24 31.53
N LYS D 78 -17.60 25.75 32.69
CA LYS D 78 -16.24 25.93 33.19
C LYS D 78 -15.25 25.00 32.50
N LYS D 79 -15.72 23.83 32.08
CA LYS D 79 -14.87 22.86 31.41
C LYS D 79 -14.65 23.19 29.93
N LEU D 80 -15.16 24.34 29.48
CA LEU D 80 -15.01 24.73 28.09
C LEU D 80 -14.17 25.98 27.89
N LEU D 81 -13.56 26.46 28.96
CA LEU D 81 -12.76 27.68 28.89
C LEU D 81 -11.29 27.41 28.67
N ASN D 82 -10.59 28.42 28.12
CA ASN D 82 -9.16 28.30 27.89
C ASN D 82 -8.48 28.38 29.27
N GLU D 83 -7.17 28.20 29.29
CA GLU D 83 -6.42 28.24 30.55
C GLU D 83 -6.65 29.49 31.39
N ALA D 84 -6.69 30.66 30.74
CA ALA D 84 -6.89 31.91 31.45
C ALA D 84 -8.31 32.00 32.01
N GLY D 85 -9.28 31.43 31.30
CA GLY D 85 -10.66 31.47 31.75
C GLY D 85 -11.42 32.70 31.26
N ASP D 86 -10.84 33.37 30.27
CA ASP D 86 -11.44 34.57 29.71
C ASP D 86 -11.93 34.42 28.27
N ASN D 87 -12.04 33.18 27.82
CA ASN D 87 -12.50 32.88 26.46
C ASN D 87 -12.75 31.39 26.33
N LEU D 88 -13.51 31.01 25.32
CA LEU D 88 -13.79 29.59 25.11
C LEU D 88 -12.56 28.94 24.50
N ASP D 89 -12.42 27.65 24.72
CA ASP D 89 -11.31 26.89 24.13
C ASP D 89 -12.01 26.07 23.04
N PRO D 90 -11.89 26.49 21.77
CA PRO D 90 -12.53 25.76 20.67
C PRO D 90 -12.33 24.25 20.66
N ASP D 91 -11.18 23.78 21.14
CA ASP D 91 -10.89 22.35 21.16
C ASP D 91 -11.63 21.62 22.27
N LYS D 92 -11.95 22.33 23.35
CA LYS D 92 -12.67 21.73 24.47
C LYS D 92 -14.15 21.63 24.08
N VAL D 93 -14.62 22.60 23.31
CA VAL D 93 -16.00 22.61 22.85
C VAL D 93 -16.16 21.45 21.85
N TRP D 94 -15.15 21.30 20.99
CA TRP D 94 -15.17 20.24 19.99
C TRP D 94 -15.24 18.88 20.66
N ALA D 95 -14.34 18.64 21.61
CA ALA D 95 -14.34 17.36 22.31
C ALA D 95 -15.67 17.16 23.01
N ALA D 96 -16.20 18.23 23.57
CA ALA D 96 -17.47 18.18 24.28
C ALA D 96 -18.59 17.67 23.38
N MET D 97 -18.71 18.22 22.17
CA MET D 97 -19.78 17.78 21.30
C MET D 97 -19.50 16.46 20.58
N MET D 98 -18.28 15.96 20.72
CA MET D 98 -17.94 14.70 20.09
C MET D 98 -17.96 13.52 21.05
N ILE D 99 -18.45 13.71 22.26
CA ILE D 99 -18.51 12.60 23.21
C ILE D 99 -19.58 11.62 22.72
N ASN D 100 -19.34 10.35 22.97
CA ASN D 100 -20.27 9.30 22.58
C ASN D 100 -20.53 9.15 21.08
N GLU D 101 -19.51 9.46 20.28
CA GLU D 101 -19.57 9.29 18.83
C GLU D 101 -18.55 8.19 18.51
N LYS D 102 -18.99 7.10 17.86
CA LYS D 102 -18.06 6.02 17.52
C LYS D 102 -17.18 6.45 16.34
N PRO D 103 -15.99 5.85 16.21
CA PRO D 103 -15.05 6.16 15.12
C PRO D 103 -15.55 5.69 13.77
N GLY D 104 -14.97 6.23 12.70
CA GLY D 104 -15.39 5.87 11.36
C GLY D 104 -16.70 6.52 11.02
N GLY D 105 -17.20 6.30 9.80
CA GLY D 105 -18.46 6.89 9.39
C GLY D 105 -18.40 8.41 9.32
N HIS D 106 -17.39 8.93 8.64
CA HIS D 106 -17.21 10.36 8.52
C HIS D 106 -18.00 10.99 7.38
N GLY D 107 -19.24 11.33 7.71
CA GLY D 107 -20.15 11.94 6.76
C GLY D 107 -21.38 12.43 7.52
N GLU D 108 -21.97 13.52 7.02
CA GLU D 108 -23.17 14.14 7.61
C GLU D 108 -22.86 14.77 8.96
N ARG D 109 -22.48 13.98 9.94
CA ARG D 109 -22.16 14.54 11.24
C ARG D 109 -20.90 15.40 11.12
N SER D 110 -20.05 15.09 10.15
CA SER D 110 -18.84 15.88 9.93
C SER D 110 -19.24 17.26 9.45
N VAL D 111 -20.39 17.33 8.76
CA VAL D 111 -20.91 18.60 8.25
C VAL D 111 -21.56 19.38 9.40
N ALA D 112 -22.27 18.67 10.27
CA ALA D 112 -22.92 19.32 11.41
C ALA D 112 -21.88 19.93 12.36
N VAL D 113 -20.87 19.12 12.71
CA VAL D 113 -19.81 19.56 13.61
C VAL D 113 -19.03 20.67 12.93
N GLY D 114 -18.74 20.47 11.66
CA GLY D 114 -18.00 21.48 10.92
C GLY D 114 -18.63 22.85 10.98
N THR D 115 -19.97 22.95 10.86
CA THR D 115 -20.59 24.27 10.89
C THR D 115 -20.68 24.86 12.30
N ILE D 116 -20.86 24.03 13.31
CA ILE D 116 -20.91 24.53 14.68
C ILE D 116 -19.51 25.05 15.02
N ASP D 117 -18.49 24.26 14.66
CA ASP D 117 -17.10 24.60 14.90
C ASP D 117 -16.78 25.95 14.27
N MET D 118 -17.35 26.22 13.10
CA MET D 118 -17.13 27.49 12.44
C MET D 118 -17.62 28.66 13.29
N ALA D 119 -18.81 28.51 13.86
CA ALA D 119 -19.38 29.55 14.69
C ALA D 119 -18.62 29.71 16.01
N VAL D 120 -18.09 28.60 16.54
CA VAL D 120 -17.34 28.67 17.78
C VAL D 120 -16.07 29.50 17.57
N TRP D 121 -15.31 29.19 16.52
CA TRP D 121 -14.09 29.95 16.26
C TRP D 121 -14.46 31.40 15.96
N ASP D 122 -15.62 31.61 15.33
CA ASP D 122 -16.03 32.97 15.04
C ASP D 122 -16.20 33.69 16.38
N ALA D 123 -16.85 33.03 17.33
CA ALA D 123 -17.06 33.63 18.65
C ALA D 123 -15.75 33.83 19.44
N VAL D 124 -14.90 32.81 19.44
CA VAL D 124 -13.63 32.89 20.15
C VAL D 124 -12.80 34.06 19.65
N ALA D 125 -12.76 34.25 18.34
CA ALA D 125 -12.01 35.34 17.74
C ALA D 125 -12.65 36.69 18.07
N LYS D 126 -13.98 36.72 18.10
CA LYS D 126 -14.69 37.96 18.41
C LYS D 126 -14.40 38.36 19.86
N ILE D 127 -14.45 37.39 20.77
CA ILE D 127 -14.18 37.63 22.18
C ILE D 127 -12.74 38.13 22.33
N ALA D 128 -11.83 37.57 21.55
CA ALA D 128 -10.42 37.96 21.59
C ALA D 128 -10.19 39.28 20.86
N GLY D 129 -11.20 39.76 20.15
CA GLY D 129 -11.10 41.02 19.43
C GLY D 129 -10.10 41.03 18.27
N LYS D 130 -9.97 39.91 17.58
CA LYS D 130 -9.05 39.82 16.46
C LYS D 130 -9.67 39.12 15.24
N PRO D 131 -9.14 39.41 14.05
CA PRO D 131 -9.67 38.75 12.85
C PRO D 131 -9.23 37.31 13.05
N LEU D 132 -10.06 36.35 12.66
CA LEU D 132 -9.70 34.95 12.87
C LEU D 132 -8.33 34.60 12.33
N PHE D 133 -8.03 35.02 11.10
CA PHE D 133 -6.75 34.66 10.53
C PHE D 133 -5.56 35.15 11.37
N ARG D 134 -5.67 36.32 11.97
CA ARG D 134 -4.58 36.81 12.79
C ARG D 134 -4.49 36.03 14.09
N LEU D 135 -5.64 35.66 14.64
CA LEU D 135 -5.66 34.88 15.87
C LEU D 135 -5.03 33.51 15.62
N LEU D 136 -5.23 32.97 14.42
CA LEU D 136 -4.67 31.65 14.07
C LEU D 136 -3.17 31.72 13.89
N ALA D 137 -2.70 32.74 13.18
CA ALA D 137 -1.28 32.92 12.94
C ALA D 137 -0.60 33.00 14.30
N GLU D 138 -1.22 33.71 15.23
CA GLU D 138 -0.67 33.84 16.58
C GLU D 138 -0.60 32.48 17.30
N ARG D 139 -1.71 31.77 17.34
CA ARG D 139 -1.75 30.46 18.01
C ARG D 139 -0.69 29.50 17.44
N HIS D 140 -0.47 29.57 16.13
CA HIS D 140 0.52 28.71 15.47
C HIS D 140 1.91 29.33 15.50
N GLY D 141 2.02 30.52 16.07
CA GLY D 141 3.29 31.20 16.14
C GLY D 141 3.91 31.50 14.78
N VAL D 142 3.09 31.94 13.82
CA VAL D 142 3.61 32.27 12.51
C VAL D 142 3.10 33.61 12.03
N LYS D 143 3.61 34.05 10.89
CA LYS D 143 3.22 35.33 10.32
C LYS D 143 2.05 35.15 9.34
N ALA D 144 0.99 35.92 9.54
CA ALA D 144 -0.19 35.86 8.69
C ALA D 144 0.07 36.57 7.38
N ASN D 145 -0.68 36.19 6.35
CA ASN D 145 -0.57 36.82 5.04
C ASN D 145 -1.97 37.02 4.49
N PRO D 146 -2.51 38.25 4.64
CA PRO D 146 -3.84 38.61 4.16
C PRO D 146 -4.12 38.49 2.67
N ARG D 147 -3.09 38.32 1.86
CA ARG D 147 -3.29 38.18 0.42
C ARG D 147 -3.53 36.70 0.11
N VAL D 148 -4.75 36.39 -0.29
CA VAL D 148 -5.11 35.00 -0.57
C VAL D 148 -5.46 34.74 -2.04
N PHE D 149 -4.95 33.64 -2.55
CA PHE D 149 -5.23 33.22 -3.92
C PHE D 149 -6.63 32.60 -3.97
N VAL D 150 -7.42 32.97 -4.97
CA VAL D 150 -8.76 32.44 -5.15
C VAL D 150 -9.01 32.22 -6.64
N TYR D 151 -9.56 31.06 -6.98
CA TYR D 151 -9.87 30.75 -8.37
C TYR D 151 -11.40 30.67 -8.55
N ALA D 152 -11.88 30.96 -9.76
CA ALA D 152 -13.31 30.94 -10.04
C ALA D 152 -13.76 29.58 -10.57
N ALA D 153 -14.70 28.94 -9.89
CA ALA D 153 -15.19 27.63 -10.29
C ALA D 153 -16.56 27.71 -10.96
N GLY D 154 -16.70 27.04 -12.10
CA GLY D 154 -17.95 27.03 -12.84
C GLY D 154 -17.87 26.06 -14.01
N GLY D 155 -18.20 26.55 -15.20
CA GLY D 155 -18.14 25.71 -16.40
C GLY D 155 -18.98 24.44 -16.31
N TYR D 156 -20.23 24.59 -15.89
CA TYR D 156 -21.14 23.45 -15.79
C TYR D 156 -21.86 23.22 -17.11
N TYR D 157 -22.49 22.05 -17.23
CA TYR D 157 -23.23 21.72 -18.42
C TYR D 157 -24.72 22.03 -18.27
N TYR D 158 -25.39 22.01 -19.42
CA TYR D 158 -26.84 22.15 -19.54
C TYR D 158 -27.16 22.30 -21.01
N PRO D 159 -28.26 21.65 -21.44
CA PRO D 159 -28.70 21.67 -22.83
C PRO D 159 -28.89 23.10 -23.31
N GLY D 160 -28.29 23.42 -24.46
CA GLY D 160 -28.41 24.77 -24.98
C GLY D 160 -27.22 25.68 -24.73
N LYS D 161 -26.27 25.23 -23.89
CA LYS D 161 -25.09 26.02 -23.57
C LYS D 161 -24.01 25.78 -24.61
N GLY D 162 -23.91 26.68 -25.58
CA GLY D 162 -22.91 26.52 -26.63
C GLY D 162 -21.53 27.01 -26.23
N LEU D 163 -20.54 26.70 -27.06
CA LEU D 163 -19.18 27.12 -26.78
C LEU D 163 -19.07 28.62 -26.54
N SER D 164 -19.89 29.40 -27.25
CA SER D 164 -19.91 30.85 -27.10
C SER D 164 -20.32 31.27 -25.70
N MET D 165 -21.29 30.54 -25.14
CA MET D 165 -21.78 30.81 -23.79
C MET D 165 -20.71 30.48 -22.76
N LEU D 166 -20.07 29.33 -22.94
CA LEU D 166 -19.02 28.89 -22.03
C LEU D 166 -17.91 29.93 -22.00
N ARG D 167 -17.46 30.34 -23.19
CA ARG D 167 -16.42 31.36 -23.31
C ARG D 167 -16.83 32.65 -22.62
N GLY D 168 -18.08 33.05 -22.82
CA GLY D 168 -18.59 34.26 -22.19
C GLY D 168 -18.55 34.14 -20.68
N GLU D 169 -18.89 32.96 -20.17
CA GLU D 169 -18.88 32.72 -18.73
C GLU D 169 -17.46 32.92 -18.18
N MET D 170 -16.48 32.35 -18.89
CA MET D 170 -15.10 32.46 -18.47
C MET D 170 -14.53 33.88 -18.60
N ARG D 171 -14.85 34.57 -19.70
CA ARG D 171 -14.38 35.93 -19.87
C ARG D 171 -14.98 36.74 -18.74
N GLY D 172 -16.20 36.37 -18.35
CA GLY D 172 -16.88 37.05 -17.27
C GLY D 172 -16.10 36.98 -15.96
N TYR D 173 -15.45 35.83 -15.70
CA TYR D 173 -14.67 35.69 -14.48
C TYR D 173 -13.35 36.47 -14.56
N LEU D 174 -12.76 36.50 -15.75
CA LEU D 174 -11.53 37.24 -15.93
C LEU D 174 -11.84 38.72 -15.68
N ASP D 175 -12.99 39.18 -16.17
CA ASP D 175 -13.39 40.58 -15.97
C ASP D 175 -13.51 40.89 -14.48
N ARG D 176 -13.67 39.84 -13.67
CA ARG D 176 -13.81 40.00 -12.23
C ARG D 176 -12.46 39.99 -11.50
N GLY D 177 -11.39 39.69 -12.22
CA GLY D 177 -10.07 39.69 -11.60
C GLY D 177 -9.44 38.33 -11.42
N TYR D 178 -10.19 37.27 -11.72
CA TYR D 178 -9.69 35.91 -11.59
C TYR D 178 -8.70 35.59 -12.70
N ASN D 179 -7.63 34.87 -12.37
CA ASN D 179 -6.65 34.48 -13.38
C ASN D 179 -6.55 32.95 -13.49
N VAL D 180 -7.46 32.27 -12.79
CA VAL D 180 -7.54 30.82 -12.84
C VAL D 180 -9.03 30.47 -12.78
N VAL D 181 -9.46 29.61 -13.70
CA VAL D 181 -10.86 29.19 -13.76
C VAL D 181 -10.96 27.68 -13.87
N LYS D 182 -12.08 27.14 -13.40
CA LYS D 182 -12.32 25.70 -13.42
C LYS D 182 -13.65 25.37 -14.08
N MET D 183 -13.66 24.27 -14.83
CA MET D 183 -14.86 23.82 -15.53
C MET D 183 -15.07 22.32 -15.28
N ALA D 184 -16.31 21.88 -15.44
CA ALA D 184 -16.63 20.47 -15.25
C ALA D 184 -16.35 19.70 -16.55
N ILE D 185 -15.85 18.47 -16.42
CA ILE D 185 -15.62 17.63 -17.57
C ILE D 185 -16.14 16.23 -17.24
N GLY D 186 -16.27 15.41 -18.28
CA GLY D 186 -16.76 14.05 -18.09
C GLY D 186 -18.27 13.92 -18.21
N GLY D 187 -18.95 15.03 -18.46
CA GLY D 187 -20.40 14.99 -18.60
C GLY D 187 -20.80 15.06 -20.07
N ALA D 188 -19.84 14.79 -20.95
CA ALA D 188 -20.07 14.82 -22.38
C ALA D 188 -19.04 13.89 -23.00
N PRO D 189 -19.28 13.44 -24.24
CA PRO D 189 -18.31 12.54 -24.89
C PRO D 189 -16.93 13.22 -24.81
N ILE D 190 -15.88 12.41 -24.69
CA ILE D 190 -14.55 12.96 -24.58
C ILE D 190 -14.22 13.98 -25.68
N GLU D 191 -14.66 13.73 -26.91
CA GLU D 191 -14.38 14.66 -27.99
C GLU D 191 -15.08 15.99 -27.83
N GLU D 192 -16.29 15.97 -27.27
CA GLU D 192 -17.00 17.21 -27.06
C GLU D 192 -16.31 18.00 -25.95
N ASP D 193 -15.82 17.28 -24.94
CA ASP D 193 -15.12 17.94 -23.85
C ASP D 193 -13.85 18.61 -24.35
N ARG D 194 -13.18 17.96 -25.32
CA ARG D 194 -11.97 18.52 -25.89
C ARG D 194 -12.29 19.89 -26.47
N MET D 195 -13.39 19.97 -27.24
CA MET D 195 -13.83 21.21 -27.85
C MET D 195 -14.15 22.28 -26.81
N ARG D 196 -14.84 21.89 -25.74
CA ARG D 196 -15.15 22.84 -24.69
C ARG D 196 -13.86 23.40 -24.08
N ILE D 197 -12.87 22.54 -23.91
CA ILE D 197 -11.58 22.94 -23.35
C ILE D 197 -10.81 23.85 -24.29
N GLU D 198 -10.68 23.44 -25.55
CA GLU D 198 -9.96 24.27 -26.50
C GLU D 198 -10.62 25.62 -26.60
N ALA D 199 -11.95 25.65 -26.51
CA ALA D 199 -12.68 26.91 -26.59
C ALA D 199 -12.32 27.83 -25.43
N VAL D 200 -12.34 27.30 -24.21
CA VAL D 200 -12.02 28.11 -23.05
C VAL D 200 -10.54 28.54 -23.12
N LEU D 201 -9.70 27.62 -23.56
CA LEU D 201 -8.29 27.90 -23.66
C LEU D 201 -8.08 29.05 -24.65
N GLU D 202 -8.85 29.06 -25.73
CA GLU D 202 -8.72 30.13 -26.72
C GLU D 202 -9.16 31.45 -26.12
N GLU D 203 -10.30 31.43 -25.45
CA GLU D 203 -10.85 32.63 -24.82
C GLU D 203 -9.89 33.27 -23.81
N ILE D 204 -9.44 32.50 -22.83
CA ILE D 204 -8.57 33.07 -21.81
C ILE D 204 -7.14 33.35 -22.26
N GLY D 205 -6.73 32.75 -23.37
CA GLY D 205 -5.39 32.99 -23.88
C GLY D 205 -4.28 33.04 -22.82
N LYS D 206 -3.58 34.17 -22.77
CA LYS D 206 -2.46 34.33 -21.83
C LYS D 206 -2.85 34.91 -20.48
N ASP D 207 -4.07 35.41 -20.35
CA ASP D 207 -4.52 36.03 -19.10
C ASP D 207 -4.96 35.11 -17.97
N ALA D 208 -5.14 33.82 -18.26
CA ALA D 208 -5.59 32.90 -17.21
C ALA D 208 -5.27 31.44 -17.51
N GLN D 209 -5.33 30.64 -16.46
CA GLN D 209 -5.08 29.21 -16.58
C GLN D 209 -6.36 28.45 -16.31
N LEU D 210 -6.49 27.27 -16.91
CA LEU D 210 -7.69 26.45 -16.80
C LEU D 210 -7.54 25.15 -16.03
N ALA D 211 -8.47 24.88 -15.12
CA ALA D 211 -8.48 23.64 -14.35
C ALA D 211 -9.76 22.89 -14.76
N VAL D 212 -9.72 21.56 -14.69
CA VAL D 212 -10.87 20.74 -15.04
C VAL D 212 -11.24 19.81 -13.90
N ASP D 213 -12.55 19.66 -13.67
CA ASP D 213 -13.05 18.82 -12.58
C ASP D 213 -13.91 17.68 -13.13
N ALA D 214 -13.48 16.45 -12.82
CA ALA D 214 -14.18 15.26 -13.30
C ALA D 214 -15.23 14.78 -12.29
N ASN D 215 -15.33 15.48 -11.16
CA ASN D 215 -16.29 15.12 -10.12
C ASN D 215 -16.36 13.63 -9.78
N GLY D 216 -15.21 12.96 -9.82
CA GLY D 216 -15.13 11.54 -9.48
C GLY D 216 -15.96 10.56 -10.29
N ARG D 217 -16.35 10.94 -11.49
CA ARG D 217 -17.17 10.07 -12.31
C ARG D 217 -16.46 8.96 -13.12
N PHE D 218 -15.13 8.96 -13.14
CA PHE D 218 -14.38 7.96 -13.93
C PHE D 218 -13.84 6.70 -13.26
N ASN D 219 -13.88 5.59 -14.01
CA ASN D 219 -13.30 4.35 -13.54
C ASN D 219 -11.86 4.40 -14.10
N LEU D 220 -11.05 3.40 -13.80
CA LEU D 220 -9.68 3.42 -14.27
C LEU D 220 -9.45 3.68 -15.76
N GLU D 221 -10.11 2.92 -16.63
CA GLU D 221 -9.90 3.12 -18.07
C GLU D 221 -10.34 4.48 -18.59
N THR D 222 -11.45 4.99 -18.08
CA THR D 222 -11.94 6.28 -18.53
C THR D 222 -11.01 7.39 -18.02
N GLY D 223 -10.55 7.25 -16.78
CA GLY D 223 -9.65 8.24 -16.22
C GLY D 223 -8.37 8.32 -17.04
N ILE D 224 -7.89 7.17 -17.49
CA ILE D 224 -6.69 7.12 -18.30
C ILE D 224 -6.98 7.70 -19.70
N ALA D 225 -8.13 7.37 -20.26
CA ALA D 225 -8.47 7.89 -21.59
C ALA D 225 -8.51 9.41 -21.55
N TYR D 226 -9.09 9.98 -20.50
CA TYR D 226 -9.15 11.43 -20.35
C TYR D 226 -7.78 12.02 -20.07
N ALA D 227 -6.96 11.30 -19.29
CA ALA D 227 -5.62 11.77 -18.98
C ALA D 227 -4.84 11.93 -20.28
N LYS D 228 -5.02 11.00 -21.21
CA LYS D 228 -4.31 11.06 -22.48
C LYS D 228 -4.75 12.27 -23.32
N MET D 229 -6.03 12.64 -23.24
CA MET D 229 -6.53 13.77 -24.01
C MET D 229 -6.12 15.08 -23.32
N LEU D 230 -6.28 15.11 -22.01
CA LEU D 230 -5.96 16.28 -21.19
C LEU D 230 -4.50 16.72 -21.13
N ARG D 231 -3.60 15.75 -21.03
CA ARG D 231 -2.17 16.04 -20.93
C ARG D 231 -1.59 16.83 -22.09
N ASP D 232 -2.32 16.93 -23.19
CA ASP D 232 -1.83 17.69 -24.35
C ASP D 232 -2.13 19.17 -24.20
N TYR D 233 -2.68 19.56 -23.06
CA TYR D 233 -3.03 20.94 -22.80
C TYR D 233 -2.41 21.40 -21.50
N PRO D 234 -2.11 22.70 -21.40
CA PRO D 234 -1.51 23.31 -20.21
C PRO D 234 -2.56 23.61 -19.14
N LEU D 235 -3.12 22.56 -18.55
CA LEU D 235 -4.15 22.72 -17.54
C LEU D 235 -3.56 22.99 -16.16
N PHE D 236 -4.26 23.80 -15.36
CA PHE D 236 -3.80 24.13 -14.01
C PHE D 236 -3.87 22.86 -13.14
N TRP D 237 -4.93 22.08 -13.33
CA TRP D 237 -5.08 20.81 -12.63
C TRP D 237 -6.23 19.96 -13.17
N TYR D 238 -6.18 18.67 -12.84
CA TYR D 238 -7.14 17.64 -13.22
C TYR D 238 -7.68 17.18 -11.85
N GLU D 239 -8.93 17.52 -11.56
CA GLU D 239 -9.55 17.22 -10.26
C GLU D 239 -10.52 16.03 -10.17
N GLU D 240 -10.47 15.35 -9.01
CA GLU D 240 -11.33 14.20 -8.69
C GLU D 240 -11.57 13.27 -9.86
N VAL D 241 -10.53 12.59 -10.31
CA VAL D 241 -10.68 11.70 -11.44
C VAL D 241 -11.71 10.61 -11.17
N GLY D 242 -11.47 9.83 -10.11
CA GLY D 242 -12.40 8.77 -9.76
C GLY D 242 -12.99 8.91 -8.38
N ASP D 243 -13.57 7.82 -7.90
CA ASP D 243 -14.19 7.74 -6.59
C ASP D 243 -13.23 8.30 -5.55
N PRO D 244 -13.69 9.22 -4.69
CA PRO D 244 -12.82 9.81 -3.67
C PRO D 244 -12.13 8.83 -2.73
N LEU D 245 -12.56 7.57 -2.73
CA LEU D 245 -11.95 6.58 -1.86
C LEU D 245 -11.18 5.50 -2.61
N ASP D 246 -11.12 5.61 -3.94
CA ASP D 246 -10.37 4.63 -4.72
C ASP D 246 -8.94 5.14 -4.89
N TYR D 247 -8.16 5.01 -3.81
CA TYR D 247 -6.78 5.46 -3.79
C TYR D 247 -5.87 4.82 -4.83
N ALA D 248 -6.08 3.53 -5.09
CA ALA D 248 -5.28 2.82 -6.08
C ALA D 248 -5.47 3.42 -7.47
N LEU D 249 -6.71 3.80 -7.75
CA LEU D 249 -7.07 4.42 -9.02
C LEU D 249 -6.22 5.68 -9.18
N GLN D 250 -6.26 6.54 -8.15
CA GLN D 250 -5.51 7.78 -8.19
C GLN D 250 -4.01 7.51 -8.40
N ALA D 251 -3.46 6.58 -7.63
CA ALA D 251 -2.04 6.26 -7.74
C ALA D 251 -1.70 5.83 -9.18
N ALA D 252 -2.53 4.97 -9.77
CA ALA D 252 -2.27 4.50 -11.13
C ALA D 252 -2.27 5.60 -12.18
N LEU D 253 -3.01 6.67 -11.95
CA LEU D 253 -3.06 7.77 -12.91
C LEU D 253 -1.72 8.49 -13.05
N ALA D 254 -0.91 8.44 -12.00
CA ALA D 254 0.40 9.09 -12.01
C ALA D 254 1.22 8.69 -13.24
N GLU D 255 1.05 7.44 -13.69
CA GLU D 255 1.77 6.93 -14.86
C GLU D 255 1.36 7.59 -16.19
N PHE D 256 0.14 8.10 -16.26
CA PHE D 256 -0.37 8.71 -17.49
C PHE D 256 -0.57 10.21 -17.49
N TYR D 257 -0.49 10.82 -16.31
CA TYR D 257 -0.73 12.25 -16.21
C TYR D 257 0.30 12.94 -15.32
N PRO D 258 1.35 13.48 -15.93
CA PRO D 258 2.42 14.17 -15.19
C PRO D 258 1.98 15.52 -14.63
N GLY D 259 0.98 16.13 -15.29
CA GLY D 259 0.50 17.42 -14.85
C GLY D 259 -0.12 17.36 -13.46
N PRO D 260 -0.31 18.51 -12.79
CA PRO D 260 -0.90 18.47 -11.44
C PRO D 260 -2.35 17.96 -11.37
N MET D 261 -2.65 17.24 -10.30
CA MET D 261 -3.97 16.69 -10.07
C MET D 261 -4.43 17.13 -8.69
N ALA D 262 -5.73 17.07 -8.46
CA ALA D 262 -6.28 17.49 -7.18
C ALA D 262 -7.47 16.62 -6.79
N THR D 263 -7.70 16.50 -5.49
CA THR D 263 -8.83 15.75 -4.98
C THR D 263 -8.98 16.08 -3.50
N GLY D 264 -9.99 15.50 -2.85
CA GLY D 264 -10.17 15.73 -1.43
C GLY D 264 -11.45 16.41 -0.95
N GLU D 265 -12.19 17.08 -1.83
CA GLU D 265 -13.41 17.76 -1.40
C GLU D 265 -14.41 16.81 -0.72
N ASN D 266 -14.37 15.54 -1.09
CA ASN D 266 -15.29 14.57 -0.50
C ASN D 266 -14.67 13.63 0.52
N LEU D 267 -13.57 14.06 1.14
CA LEU D 267 -12.93 13.29 2.20
C LEU D 267 -13.18 14.19 3.41
N PHE D 268 -13.76 13.63 4.47
CA PHE D 268 -14.17 14.43 5.60
C PHE D 268 -13.56 14.21 6.99
N SER D 269 -12.39 13.61 7.07
CA SER D 269 -11.76 13.39 8.37
C SER D 269 -10.25 13.36 8.18
N HIS D 270 -9.49 13.55 9.26
CA HIS D 270 -8.05 13.51 9.10
C HIS D 270 -7.64 12.06 8.81
N GLN D 271 -8.42 11.09 9.29
CA GLN D 271 -8.10 9.69 9.03
C GLN D 271 -8.20 9.42 7.53
N ASP D 272 -9.23 9.98 6.92
CA ASP D 272 -9.45 9.80 5.49
C ASP D 272 -8.38 10.52 4.68
N ALA D 273 -7.89 11.64 5.20
CA ALA D 273 -6.84 12.39 4.52
C ALA D 273 -5.53 11.59 4.61
N ARG D 274 -5.26 11.06 5.80
CA ARG D 274 -4.07 10.26 6.00
C ARG D 274 -4.06 9.11 5.02
N ASN D 275 -5.22 8.51 4.78
CA ASN D 275 -5.29 7.42 3.82
C ASN D 275 -5.01 7.89 2.41
N LEU D 276 -5.40 9.12 2.08
CA LEU D 276 -5.15 9.66 0.75
C LEU D 276 -3.65 9.77 0.53
N LEU D 277 -2.95 10.31 1.53
CA LEU D 277 -1.49 10.48 1.45
C LEU D 277 -0.73 9.15 1.43
N ARG D 278 -1.15 8.21 2.26
CA ARG D 278 -0.52 6.89 2.32
C ARG D 278 -0.70 6.04 1.07
N TYR D 279 -1.86 6.12 0.42
CA TYR D 279 -2.12 5.23 -0.72
C TYR D 279 -2.49 5.87 -2.06
N GLY D 280 -2.76 7.17 -2.06
CA GLY D 280 -3.16 7.84 -3.28
C GLY D 280 -2.11 8.06 -4.35
N GLY D 281 -0.84 7.92 -3.99
CA GLY D 281 0.23 8.12 -4.94
C GLY D 281 0.23 9.54 -5.53
N MET D 282 -0.15 10.53 -4.74
CA MET D 282 -0.14 11.89 -5.24
C MET D 282 1.23 12.54 -5.11
N ARG D 283 1.49 13.54 -5.96
CA ARG D 283 2.77 14.24 -5.99
C ARG D 283 2.78 15.48 -5.09
N PRO D 284 3.46 15.41 -3.94
CA PRO D 284 3.57 16.50 -2.95
C PRO D 284 4.11 17.81 -3.50
N ASP D 285 4.85 17.75 -4.60
CA ASP D 285 5.43 18.95 -5.18
C ASP D 285 4.48 19.75 -6.08
N ARG D 286 3.47 19.09 -6.64
CA ARG D 286 2.56 19.78 -7.55
C ARG D 286 1.04 19.54 -7.42
N ASP D 287 0.64 18.51 -6.68
CA ASP D 287 -0.78 18.23 -6.56
C ASP D 287 -1.46 19.09 -5.49
N TRP D 288 -2.79 19.08 -5.48
CA TRP D 288 -3.55 19.88 -4.52
C TRP D 288 -4.56 19.09 -3.70
N LEU D 289 -4.69 19.45 -2.42
CA LEU D 289 -5.63 18.80 -1.51
C LEU D 289 -6.79 19.76 -1.23
N GLN D 290 -8.00 19.31 -1.52
CA GLN D 290 -9.19 20.16 -1.39
C GLN D 290 -10.17 19.97 -0.23
N PHE D 291 -9.66 19.42 0.87
CA PHE D 291 -10.49 19.21 2.06
C PHE D 291 -11.19 20.52 2.44
N ASP D 292 -12.47 20.40 2.81
CA ASP D 292 -13.32 21.53 3.20
C ASP D 292 -13.63 21.39 4.69
N CYS D 293 -13.13 22.31 5.52
CA CYS D 293 -13.34 22.22 6.97
C CYS D 293 -14.81 22.31 7.41
N ALA D 294 -15.61 23.05 6.65
CA ALA D 294 -17.03 23.21 6.97
C ALA D 294 -17.77 21.87 6.85
N LEU D 295 -17.19 20.92 6.12
CA LEU D 295 -17.79 19.63 5.92
C LEU D 295 -17.04 18.55 6.64
N SER D 296 -15.88 18.92 7.20
CA SER D 296 -15.02 17.94 7.84
C SER D 296 -14.70 18.11 9.32
N TYR D 297 -15.73 18.35 10.12
CA TYR D 297 -15.57 18.51 11.57
C TYR D 297 -14.93 19.83 11.97
N GLY D 298 -14.86 20.77 11.03
CA GLY D 298 -14.33 22.08 11.32
C GLY D 298 -12.84 22.30 11.38
N LEU D 299 -12.47 23.51 11.78
CA LEU D 299 -11.08 23.92 11.91
C LEU D 299 -10.33 23.11 12.96
N CYS D 300 -11.02 22.71 14.03
CA CYS D 300 -10.37 21.90 15.06
C CYS D 300 -9.85 20.61 14.45
N GLU D 301 -10.62 20.04 13.52
CA GLU D 301 -10.21 18.82 12.86
C GLU D 301 -9.21 19.13 11.73
N TYR D 302 -9.41 20.26 11.07
CA TYR D 302 -8.54 20.65 9.97
C TYR D 302 -7.09 20.77 10.45
N GLN D 303 -6.91 21.23 11.68
CA GLN D 303 -5.56 21.37 12.23
C GLN D 303 -4.91 20.00 12.38
N ARG D 304 -5.70 18.97 12.68
CA ARG D 304 -5.16 17.62 12.80
C ARG D 304 -4.82 17.10 11.41
N THR D 305 -5.53 17.60 10.41
CA THR D 305 -5.27 17.19 9.05
C THR D 305 -3.96 17.82 8.54
N LEU D 306 -3.74 19.09 8.91
CA LEU D 306 -2.51 19.77 8.51
C LEU D 306 -1.34 19.04 9.19
N GLU D 307 -1.58 18.56 10.40
CA GLU D 307 -0.57 17.82 11.14
C GLU D 307 -0.24 16.53 10.36
N VAL D 308 -1.27 15.91 9.78
CA VAL D 308 -1.08 14.70 8.99
C VAL D 308 -0.25 15.04 7.75
N LEU D 309 -0.49 16.21 7.16
CA LEU D 309 0.28 16.62 5.98
C LEU D 309 1.77 16.65 6.35
N LYS D 310 2.10 17.35 7.43
CA LYS D 310 3.49 17.48 7.87
C LYS D 310 4.10 16.10 8.10
N THR D 311 3.35 15.24 8.79
CA THR D 311 3.80 13.88 9.09
C THR D 311 4.20 13.10 7.85
N HIS D 312 3.63 13.47 6.72
CA HIS D 312 3.93 12.77 5.48
C HIS D 312 4.75 13.63 4.51
N GLY D 313 5.31 14.73 5.01
CA GLY D 313 6.15 15.59 4.18
C GLY D 313 5.46 16.53 3.22
N TRP D 314 4.19 16.86 3.48
CA TRP D 314 3.45 17.79 2.63
C TRP D 314 3.39 19.16 3.26
N SER D 315 3.34 20.19 2.42
CA SER D 315 3.24 21.57 2.88
C SER D 315 1.79 22.03 2.85
N PRO D 316 1.34 22.74 3.89
CA PRO D 316 -0.04 23.22 3.89
C PRO D 316 -0.33 24.06 2.64
N SER D 317 0.72 24.51 1.98
CA SER D 317 0.55 25.32 0.76
C SER D 317 -0.01 24.50 -0.40
N ARG D 318 -0.23 23.21 -0.17
CA ARG D 318 -0.78 22.32 -1.18
C ARG D 318 -2.30 22.27 -1.05
N CYS D 319 -2.82 22.93 -0.02
CA CYS D 319 -4.24 22.94 0.25
C CYS D 319 -5.00 24.12 -0.34
N ILE D 320 -6.05 23.82 -1.08
CA ILE D 320 -6.93 24.84 -1.66
C ILE D 320 -8.33 24.29 -1.42
N PRO D 321 -8.88 24.57 -0.23
CA PRO D 321 -10.21 24.12 0.18
C PRO D 321 -11.37 24.34 -0.79
N HIS D 322 -12.21 23.31 -0.90
CA HIS D 322 -13.40 23.39 -1.71
C HIS D 322 -14.36 24.21 -0.84
N GLY D 323 -15.42 24.77 -1.42
CA GLY D 323 -16.37 25.49 -0.57
C GLY D 323 -16.60 26.97 -0.81
N GLY D 324 -15.54 27.71 -1.13
CA GLY D 324 -15.69 29.14 -1.37
C GLY D 324 -16.24 29.95 -0.21
N HIS D 325 -15.90 29.58 1.02
CA HIS D 325 -16.40 30.34 2.16
C HIS D 325 -15.30 31.06 2.94
N GLN D 326 -15.69 32.10 3.65
CA GLN D 326 -14.75 32.91 4.41
C GLN D 326 -13.98 32.19 5.50
N MET D 327 -14.49 31.09 6.02
CA MET D 327 -13.75 30.37 7.06
C MET D 327 -12.45 29.87 6.42
N SER D 328 -12.55 29.36 5.18
CA SER D 328 -11.38 28.87 4.46
C SER D 328 -10.43 30.03 4.21
N LEU D 329 -10.98 31.17 3.77
CA LEU D 329 -10.16 32.34 3.52
C LEU D 329 -9.36 32.69 4.77
N ASN D 330 -10.00 32.56 5.93
CA ASN D 330 -9.32 32.85 7.18
C ASN D 330 -8.22 31.85 7.50
N ILE D 331 -8.43 30.58 7.18
CA ILE D 331 -7.42 29.58 7.47
C ILE D 331 -6.26 29.75 6.50
N ALA D 332 -6.56 30.13 5.26
CA ALA D 332 -5.54 30.32 4.25
C ALA D 332 -4.55 31.43 4.66
N ALA D 333 -5.09 32.62 4.90
CA ALA D 333 -4.28 33.77 5.29
C ALA D 333 -3.58 33.53 6.61
N GLY D 334 -4.21 32.77 7.49
CA GLY D 334 -3.64 32.50 8.80
C GLY D 334 -2.57 31.44 8.87
N LEU D 335 -2.81 30.29 8.27
CA LEU D 335 -1.85 29.18 8.32
C LEU D 335 -1.11 28.95 7.00
N GLY D 336 -1.31 29.84 6.05
CA GLY D 336 -0.63 29.71 4.77
C GLY D 336 -1.01 28.54 3.88
N LEU D 337 -2.28 28.46 3.49
CA LEU D 337 -2.73 27.41 2.59
C LEU D 337 -2.49 27.99 1.20
N GLY D 338 -2.62 27.16 0.17
CA GLY D 338 -2.40 27.62 -1.19
C GLY D 338 -3.44 28.57 -1.75
N GLY D 339 -4.58 28.66 -1.10
CA GLY D 339 -5.64 29.53 -1.58
C GLY D 339 -7.01 28.96 -1.26
N ASN D 340 -8.05 29.54 -1.85
CA ASN D 340 -9.41 29.08 -1.60
C ASN D 340 -10.19 29.04 -2.91
N GLU D 341 -11.21 28.20 -2.98
CA GLU D 341 -12.04 28.13 -4.17
C GLU D 341 -13.07 29.27 -4.07
N SER D 342 -13.60 29.70 -5.20
CA SER D 342 -14.59 30.76 -5.20
C SER D 342 -15.66 30.55 -6.27
N TYR D 343 -16.91 30.76 -5.88
CA TYR D 343 -18.04 30.64 -6.80
C TYR D 343 -18.55 32.07 -6.98
N PRO D 344 -18.15 32.73 -8.07
CA PRO D 344 -18.57 34.12 -8.32
C PRO D 344 -20.07 34.37 -8.34
N ASP D 345 -20.85 33.42 -8.80
CA ASP D 345 -22.29 33.64 -8.89
C ASP D 345 -23.22 32.63 -8.22
N LEU D 346 -22.71 31.80 -7.32
CA LEU D 346 -23.59 30.83 -6.69
C LEU D 346 -23.56 30.82 -5.18
N PHE D 347 -24.57 30.18 -4.61
CA PHE D 347 -24.69 30.04 -3.16
C PHE D 347 -24.74 31.34 -2.40
N GLN D 348 -25.03 32.44 -3.09
CA GLN D 348 -25.11 33.73 -2.41
C GLN D 348 -26.29 33.66 -1.46
N PRO D 349 -26.23 34.38 -0.33
CA PRO D 349 -25.15 35.25 0.10
C PRO D 349 -24.05 34.51 0.88
N TYR D 350 -24.18 33.19 0.99
CA TYR D 350 -23.18 32.42 1.71
C TYR D 350 -21.86 32.38 0.93
N GLY D 351 -20.75 32.33 1.65
CA GLY D 351 -19.47 32.33 0.97
C GLY D 351 -19.22 33.74 0.46
N GLY D 352 -18.25 33.90 -0.43
CA GLY D 352 -17.96 35.23 -0.95
C GLY D 352 -16.95 36.02 -0.13
N PHE D 353 -16.96 37.34 -0.34
CA PHE D 353 -16.01 38.22 0.36
C PHE D 353 -16.75 39.39 0.98
N PRO D 354 -16.12 40.05 1.98
CA PRO D 354 -16.81 41.20 2.56
C PRO D 354 -17.05 42.26 1.48
N ASP D 355 -18.09 43.05 1.65
CA ASP D 355 -18.41 44.08 0.68
C ASP D 355 -17.18 44.98 0.51
N GLY D 356 -16.91 45.43 -0.72
CA GLY D 356 -15.77 46.29 -0.94
C GLY D 356 -14.53 45.54 -1.42
N VAL D 357 -14.34 44.32 -0.92
CA VAL D 357 -13.20 43.50 -1.31
C VAL D 357 -13.35 43.00 -2.74
N ARG D 358 -12.30 43.19 -3.53
CA ARG D 358 -12.34 42.76 -4.91
C ARG D 358 -11.21 41.79 -5.20
N VAL D 359 -11.35 41.05 -6.29
CA VAL D 359 -10.34 40.09 -6.71
C VAL D 359 -9.43 40.79 -7.71
N GLU D 360 -8.13 40.80 -7.41
CA GLU D 360 -7.17 41.43 -8.29
C GLU D 360 -6.02 40.49 -8.60
N ASN D 361 -5.90 40.13 -9.88
CA ASN D 361 -4.85 39.22 -10.31
C ASN D 361 -4.92 37.93 -9.50
N GLY D 362 -6.13 37.38 -9.42
CA GLY D 362 -6.35 36.12 -8.71
C GLY D 362 -6.20 36.15 -7.21
N HIS D 363 -6.23 37.33 -6.58
CA HIS D 363 -6.12 37.38 -5.14
C HIS D 363 -7.02 38.44 -4.52
N ILE D 364 -7.37 38.21 -3.27
CA ILE D 364 -8.16 39.17 -2.53
C ILE D 364 -7.28 39.47 -1.32
N THR D 365 -7.60 40.52 -0.60
CA THR D 365 -6.83 40.87 0.59
C THR D 365 -7.77 40.92 1.77
N MET D 366 -7.51 40.07 2.75
CA MET D 366 -8.33 40.01 3.95
C MET D 366 -8.30 41.33 4.73
N PRO D 367 -9.47 41.97 4.91
CA PRO D 367 -9.45 43.23 5.67
C PRO D 367 -9.38 42.81 7.13
N ASP D 368 -9.11 43.74 8.04
CA ASP D 368 -9.02 43.37 9.43
C ASP D 368 -10.35 43.50 10.19
N LEU D 369 -11.22 42.52 9.96
CA LEU D 369 -12.53 42.47 10.60
C LEU D 369 -12.44 41.41 11.69
N PRO D 370 -13.05 41.66 12.85
CA PRO D 370 -12.96 40.64 13.91
C PRO D 370 -13.70 39.37 13.50
N GLY D 371 -13.35 38.26 14.12
CA GLY D 371 -14.00 37.00 13.79
C GLY D 371 -13.72 36.60 12.35
N ILE D 372 -14.63 35.83 11.77
CA ILE D 372 -14.48 35.37 10.40
C ILE D 372 -14.64 36.52 9.42
N GLY D 373 -15.39 37.55 9.82
CA GLY D 373 -15.58 38.70 8.96
C GLY D 373 -16.94 38.82 8.31
N PHE D 374 -17.87 37.96 8.73
CA PHE D 374 -19.24 37.96 8.19
C PHE D 374 -19.89 39.33 8.26
N GLU D 375 -19.72 40.02 9.40
CA GLU D 375 -20.30 41.35 9.58
C GLU D 375 -19.94 42.30 8.45
N GLY D 376 -18.91 41.97 7.69
CA GLY D 376 -18.50 42.83 6.60
C GLY D 376 -19.28 42.59 5.32
N LYS D 377 -20.06 41.51 5.30
CA LYS D 377 -20.87 41.18 4.13
C LYS D 377 -22.32 41.37 4.56
N SER D 378 -22.88 42.55 4.27
CA SER D 378 -24.23 42.89 4.69
C SER D 378 -25.35 41.93 4.29
N ASP D 379 -25.39 41.47 3.04
CA ASP D 379 -26.48 40.56 2.66
C ASP D 379 -26.44 39.26 3.45
N LEU D 380 -25.24 38.80 3.81
CA LEU D 380 -25.08 37.56 4.56
C LEU D 380 -25.34 37.81 6.04
N TYR D 381 -24.76 38.88 6.56
CA TYR D 381 -24.92 39.23 7.96
C TYR D 381 -26.40 39.51 8.27
N LYS D 382 -27.16 39.88 7.24
CA LYS D 382 -28.58 40.15 7.39
C LYS D 382 -29.28 38.87 7.82
N GLU D 383 -28.92 37.76 7.18
CA GLU D 383 -29.51 36.45 7.50
C GLU D 383 -29.08 36.01 8.88
N MET D 384 -27.82 36.28 9.20
CA MET D 384 -27.27 35.88 10.48
C MET D 384 -27.89 36.57 11.69
N LYS D 385 -28.03 37.89 11.63
CA LYS D 385 -28.60 38.58 12.78
C LYS D 385 -30.09 38.31 12.90
N ALA D 386 -30.69 37.80 11.83
CA ALA D 386 -32.11 37.46 11.85
C ALA D 386 -32.24 36.15 12.66
N LEU D 387 -31.22 35.30 12.60
CA LEU D 387 -31.23 34.05 13.35
C LEU D 387 -30.97 34.31 14.84
N ALA D 388 -30.01 35.17 15.14
CA ALA D 388 -29.66 35.51 16.51
C ALA D 388 -28.81 36.78 16.50
N GLU D 389 -29.16 37.71 17.39
CA GLU D 389 -28.47 38.99 17.47
C GLU D 389 -28.11 39.27 18.93
MG MG E . 7.27 -18.49 -15.90
O1 TAR F . 8.90 -21.99 -16.56
O11 TAR F . 7.97 -20.40 -15.36
C1 TAR F . 8.69 -20.78 -16.42
C2 TAR F . 9.23 -19.77 -17.40
O2 TAR F . 9.03 -18.42 -17.03
C3 TAR F . 10.75 -20.00 -17.56
O3 TAR F . 11.47 -19.74 -16.34
C4 TAR F . 11.24 -19.12 -18.69
O4 TAR F . 10.88 -19.41 -19.83
O41 TAR F . 12.03 -18.06 -18.46
MG MG G . 24.67 3.33 4.81
O1 TAR H . 28.38 4.20 3.52
O11 TAR H . 26.27 4.49 4.04
C1 TAR H . 27.38 3.75 4.06
C2 TAR H . 27.37 2.38 4.73
O2 TAR H . 26.12 1.73 4.66
C3 TAR H . 28.43 1.47 4.07
O3 TAR H . 28.09 1.18 2.70
C4 TAR H . 28.56 0.20 4.88
O4 TAR H . 29.07 0.28 5.99
O41 TAR H . 28.16 -1.00 4.40
MG MG I . -17.38 -4.35 18.05
O1 TAR J . -21.14 -5.26 19.29
O11 TAR J . -19.23 -5.48 18.22
C1 TAR J . -20.03 -4.80 19.05
C2 TAR J . -19.55 -3.50 19.69
O2 TAR J . -18.49 -2.87 19.01
C3 TAR J . -20.73 -2.53 19.79
O3 TAR J . -21.14 -2.02 18.51
C4 TAR J . -20.35 -1.39 20.71
O4 TAR J . -20.23 -1.65 21.91
O41 TAR J . -20.13 -0.15 20.25
MG MG K . -14.60 19.70 -7.32
O1 TLA L . -15.21 21.57 -7.23
O11 TLA L . -16.68 22.97 -6.34
C1 TLA L . -16.33 21.76 -6.77
C2 TLA L . -17.35 20.63 -6.68
O2 TLA L . -16.85 19.42 -7.21
C3 TLA L . -18.58 21.16 -7.45
O3 TLA L . -18.29 21.38 -8.84
C4 TLA L . -19.64 20.17 -7.36
O4 TLA L . -20.12 19.63 -8.40
O41 TLA L . -20.08 19.88 -6.19
#